data_2C3X
# 
_entry.id   2C3X 
# 
_audit_conform.dict_name       mmcif_pdbx.dic 
_audit_conform.dict_version    5.391 
_audit_conform.dict_location   http://mmcif.pdb.org/dictionaries/ascii/mmcif_pdbx.dic 
# 
loop_
_database_2.database_id 
_database_2.database_code 
_database_2.pdbx_database_accession 
_database_2.pdbx_DOI 
PDB   2C3X         pdb_00002c3x 10.2210/pdb2c3x/pdb 
PDBE  EBI-25974    ?            ?                   
WWPDB D_1290025974 ?            ?                   
# 
loop_
_pdbx_audit_revision_history.ordinal 
_pdbx_audit_revision_history.data_content_type 
_pdbx_audit_revision_history.major_revision 
_pdbx_audit_revision_history.minor_revision 
_pdbx_audit_revision_history.revision_date 
1 'Structure model' 1 0 2005-10-17 
2 'Structure model' 1 1 2011-05-07 
3 'Structure model' 1 2 2011-07-13 
4 'Structure model' 2 0 2020-07-29 
5 'Structure model' 2 1 2024-05-08 
# 
loop_
_pdbx_audit_revision_details.ordinal 
_pdbx_audit_revision_details.revision_ordinal 
_pdbx_audit_revision_details.data_content_type 
_pdbx_audit_revision_details.provider 
_pdbx_audit_revision_details.type 
_pdbx_audit_revision_details.description 
_pdbx_audit_revision_details.details 
1 1 'Structure model' repository 'Initial release' ?                          ? 
2 4 'Structure model' repository Remediation       'Carbohydrate remediation' ? 
# 
loop_
_pdbx_audit_revision_group.ordinal 
_pdbx_audit_revision_group.revision_ordinal 
_pdbx_audit_revision_group.data_content_type 
_pdbx_audit_revision_group.group 
1  2 'Structure model' 'Version format compliance' 
2  3 'Structure model' 'Version format compliance' 
3  4 'Structure model' 'Atomic model'              
4  4 'Structure model' 'Data collection'           
5  4 'Structure model' 'Derived calculations'      
6  4 'Structure model' Other                       
7  4 'Structure model' 'Structure summary'         
8  5 'Structure model' 'Data collection'           
9  5 'Structure model' 'Database references'       
10 5 'Structure model' 'Structure summary'         
# 
loop_
_pdbx_audit_revision_category.ordinal 
_pdbx_audit_revision_category.revision_ordinal 
_pdbx_audit_revision_category.data_content_type 
_pdbx_audit_revision_category.category 
1  4 'Structure model' atom_site                     
2  4 'Structure model' chem_comp                     
3  4 'Structure model' entity                        
4  4 'Structure model' entity_name_com               
5  4 'Structure model' pdbx_branch_scheme            
6  4 'Structure model' pdbx_chem_comp_identifier     
7  4 'Structure model' pdbx_database_status          
8  4 'Structure model' pdbx_entity_branch            
9  4 'Structure model' pdbx_entity_branch_descriptor 
10 4 'Structure model' pdbx_entity_branch_link       
11 4 'Structure model' pdbx_entity_branch_list       
12 4 'Structure model' pdbx_entity_nonpoly           
13 4 'Structure model' pdbx_molecule_features        
14 4 'Structure model' pdbx_nonpoly_scheme           
15 4 'Structure model' pdbx_struct_assembly_gen      
16 4 'Structure model' struct_asym                   
17 4 'Structure model' struct_conn                   
18 4 'Structure model' struct_site                   
19 4 'Structure model' struct_site_gen               
20 5 'Structure model' chem_comp                     
21 5 'Structure model' chem_comp_atom                
22 5 'Structure model' chem_comp_bond                
23 5 'Structure model' database_2                    
# 
loop_
_pdbx_audit_revision_item.ordinal 
_pdbx_audit_revision_item.revision_ordinal 
_pdbx_audit_revision_item.data_content_type 
_pdbx_audit_revision_item.item 
1  4 'Structure model' '_atom_site.auth_asym_id'                
2  4 'Structure model' '_atom_site.auth_seq_id'                 
3  4 'Structure model' '_atom_site.label_asym_id'               
4  4 'Structure model' '_chem_comp.name'                        
5  4 'Structure model' '_chem_comp.type'                        
6  4 'Structure model' '_entity.formula_weight'                 
7  4 'Structure model' '_entity.pdbx_description'               
8  4 'Structure model' '_entity.pdbx_number_of_molecules'       
9  4 'Structure model' '_entity.type'                           
10 4 'Structure model' '_pdbx_database_status.status_code_sf'   
11 4 'Structure model' '_pdbx_struct_assembly_gen.asym_id_list' 
12 4 'Structure model' '_struct_conn.pdbx_leaving_atom_flag'    
13 4 'Structure model' '_struct_conn.ptnr1_auth_asym_id'        
14 4 'Structure model' '_struct_conn.ptnr1_auth_seq_id'         
15 4 'Structure model' '_struct_conn.ptnr1_label_asym_id'       
16 4 'Structure model' '_struct_conn.ptnr2_auth_asym_id'        
17 4 'Structure model' '_struct_conn.ptnr2_auth_seq_id'         
18 4 'Structure model' '_struct_conn.ptnr2_label_asym_id'       
19 5 'Structure model' '_chem_comp.pdbx_synonyms'               
20 5 'Structure model' '_database_2.pdbx_DOI'                   
21 5 'Structure model' '_database_2.pdbx_database_accession'    
# 
_pdbx_database_status.status_code                     REL 
_pdbx_database_status.entry_id                        2C3X 
_pdbx_database_status.deposit_site                    PDBE 
_pdbx_database_status.process_site                    PDBE 
_pdbx_database_status.SG_entry                        . 
_pdbx_database_status.recvd_initial_deposition_date   2005-10-12 
_pdbx_database_status.pdb_format_compatible           Y 
_pdbx_database_status.status_code_sf                  REL 
_pdbx_database_status.status_code_mr                  ? 
_pdbx_database_status.status_code_cs                  ? 
_pdbx_database_status.methods_development_category    ? 
_pdbx_database_status.status_code_nmr_data            ? 
# 
loop_
_pdbx_database_related.db_name 
_pdbx_database_related.db_id 
_pdbx_database_related.content_type 
_pdbx_database_related.details 
PDB 2C3G unspecified 'STRUCTURE OF CBM26 FROM BACILLUS HALODURANS AMYLASE'                               
PDB 2C3H unspecified 'STRUCTURE OF CBM26 FROM BACILLUS HALODURANS AMYLASE IN COMPLEX WITH MALTOSE'       
PDB 2C3V unspecified 'STRUCTURE OF IODINATED CBM25 FROM BACILLUS HALODURANS AMYLASE'                     
PDB 2C3W unspecified 'STRUCTURE OF CBM25 FROM BACILLUS HALODURANS AMYLASE IN COMPLEX WITH MALTOTETRAOSE' 
# 
loop_
_audit_author.name 
_audit_author.pdbx_ordinal 
'Boraston, A.B.'          1 
'Healey, M.'              2 
'Klassen, J.'             3 
'Ficko-Blean, E.'         4 
'Lammerts van Bueren, A.' 5 
'Law, V.'                 6 
# 
_citation.id                        primary 
_citation.title                     
;A Structural and Functional Analysis of Alpha-Glucan Recognition by Family 25 and 26 Carbohydrate-Binding Modules Reveals a Conserved Mode of Starch Recognition
;
_citation.journal_abbrev            J.Biol.Chem. 
_citation.journal_volume            281 
_citation.page_first                587 
_citation.page_last                 ? 
_citation.year                      2006 
_citation.journal_id_ASTM           JBCHA3 
_citation.country                   US 
_citation.journal_id_ISSN           0021-9258 
_citation.journal_id_CSD            0071 
_citation.book_publisher            ? 
_citation.pdbx_database_id_PubMed   16230347 
_citation.pdbx_database_id_DOI      10.1074/JBC.M509958200 
# 
loop_
_citation_author.citation_id 
_citation_author.name 
_citation_author.ordinal 
_citation_author.identifier_ORCID 
primary 'Boraston, A.B.'          1 ? 
primary 'Healey, M.'              2 ? 
primary 'Klassen, J.'             3 ? 
primary 'Ficko-Blean, E.'         4 ? 
primary 'Lammerts Van Bueren, A.' 5 ? 
primary 'Law, V.'                 6 ? 
# 
loop_
_entity.id 
_entity.type 
_entity.src_method 
_entity.pdbx_description 
_entity.formula_weight 
_entity.pdbx_number_of_molecules 
_entity.pdbx_ec 
_entity.pdbx_mutation 
_entity.pdbx_fragment 
_entity.details 
1 polymer     man 'ALPHA-AMYLASE G-6' 11143.063 2   ? ? 'CARBOHYDRATE-BINDING MODULE, RESIDUES 863-958' ? 
2 branched    man 
;alpha-D-glucopyranose-(1-4)-alpha-D-glucopyranose-(1-4)-alpha-D-glucopyranose-(1-4)-alpha-D-glucopyranose-(1-4)-alpha-D-glucopyranose
;
828.719   1   ? ? ?                                               ? 
3 non-polymer syn 'SULFATE ION' 96.063    1   ? ? ?                                               ? 
4 water       nat water 18.015    115 ? ? ?                                               ? 
# 
loop_
_entity_name_com.entity_id 
_entity_name_com.name 
1 'FAMILY 25 CARBOHYDRATE-BINDING MODULE' 
2 alpha-maltopentaose                     
# 
_entity_poly.entity_id                      1 
_entity_poly.type                           'polypeptide(L)' 
_entity_poly.nstd_linkage                   no 
_entity_poly.nstd_monomer                   no 
_entity_poly.pdbx_seq_one_letter_code       
;GSHMASGDATDITIYYKTGWTHPHIHYSLNQGAWTTLPGVPLTKSEYEGYVKVTIEAEEGSQLRAAFNNGSGQWDNNQGR
DYDFSSGVHTLADGRILSGTPK
;
_entity_poly.pdbx_seq_one_letter_code_can   
;GSHMASGDATDITIYYKTGWTHPHIHYSLNQGAWTTLPGVPLTKSEYEGYVKVTIEAEEGSQLRAAFNNGSGQWDNNQGR
DYDFSSGVHTLADGRILSGTPK
;
_entity_poly.pdbx_strand_id                 A,B 
_entity_poly.pdbx_target_identifier         ? 
# 
loop_
_pdbx_entity_nonpoly.entity_id 
_pdbx_entity_nonpoly.name 
_pdbx_entity_nonpoly.comp_id 
3 'SULFATE ION' SO4 
4 water         HOH 
# 
loop_
_entity_poly_seq.entity_id 
_entity_poly_seq.num 
_entity_poly_seq.mon_id 
_entity_poly_seq.hetero 
1 1   GLY n 
1 2   SER n 
1 3   HIS n 
1 4   MET n 
1 5   ALA n 
1 6   SER n 
1 7   GLY n 
1 8   ASP n 
1 9   ALA n 
1 10  THR n 
1 11  ASP n 
1 12  ILE n 
1 13  THR n 
1 14  ILE n 
1 15  TYR n 
1 16  TYR n 
1 17  LYS n 
1 18  THR n 
1 19  GLY n 
1 20  TRP n 
1 21  THR n 
1 22  HIS n 
1 23  PRO n 
1 24  HIS n 
1 25  ILE n 
1 26  HIS n 
1 27  TYR n 
1 28  SER n 
1 29  LEU n 
1 30  ASN n 
1 31  GLN n 
1 32  GLY n 
1 33  ALA n 
1 34  TRP n 
1 35  THR n 
1 36  THR n 
1 37  LEU n 
1 38  PRO n 
1 39  GLY n 
1 40  VAL n 
1 41  PRO n 
1 42  LEU n 
1 43  THR n 
1 44  LYS n 
1 45  SER n 
1 46  GLU n 
1 47  TYR n 
1 48  GLU n 
1 49  GLY n 
1 50  TYR n 
1 51  VAL n 
1 52  LYS n 
1 53  VAL n 
1 54  THR n 
1 55  ILE n 
1 56  GLU n 
1 57  ALA n 
1 58  GLU n 
1 59  GLU n 
1 60  GLY n 
1 61  SER n 
1 62  GLN n 
1 63  LEU n 
1 64  ARG n 
1 65  ALA n 
1 66  ALA n 
1 67  PHE n 
1 68  ASN n 
1 69  ASN n 
1 70  GLY n 
1 71  SER n 
1 72  GLY n 
1 73  GLN n 
1 74  TRP n 
1 75  ASP n 
1 76  ASN n 
1 77  ASN n 
1 78  GLN n 
1 79  GLY n 
1 80  ARG n 
1 81  ASP n 
1 82  TYR n 
1 83  ASP n 
1 84  PHE n 
1 85  SER n 
1 86  SER n 
1 87  GLY n 
1 88  VAL n 
1 89  HIS n 
1 90  THR n 
1 91  LEU n 
1 92  ALA n 
1 93  ASP n 
1 94  GLY n 
1 95  ARG n 
1 96  ILE n 
1 97  LEU n 
1 98  SER n 
1 99  GLY n 
1 100 THR n 
1 101 PRO n 
1 102 LYS n 
# 
_entity_src_gen.entity_id                          1 
_entity_src_gen.pdbx_src_id                        1 
_entity_src_gen.pdbx_alt_source_flag               sample 
_entity_src_gen.pdbx_seq_type                      ? 
_entity_src_gen.pdbx_beg_seq_num                   ? 
_entity_src_gen.pdbx_end_seq_num                   ? 
_entity_src_gen.gene_src_common_name               ? 
_entity_src_gen.gene_src_genus                     ? 
_entity_src_gen.pdbx_gene_src_gene                 ? 
_entity_src_gen.gene_src_species                   ? 
_entity_src_gen.gene_src_strain                    C-125 
_entity_src_gen.gene_src_tissue                    ? 
_entity_src_gen.gene_src_tissue_fraction           ? 
_entity_src_gen.gene_src_details                   ? 
_entity_src_gen.pdbx_gene_src_fragment             ? 
_entity_src_gen.pdbx_gene_src_scientific_name      'BACILLUS HALODURANS' 
_entity_src_gen.pdbx_gene_src_ncbi_taxonomy_id     272558 
_entity_src_gen.pdbx_gene_src_variant              ? 
_entity_src_gen.pdbx_gene_src_cell_line            ? 
_entity_src_gen.pdbx_gene_src_atcc                 BAA-125 
_entity_src_gen.pdbx_gene_src_organ                ? 
_entity_src_gen.pdbx_gene_src_organelle            ? 
_entity_src_gen.pdbx_gene_src_cell                 ? 
_entity_src_gen.pdbx_gene_src_cellular_location    ? 
_entity_src_gen.host_org_common_name               ? 
_entity_src_gen.pdbx_host_org_scientific_name      'ESCHERICHIA COLI' 
_entity_src_gen.pdbx_host_org_ncbi_taxonomy_id     469008 
_entity_src_gen.host_org_genus                     ? 
_entity_src_gen.pdbx_host_org_gene                 ? 
_entity_src_gen.pdbx_host_org_organ                ? 
_entity_src_gen.host_org_species                   ? 
_entity_src_gen.pdbx_host_org_tissue               ? 
_entity_src_gen.pdbx_host_org_tissue_fraction      ? 
_entity_src_gen.pdbx_host_org_strain               'BL21(DE3)' 
_entity_src_gen.pdbx_host_org_variant              ? 
_entity_src_gen.pdbx_host_org_cell_line            ? 
_entity_src_gen.pdbx_host_org_atcc                 ? 
_entity_src_gen.pdbx_host_org_culture_collection   ? 
_entity_src_gen.pdbx_host_org_cell                 ? 
_entity_src_gen.pdbx_host_org_organelle            ? 
_entity_src_gen.pdbx_host_org_cellular_location    ? 
_entity_src_gen.pdbx_host_org_vector_type          ? 
_entity_src_gen.pdbx_host_org_vector               'PET 28A' 
_entity_src_gen.host_org_details                   ? 
_entity_src_gen.expression_system_id               ? 
_entity_src_gen.plasmid_name                       PET-BHCBM6 
_entity_src_gen.plasmid_details                    ? 
_entity_src_gen.pdbx_description                   ? 
# 
_pdbx_entity_branch.entity_id   2 
_pdbx_entity_branch.type        oligosaccharide 
# 
loop_
_pdbx_entity_branch_descriptor.ordinal 
_pdbx_entity_branch_descriptor.entity_id 
_pdbx_entity_branch_descriptor.descriptor 
_pdbx_entity_branch_descriptor.type 
_pdbx_entity_branch_descriptor.program 
_pdbx_entity_branch_descriptor.program_version 
1 2 DGlcpa1-4DGlcpa1-4DGlcpa1-4DGlcpa1-4DGlcpa1-ROH                                              'Glycam Condensed Sequence' GMML 
1.0   
2 2 'WURCS=2.0/1,5,4/[a2122h-1a_1-5]/1-1-1-1-1/a4-b1_b4-c1_c4-d1_d4-e1'                          WURCS                       
PDB2Glycan 1.1.0 
3 2 '[][a-D-Glcp]{[(4+1)][a-D-Glcp]{[(4+1)][a-D-Glcp]{[(4+1)][a-D-Glcp]{[(4+1)][a-D-Glcp]{}}}}}' LINUCS                      
PDB-CARE   ?     
# 
loop_
_pdbx_entity_branch_link.link_id 
_pdbx_entity_branch_link.entity_id 
_pdbx_entity_branch_link.entity_branch_list_num_1 
_pdbx_entity_branch_link.comp_id_1 
_pdbx_entity_branch_link.atom_id_1 
_pdbx_entity_branch_link.leaving_atom_id_1 
_pdbx_entity_branch_link.entity_branch_list_num_2 
_pdbx_entity_branch_link.comp_id_2 
_pdbx_entity_branch_link.atom_id_2 
_pdbx_entity_branch_link.leaving_atom_id_2 
_pdbx_entity_branch_link.value_order 
_pdbx_entity_branch_link.details 
1 2 2 GLC C1 O1 1 GLC O4 HO4 sing ? 
2 2 3 GLC C1 O1 2 GLC O4 HO4 sing ? 
3 2 4 GLC C1 O1 3 GLC O4 HO4 sing ? 
4 2 5 GLC C1 O1 4 GLC O4 HO4 sing ? 
# 
loop_
_chem_comp.id 
_chem_comp.type 
_chem_comp.mon_nstd_flag 
_chem_comp.name 
_chem_comp.pdbx_synonyms 
_chem_comp.formula 
_chem_comp.formula_weight 
ALA 'L-peptide linking'           y ALANINE               ?                                     'C3 H7 N O2'     89.093  
ARG 'L-peptide linking'           y ARGININE              ?                                     'C6 H15 N4 O2 1' 175.209 
ASN 'L-peptide linking'           y ASPARAGINE            ?                                     'C4 H8 N2 O3'    132.118 
ASP 'L-peptide linking'           y 'ASPARTIC ACID'       ?                                     'C4 H7 N O4'     133.103 
GLC 'D-saccharide, alpha linking' . alpha-D-glucopyranose 'alpha-D-glucose; D-glucose; glucose' 'C6 H12 O6'      180.156 
GLN 'L-peptide linking'           y GLUTAMINE             ?                                     'C5 H10 N2 O3'   146.144 
GLU 'L-peptide linking'           y 'GLUTAMIC ACID'       ?                                     'C5 H9 N O4'     147.129 
GLY 'peptide linking'             y GLYCINE               ?                                     'C2 H5 N O2'     75.067  
HIS 'L-peptide linking'           y HISTIDINE             ?                                     'C6 H10 N3 O2 1' 156.162 
HOH non-polymer                   . WATER                 ?                                     'H2 O'           18.015  
ILE 'L-peptide linking'           y ISOLEUCINE            ?                                     'C6 H13 N O2'    131.173 
LEU 'L-peptide linking'           y LEUCINE               ?                                     'C6 H13 N O2'    131.173 
LYS 'L-peptide linking'           y LYSINE                ?                                     'C6 H15 N2 O2 1' 147.195 
MET 'L-peptide linking'           y METHIONINE            ?                                     'C5 H11 N O2 S'  149.211 
PHE 'L-peptide linking'           y PHENYLALANINE         ?                                     'C9 H11 N O2'    165.189 
PRO 'L-peptide linking'           y PROLINE               ?                                     'C5 H9 N O2'     115.130 
SER 'L-peptide linking'           y SERINE                ?                                     'C3 H7 N O3'     105.093 
SO4 non-polymer                   . 'SULFATE ION'         ?                                     'O4 S -2'        96.063  
THR 'L-peptide linking'           y THREONINE             ?                                     'C4 H9 N O3'     119.119 
TRP 'L-peptide linking'           y TRYPTOPHAN            ?                                     'C11 H12 N2 O2'  204.225 
TYR 'L-peptide linking'           y TYROSINE              ?                                     'C9 H11 N O3'    181.189 
VAL 'L-peptide linking'           y VALINE                ?                                     'C5 H11 N O2'    117.146 
# 
loop_
_pdbx_chem_comp_identifier.comp_id 
_pdbx_chem_comp_identifier.type 
_pdbx_chem_comp_identifier.program 
_pdbx_chem_comp_identifier.program_version 
_pdbx_chem_comp_identifier.identifier 
GLC 'CONDENSED IUPAC CARBOHYDRATE SYMBOL' GMML     1.0 DGlcpa            
GLC 'COMMON NAME'                         GMML     1.0 a-D-glucopyranose 
GLC 'IUPAC CARBOHYDRATE SYMBOL'           PDB-CARE 1.0 a-D-Glcp          
GLC 'SNFG CARBOHYDRATE SYMBOL'            GMML     1.0 Glc               
# 
loop_
_pdbx_poly_seq_scheme.asym_id 
_pdbx_poly_seq_scheme.entity_id 
_pdbx_poly_seq_scheme.seq_id 
_pdbx_poly_seq_scheme.mon_id 
_pdbx_poly_seq_scheme.ndb_seq_num 
_pdbx_poly_seq_scheme.pdb_seq_num 
_pdbx_poly_seq_scheme.auth_seq_num 
_pdbx_poly_seq_scheme.pdb_mon_id 
_pdbx_poly_seq_scheme.auth_mon_id 
_pdbx_poly_seq_scheme.pdb_strand_id 
_pdbx_poly_seq_scheme.pdb_ins_code 
_pdbx_poly_seq_scheme.hetero 
A 1 1   GLY 1   1   ?   ?   ?   A . n 
A 1 2   SER 2   2   ?   ?   ?   A . n 
A 1 3   HIS 3   3   ?   ?   ?   A . n 
A 1 4   MET 4   4   ?   ?   ?   A . n 
A 1 5   ALA 5   5   ?   ?   ?   A . n 
A 1 6   SER 6   6   ?   ?   ?   A . n 
A 1 7   GLY 7   7   ?   ?   ?   A . n 
A 1 8   ASP 8   8   ?   ?   ?   A . n 
A 1 9   ALA 9   9   ?   ?   ?   A . n 
A 1 10  THR 10  10  10  THR THR A . n 
A 1 11  ASP 11  11  11  ASP ASP A . n 
A 1 12  ILE 12  12  12  ILE ILE A . n 
A 1 13  THR 13  13  13  THR THR A . n 
A 1 14  ILE 14  14  14  ILE ILE A . n 
A 1 15  TYR 15  15  15  TYR TYR A . n 
A 1 16  TYR 16  16  16  TYR TYR A . n 
A 1 17  LYS 17  17  17  LYS LYS A . n 
A 1 18  THR 18  18  18  THR THR A . n 
A 1 19  GLY 19  19  19  GLY GLY A . n 
A 1 20  TRP 20  20  20  TRP TRP A . n 
A 1 21  THR 21  21  21  THR THR A . n 
A 1 22  HIS 22  22  22  HIS HIS A . n 
A 1 23  PRO 23  23  23  PRO PRO A . n 
A 1 24  HIS 24  24  24  HIS HIS A . n 
A 1 25  ILE 25  25  25  ILE ILE A . n 
A 1 26  HIS 26  26  26  HIS HIS A . n 
A 1 27  TYR 27  27  27  TYR TYR A . n 
A 1 28  SER 28  28  28  SER SER A . n 
A 1 29  LEU 29  29  29  LEU LEU A . n 
A 1 30  ASN 30  30  30  ASN ASN A . n 
A 1 31  GLN 31  31  31  GLN GLN A . n 
A 1 32  GLY 32  32  32  GLY GLY A . n 
A 1 33  ALA 33  33  33  ALA ALA A . n 
A 1 34  TRP 34  34  34  TRP TRP A . n 
A 1 35  THR 35  35  35  THR THR A . n 
A 1 36  THR 36  36  36  THR THR A . n 
A 1 37  LEU 37  37  37  LEU LEU A . n 
A 1 38  PRO 38  38  38  PRO PRO A . n 
A 1 39  GLY 39  39  39  GLY GLY A . n 
A 1 40  VAL 40  40  40  VAL VAL A . n 
A 1 41  PRO 41  41  41  PRO PRO A . n 
A 1 42  LEU 42  42  42  LEU LEU A . n 
A 1 43  THR 43  43  43  THR THR A . n 
A 1 44  LYS 44  44  44  LYS LYS A . n 
A 1 45  SER 45  45  45  SER SER A . n 
A 1 46  GLU 46  46  46  GLU GLU A . n 
A 1 47  TYR 47  47  47  TYR TYR A . n 
A 1 48  GLU 48  48  48  GLU GLU A . n 
A 1 49  GLY 49  49  49  GLY GLY A . n 
A 1 50  TYR 50  50  50  TYR TYR A . n 
A 1 51  VAL 51  51  51  VAL VAL A . n 
A 1 52  LYS 52  52  52  LYS LYS A . n 
A 1 53  VAL 53  53  53  VAL VAL A . n 
A 1 54  THR 54  54  54  THR THR A . n 
A 1 55  ILE 55  55  55  ILE ILE A . n 
A 1 56  GLU 56  56  56  GLU GLU A . n 
A 1 57  ALA 57  57  57  ALA ALA A . n 
A 1 58  GLU 58  58  58  GLU GLU A . n 
A 1 59  GLU 59  59  59  GLU GLU A . n 
A 1 60  GLY 60  60  60  GLY GLY A . n 
A 1 61  SER 61  61  61  SER SER A . n 
A 1 62  GLN 62  62  62  GLN GLN A . n 
A 1 63  LEU 63  63  63  LEU LEU A . n 
A 1 64  ARG 64  64  64  ARG ARG A . n 
A 1 65  ALA 65  65  65  ALA ALA A . n 
A 1 66  ALA 66  66  66  ALA ALA A . n 
A 1 67  PHE 67  67  67  PHE PHE A . n 
A 1 68  ASN 68  68  68  ASN ASN A . n 
A 1 69  ASN 69  69  69  ASN ASN A . n 
A 1 70  GLY 70  70  70  GLY GLY A . n 
A 1 71  SER 71  71  71  SER SER A . n 
A 1 72  GLY 72  72  72  GLY GLY A . n 
A 1 73  GLN 73  73  73  GLN GLN A . n 
A 1 74  TRP 74  74  74  TRP TRP A . n 
A 1 75  ASP 75  75  75  ASP ASP A . n 
A 1 76  ASN 76  76  76  ASN ASN A . n 
A 1 77  ASN 77  77  77  ASN ASN A . n 
A 1 78  GLN 78  78  78  GLN GLN A . n 
A 1 79  GLY 79  79  79  GLY GLY A . n 
A 1 80  ARG 80  80  80  ARG ARG A . n 
A 1 81  ASP 81  81  81  ASP ASP A . n 
A 1 82  TYR 82  82  82  TYR TYR A . n 
A 1 83  ASP 83  83  83  ASP ASP A . n 
A 1 84  PHE 84  84  84  PHE PHE A . n 
A 1 85  SER 85  85  85  SER SER A . n 
A 1 86  SER 86  86  86  SER SER A . n 
A 1 87  GLY 87  87  87  GLY GLY A . n 
A 1 88  VAL 88  88  88  VAL VAL A . n 
A 1 89  HIS 89  89  89  HIS HIS A . n 
A 1 90  THR 90  90  90  THR THR A . n 
A 1 91  LEU 91  91  91  LEU LEU A . n 
A 1 92  ALA 92  92  92  ALA ALA A . n 
A 1 93  ASP 93  93  93  ASP ASP A . n 
A 1 94  GLY 94  94  94  GLY GLY A . n 
A 1 95  ARG 95  95  95  ARG ARG A . n 
A 1 96  ILE 96  96  96  ILE ILE A . n 
A 1 97  LEU 97  97  97  LEU LEU A . n 
A 1 98  SER 98  98  98  SER SER A . n 
A 1 99  GLY 99  99  99  GLY GLY A . n 
A 1 100 THR 100 100 100 THR THR A . n 
A 1 101 PRO 101 101 101 PRO PRO A . n 
A 1 102 LYS 102 102 102 LYS LYS A . n 
B 1 1   GLY 1   1   ?   ?   ?   B . n 
B 1 2   SER 2   2   ?   ?   ?   B . n 
B 1 3   HIS 3   3   ?   ?   ?   B . n 
B 1 4   MET 4   4   ?   ?   ?   B . n 
B 1 5   ALA 5   5   ?   ?   ?   B . n 
B 1 6   SER 6   6   ?   ?   ?   B . n 
B 1 7   GLY 7   7   ?   ?   ?   B . n 
B 1 8   ASP 8   8   ?   ?   ?   B . n 
B 1 9   ALA 9   9   9   ALA ALA B . n 
B 1 10  THR 10  10  10  THR THR B . n 
B 1 11  ASP 11  11  11  ASP ASP B . n 
B 1 12  ILE 12  12  12  ILE ILE B . n 
B 1 13  THR 13  13  13  THR THR B . n 
B 1 14  ILE 14  14  14  ILE ILE B . n 
B 1 15  TYR 15  15  15  TYR TYR B . n 
B 1 16  TYR 16  16  16  TYR TYR B . n 
B 1 17  LYS 17  17  17  LYS LYS B . n 
B 1 18  THR 18  18  18  THR THR B . n 
B 1 19  GLY 19  19  19  GLY GLY B . n 
B 1 20  TRP 20  20  20  TRP TRP B . n 
B 1 21  THR 21  21  21  THR THR B . n 
B 1 22  HIS 22  22  22  HIS HIS B . n 
B 1 23  PRO 23  23  23  PRO PRO B . n 
B 1 24  HIS 24  24  24  HIS HIS B . n 
B 1 25  ILE 25  25  25  ILE ILE B . n 
B 1 26  HIS 26  26  26  HIS HIS B . n 
B 1 27  TYR 27  27  27  TYR TYR B . n 
B 1 28  SER 28  28  28  SER SER B . n 
B 1 29  LEU 29  29  29  LEU LEU B . n 
B 1 30  ASN 30  30  30  ASN ASN B . n 
B 1 31  GLN 31  31  31  GLN GLN B . n 
B 1 32  GLY 32  32  32  GLY GLY B . n 
B 1 33  ALA 33  33  33  ALA ALA B . n 
B 1 34  TRP 34  34  34  TRP TRP B . n 
B 1 35  THR 35  35  35  THR THR B . n 
B 1 36  THR 36  36  36  THR THR B . n 
B 1 37  LEU 37  37  37  LEU LEU B . n 
B 1 38  PRO 38  38  38  PRO PRO B . n 
B 1 39  GLY 39  39  39  GLY GLY B . n 
B 1 40  VAL 40  40  40  VAL VAL B . n 
B 1 41  PRO 41  41  41  PRO PRO B . n 
B 1 42  LEU 42  42  42  LEU LEU B . n 
B 1 43  THR 43  43  43  THR THR B . n 
B 1 44  LYS 44  44  44  LYS LYS B . n 
B 1 45  SER 45  45  45  SER SER B . n 
B 1 46  GLU 46  46  46  GLU GLU B . n 
B 1 47  TYR 47  47  47  TYR TYR B . n 
B 1 48  GLU 48  48  48  GLU GLU B . n 
B 1 49  GLY 49  49  49  GLY GLY B . n 
B 1 50  TYR 50  50  50  TYR TYR B . n 
B 1 51  VAL 51  51  51  VAL VAL B . n 
B 1 52  LYS 52  52  52  LYS LYS B . n 
B 1 53  VAL 53  53  53  VAL VAL B . n 
B 1 54  THR 54  54  54  THR THR B . n 
B 1 55  ILE 55  55  55  ILE ILE B . n 
B 1 56  GLU 56  56  56  GLU GLU B . n 
B 1 57  ALA 57  57  57  ALA ALA B . n 
B 1 58  GLU 58  58  58  GLU GLU B . n 
B 1 59  GLU 59  59  59  GLU GLU B . n 
B 1 60  GLY 60  60  60  GLY GLY B . n 
B 1 61  SER 61  61  61  SER SER B . n 
B 1 62  GLN 62  62  62  GLN GLN B . n 
B 1 63  LEU 63  63  63  LEU LEU B . n 
B 1 64  ARG 64  64  64  ARG ARG B . n 
B 1 65  ALA 65  65  65  ALA ALA B . n 
B 1 66  ALA 66  66  66  ALA ALA B . n 
B 1 67  PHE 67  67  67  PHE PHE B . n 
B 1 68  ASN 68  68  68  ASN ASN B . n 
B 1 69  ASN 69  69  69  ASN ASN B . n 
B 1 70  GLY 70  70  70  GLY GLY B . n 
B 1 71  SER 71  71  71  SER SER B . n 
B 1 72  GLY 72  72  72  GLY GLY B . n 
B 1 73  GLN 73  73  73  GLN GLN B . n 
B 1 74  TRP 74  74  74  TRP TRP B . n 
B 1 75  ASP 75  75  75  ASP ASP B . n 
B 1 76  ASN 76  76  76  ASN ASN B . n 
B 1 77  ASN 77  77  77  ASN ASN B . n 
B 1 78  GLN 78  78  78  GLN GLN B . n 
B 1 79  GLY 79  79  79  GLY GLY B . n 
B 1 80  ARG 80  80  80  ARG ARG B . n 
B 1 81  ASP 81  81  81  ASP ASP B . n 
B 1 82  TYR 82  82  82  TYR TYR B . n 
B 1 83  ASP 83  83  83  ASP ASP B . n 
B 1 84  PHE 84  84  84  PHE PHE B . n 
B 1 85  SER 85  85  85  SER SER B . n 
B 1 86  SER 86  86  86  SER SER B . n 
B 1 87  GLY 87  87  87  GLY GLY B . n 
B 1 88  VAL 88  88  88  VAL VAL B . n 
B 1 89  HIS 89  89  89  HIS HIS B . n 
B 1 90  THR 90  90  90  THR THR B . n 
B 1 91  LEU 91  91  91  LEU LEU B . n 
B 1 92  ALA 92  92  92  ALA ALA B . n 
B 1 93  ASP 93  93  93  ASP ASP B . n 
B 1 94  GLY 94  94  94  GLY GLY B . n 
B 1 95  ARG 95  95  95  ARG ARG B . n 
B 1 96  ILE 96  96  96  ILE ILE B . n 
B 1 97  LEU 97  97  97  LEU LEU B . n 
B 1 98  SER 98  98  98  SER SER B . n 
B 1 99  GLY 99  99  99  GLY GLY B . n 
B 1 100 THR 100 100 100 THR THR B . n 
B 1 101 PRO 101 101 101 PRO PRO B . n 
B 1 102 LYS 102 102 102 LYS LYS B . n 
# 
loop_
_pdbx_branch_scheme.asym_id 
_pdbx_branch_scheme.entity_id 
_pdbx_branch_scheme.mon_id 
_pdbx_branch_scheme.num 
_pdbx_branch_scheme.pdb_asym_id 
_pdbx_branch_scheme.pdb_mon_id 
_pdbx_branch_scheme.pdb_seq_num 
_pdbx_branch_scheme.auth_asym_id 
_pdbx_branch_scheme.auth_mon_id 
_pdbx_branch_scheme.auth_seq_num 
_pdbx_branch_scheme.hetero 
C 2 GLC 1 C GLC 1 A GLC 1101 n 
C 2 GLC 2 C GLC 2 A GLC 1102 n 
C 2 GLC 3 C GLC 3 A GLC 1103 n 
C 2 GLC 4 C GLC 4 A GLC 1104 n 
C 2 GLC 5 C GLC 5 A GLC 1105 n 
# 
loop_
_pdbx_nonpoly_scheme.asym_id 
_pdbx_nonpoly_scheme.entity_id 
_pdbx_nonpoly_scheme.mon_id 
_pdbx_nonpoly_scheme.ndb_seq_num 
_pdbx_nonpoly_scheme.pdb_seq_num 
_pdbx_nonpoly_scheme.auth_seq_num 
_pdbx_nonpoly_scheme.pdb_mon_id 
_pdbx_nonpoly_scheme.auth_mon_id 
_pdbx_nonpoly_scheme.pdb_strand_id 
_pdbx_nonpoly_scheme.pdb_ins_code 
D 3 SO4 1  1106 1106 SO4 SO4 A . 
E 4 HOH 1  2001 2001 HOH HOH A . 
E 4 HOH 2  2002 2002 HOH HOH A . 
E 4 HOH 3  2003 2003 HOH HOH A . 
E 4 HOH 4  2004 2004 HOH HOH A . 
E 4 HOH 5  2005 2005 HOH HOH A . 
E 4 HOH 6  2006 2006 HOH HOH A . 
E 4 HOH 7  2007 2007 HOH HOH A . 
E 4 HOH 8  2008 2008 HOH HOH A . 
E 4 HOH 9  2009 2009 HOH HOH A . 
E 4 HOH 10 2010 2010 HOH HOH A . 
E 4 HOH 11 2011 2011 HOH HOH A . 
E 4 HOH 12 2012 2012 HOH HOH A . 
E 4 HOH 13 2013 2013 HOH HOH A . 
E 4 HOH 14 2014 2014 HOH HOH A . 
E 4 HOH 15 2015 2015 HOH HOH A . 
E 4 HOH 16 2016 2016 HOH HOH A . 
E 4 HOH 17 2017 2017 HOH HOH A . 
E 4 HOH 18 2018 2018 HOH HOH A . 
E 4 HOH 19 2019 2019 HOH HOH A . 
E 4 HOH 20 2020 2020 HOH HOH A . 
E 4 HOH 21 2021 2021 HOH HOH A . 
E 4 HOH 22 2022 2022 HOH HOH A . 
E 4 HOH 23 2023 2023 HOH HOH A . 
E 4 HOH 24 2024 2024 HOH HOH A . 
E 4 HOH 25 2025 2025 HOH HOH A . 
E 4 HOH 26 2026 2026 HOH HOH A . 
E 4 HOH 27 2027 2027 HOH HOH A . 
E 4 HOH 28 2028 2028 HOH HOH A . 
E 4 HOH 29 2029 2029 HOH HOH A . 
E 4 HOH 30 2030 2030 HOH HOH A . 
E 4 HOH 31 2031 2031 HOH HOH A . 
E 4 HOH 32 2032 2032 HOH HOH A . 
E 4 HOH 33 2033 2033 HOH HOH A . 
E 4 HOH 34 2034 2034 HOH HOH A . 
E 4 HOH 35 2035 2035 HOH HOH A . 
E 4 HOH 36 2036 2036 HOH HOH A . 
E 4 HOH 37 2037 2037 HOH HOH A . 
E 4 HOH 38 2038 2038 HOH HOH A . 
E 4 HOH 39 2039 2039 HOH HOH A . 
E 4 HOH 40 2040 2040 HOH HOH A . 
E 4 HOH 41 2041 2041 HOH HOH A . 
E 4 HOH 42 2042 2042 HOH HOH A . 
E 4 HOH 43 2043 2043 HOH HOH A . 
E 4 HOH 44 2044 2044 HOH HOH A . 
E 4 HOH 45 2045 2045 HOH HOH A . 
E 4 HOH 46 2046 2046 HOH HOH A . 
E 4 HOH 47 2047 2047 HOH HOH A . 
E 4 HOH 48 2048 2048 HOH HOH A . 
E 4 HOH 49 2049 2049 HOH HOH A . 
E 4 HOH 50 2050 2050 HOH HOH A . 
E 4 HOH 51 2051 2051 HOH HOH A . 
E 4 HOH 52 2052 2052 HOH HOH A . 
E 4 HOH 53 2053 2053 HOH HOH A . 
E 4 HOH 54 2054 2054 HOH HOH A . 
E 4 HOH 55 2055 2055 HOH HOH A . 
E 4 HOH 56 2056 2056 HOH HOH A . 
E 4 HOH 57 2057 2057 HOH HOH A . 
E 4 HOH 58 2058 2058 HOH HOH A . 
E 4 HOH 59 2059 2059 HOH HOH A . 
E 4 HOH 60 2060 2060 HOH HOH A . 
E 4 HOH 61 2061 2061 HOH HOH A . 
E 4 HOH 62 2062 2062 HOH HOH A . 
E 4 HOH 63 2063 2063 HOH HOH A . 
E 4 HOH 64 2064 2064 HOH HOH A . 
E 4 HOH 65 2065 2065 HOH HOH A . 
E 4 HOH 66 2066 2066 HOH HOH A . 
E 4 HOH 67 2067 2067 HOH HOH A . 
E 4 HOH 68 2068 2068 HOH HOH A . 
F 4 HOH 1  2001 2001 HOH HOH B . 
F 4 HOH 2  2002 2002 HOH HOH B . 
F 4 HOH 3  2003 2003 HOH HOH B . 
F 4 HOH 4  2004 2004 HOH HOH B . 
F 4 HOH 5  2005 2005 HOH HOH B . 
F 4 HOH 6  2006 2006 HOH HOH B . 
F 4 HOH 7  2007 2007 HOH HOH B . 
F 4 HOH 8  2008 2008 HOH HOH B . 
F 4 HOH 9  2009 2009 HOH HOH B . 
F 4 HOH 10 2010 2010 HOH HOH B . 
F 4 HOH 11 2011 2011 HOH HOH B . 
F 4 HOH 12 2012 2012 HOH HOH B . 
F 4 HOH 13 2013 2013 HOH HOH B . 
F 4 HOH 14 2014 2014 HOH HOH B . 
F 4 HOH 15 2015 2015 HOH HOH B . 
F 4 HOH 16 2016 2016 HOH HOH B . 
F 4 HOH 17 2017 2017 HOH HOH B . 
F 4 HOH 18 2018 2018 HOH HOH B . 
F 4 HOH 19 2019 2019 HOH HOH B . 
F 4 HOH 20 2020 2020 HOH HOH B . 
F 4 HOH 21 2021 2021 HOH HOH B . 
F 4 HOH 22 2022 2022 HOH HOH B . 
F 4 HOH 23 2023 2023 HOH HOH B . 
F 4 HOH 24 2024 2024 HOH HOH B . 
F 4 HOH 25 2025 2025 HOH HOH B . 
F 4 HOH 26 2026 2026 HOH HOH B . 
F 4 HOH 27 2027 2027 HOH HOH B . 
F 4 HOH 28 2028 2028 HOH HOH B . 
F 4 HOH 29 2029 2029 HOH HOH B . 
F 4 HOH 30 2030 2030 HOH HOH B . 
F 4 HOH 31 2031 2031 HOH HOH B . 
F 4 HOH 32 2032 2032 HOH HOH B . 
F 4 HOH 33 2033 2033 HOH HOH B . 
F 4 HOH 34 2034 2034 HOH HOH B . 
F 4 HOH 35 2035 2035 HOH HOH B . 
F 4 HOH 36 2036 2036 HOH HOH B . 
F 4 HOH 37 2037 2037 HOH HOH B . 
F 4 HOH 38 2038 2038 HOH HOH B . 
F 4 HOH 39 2039 2039 HOH HOH B . 
F 4 HOH 40 2040 2040 HOH HOH B . 
F 4 HOH 41 2041 2041 HOH HOH B . 
F 4 HOH 42 2042 2042 HOH HOH B . 
F 4 HOH 43 2043 2043 HOH HOH B . 
F 4 HOH 44 2044 2044 HOH HOH B . 
F 4 HOH 45 2045 2045 HOH HOH B . 
F 4 HOH 46 2046 2046 HOH HOH B . 
F 4 HOH 47 2047 2047 HOH HOH B . 
# 
_software.name             REFMAC 
_software.classification   refinement 
_software.version          5.1.24 
_software.citation_id      ? 
_software.pdbx_ordinal     1 
# 
_cell.entry_id           2C3X 
_cell.length_a           64.743 
_cell.length_b           64.743 
_cell.length_c           187.180 
_cell.angle_alpha        90.00 
_cell.angle_beta         90.00 
_cell.angle_gamma        90.00 
_cell.Z_PDB              16 
_cell.pdbx_unique_axis   ? 
# 
_symmetry.entry_id                         2C3X 
_symmetry.space_group_name_H-M             'P 43 21 2' 
_symmetry.pdbx_full_space_group_name_H-M   ? 
_symmetry.cell_setting                     ? 
_symmetry.Int_Tables_number                96 
# 
_exptl.entry_id          2C3X 
_exptl.method            'X-RAY DIFFRACTION' 
_exptl.crystals_number   ? 
# 
_exptl_crystal.id                    1 
_exptl_crystal.density_meas          ? 
_exptl_crystal.density_Matthews      4.26 
_exptl_crystal.density_percent_sol   70.89 
_exptl_crystal.description           ? 
# 
_diffrn.id                     1 
_diffrn.ambient_temp           113.0 
_diffrn.ambient_temp_details   ? 
_diffrn.crystal_id             1 
# 
_diffrn_radiation.diffrn_id                        1 
_diffrn_radiation.wavelength_id                    1 
_diffrn_radiation.pdbx_monochromatic_or_laue_m_l   M 
_diffrn_radiation.monochromator                    ? 
_diffrn_radiation.pdbx_diffrn_protocol             'SINGLE WAVELENGTH' 
_diffrn_radiation.pdbx_scattering_type             x-ray 
# 
_diffrn_radiation_wavelength.id           1 
_diffrn_radiation_wavelength.wavelength   1.5418 
_diffrn_radiation_wavelength.wt           1.0 
# 
_diffrn_source.diffrn_id                   1 
_diffrn_source.source                      'ROTATING ANODE' 
_diffrn_source.type                        ? 
_diffrn_source.pdbx_synchrotron_site       ? 
_diffrn_source.pdbx_synchrotron_beamline   ? 
_diffrn_source.pdbx_wavelength             1.5418 
_diffrn_source.pdbx_wavelength_list        ? 
# 
_reflns.pdbx_diffrn_id               1 
_reflns.pdbx_ordinal                 1 
_reflns.entry_id                     2C3X 
_reflns.observed_criterion_sigma_I   2.000 
_reflns.observed_criterion_sigma_F   ? 
_reflns.d_resolution_low             20.000 
_reflns.d_resolution_high            2.700 
_reflns.number_obs                   11016 
_reflns.number_all                   ? 
_reflns.percent_possible_obs         99.5 
_reflns.pdbx_Rmerge_I_obs            0.12000 
_reflns.pdbx_Rsym_value              ? 
_reflns.pdbx_netI_over_sigmaI        10.7000 
_reflns.B_iso_Wilson_estimate        ? 
_reflns.pdbx_redundancy              6.500 
# 
_refine.pdbx_refine_id                           'X-RAY DIFFRACTION' 
_refine.entry_id                                 2C3X 
_refine.pdbx_diffrn_id                           1 
_refine.pdbx_TLS_residual_ADP_flag               ? 
_refine.ls_number_reflns_obs                     11016 
_refine.ls_number_reflns_all                     ? 
_refine.pdbx_ls_sigma_I                          ? 
_refine.pdbx_ls_sigma_F                          ? 
_refine.pdbx_data_cutoff_high_absF               ? 
_refine.pdbx_data_cutoff_low_absF                ? 
_refine.pdbx_data_cutoff_high_rms_absF           ? 
_refine.ls_d_res_low                             60.86 
_refine.ls_d_res_high                            2.70 
_refine.ls_percent_reflns_obs                    99.5 
_refine.ls_R_factor_obs                          0.215 
_refine.ls_R_factor_all                          ? 
_refine.ls_R_factor_R_work                       0.212 
_refine.ls_R_factor_R_free                       0.283 
_refine.ls_R_factor_R_free_error                 ? 
_refine.ls_R_factor_R_free_error_details         ? 
_refine.ls_percent_reflns_R_free                 4.800 
_refine.ls_number_reflns_R_free                  555 
_refine.ls_number_parameters                     ? 
_refine.ls_number_restraints                     ? 
_refine.occupancy_min                            ? 
_refine.occupancy_max                            ? 
_refine.correlation_coeff_Fo_to_Fc               0.925 
_refine.correlation_coeff_Fo_to_Fc_free          0.862 
_refine.B_iso_mean                               43.27 
_refine.aniso_B[1][1]                            2.25000 
_refine.aniso_B[2][2]                            2.25000 
_refine.aniso_B[3][3]                            -4.51000 
_refine.aniso_B[1][2]                            0.00000 
_refine.aniso_B[1][3]                            0.00000 
_refine.aniso_B[2][3]                            0.00000 
_refine.solvent_model_details                    'BABINET MODEL WITH MASK' 
_refine.solvent_model_param_ksol                 ? 
_refine.solvent_model_param_bsol                 ? 
_refine.pdbx_solvent_vdw_probe_radii             1.40 
_refine.pdbx_solvent_ion_probe_radii             0.80 
_refine.pdbx_solvent_shrinkage_radii             0.80 
_refine.pdbx_ls_cross_valid_method               THROUGHOUT 
_refine.details                                  'HYDROGENS HAVE BEEN ADDED IN THE RIDING POSITIONS.' 
_refine.pdbx_starting_model                      ? 
_refine.pdbx_method_to_determine_struct          OTHER 
_refine.pdbx_isotropic_thermal_model             ? 
_refine.pdbx_stereochemistry_target_values       'MAXIMUM LIKELIHOOD' 
_refine.pdbx_stereochem_target_val_spec_case     ? 
_refine.pdbx_R_Free_selection_details            RANDOM 
_refine.pdbx_overall_ESU_R                       0.354 
_refine.pdbx_overall_ESU_R_Free                  0.301 
_refine.overall_SU_ML                            0.223 
_refine.pdbx_overall_phase_error                 ? 
_refine.overall_SU_B                             11.572 
_refine.overall_SU_R_Cruickshank_DPI             ? 
_refine.pdbx_overall_SU_R_free_Cruickshank_DPI   ? 
_refine.pdbx_overall_SU_R_Blow_DPI               ? 
_refine.pdbx_overall_SU_R_free_Blow_DPI          ? 
# 
_refine_hist.pdbx_refine_id                   'X-RAY DIFFRACTION' 
_refine_hist.cycle_id                         LAST 
_refine_hist.pdbx_number_atoms_protein        1469 
_refine_hist.pdbx_number_atoms_nucleic_acid   0 
_refine_hist.pdbx_number_atoms_ligand         61 
_refine_hist.number_atoms_solvent             115 
_refine_hist.number_atoms_total               1645 
_refine_hist.d_res_high                       2.70 
_refine_hist.d_res_low                        60.86 
# 
loop_
_refine_ls_restr.type 
_refine_ls_restr.dev_ideal 
_refine_ls_restr.dev_ideal_target 
_refine_ls_restr.weight 
_refine_ls_restr.number 
_refine_ls_restr.pdbx_refine_id 
_refine_ls_restr.pdbx_restraint_function 
r_bond_refined_d             0.014 0.021 ? 1575 'X-RAY DIFFRACTION' ? 
r_bond_other_d               ?     ?     ? ?    'X-RAY DIFFRACTION' ? 
r_angle_refined_deg          1.781 1.960 ? 2154 'X-RAY DIFFRACTION' ? 
r_angle_other_deg            ?     ?     ? ?    'X-RAY DIFFRACTION' ? 
r_dihedral_angle_1_deg       7.537 5.000 ? 185  'X-RAY DIFFRACTION' ? 
r_dihedral_angle_2_deg       ?     ?     ? ?    'X-RAY DIFFRACTION' ? 
r_dihedral_angle_3_deg       ?     ?     ? ?    'X-RAY DIFFRACTION' ? 
r_dihedral_angle_4_deg       ?     ?     ? ?    'X-RAY DIFFRACTION' ? 
r_chiral_restr               0.116 0.200 ? 240  'X-RAY DIFFRACTION' ? 
r_gen_planes_refined         0.005 0.020 ? 1194 'X-RAY DIFFRACTION' ? 
r_gen_planes_other           ?     ?     ? ?    'X-RAY DIFFRACTION' ? 
r_nbd_refined                0.234 0.200 ? 675  'X-RAY DIFFRACTION' ? 
r_nbd_other                  ?     ?     ? ?    'X-RAY DIFFRACTION' ? 
r_nbtor_refined              ?     ?     ? ?    'X-RAY DIFFRACTION' ? 
r_nbtor_other                ?     ?     ? ?    'X-RAY DIFFRACTION' ? 
r_xyhbond_nbd_refined        0.157 0.200 ? 86   'X-RAY DIFFRACTION' ? 
r_xyhbond_nbd_other          ?     ?     ? ?    'X-RAY DIFFRACTION' ? 
r_metal_ion_refined          ?     ?     ? ?    'X-RAY DIFFRACTION' ? 
r_metal_ion_other            ?     ?     ? ?    'X-RAY DIFFRACTION' ? 
r_symmetry_vdw_refined       0.194 0.200 ? 34   'X-RAY DIFFRACTION' ? 
r_symmetry_vdw_other         ?     ?     ? ?    'X-RAY DIFFRACTION' ? 
r_symmetry_hbond_refined     0.157 0.200 ? 7    'X-RAY DIFFRACTION' ? 
r_symmetry_hbond_other       ?     ?     ? ?    'X-RAY DIFFRACTION' ? 
r_symmetry_metal_ion_refined ?     ?     ? ?    'X-RAY DIFFRACTION' ? 
r_symmetry_metal_ion_other   ?     ?     ? ?    'X-RAY DIFFRACTION' ? 
r_mcbond_it                  0.737 1.500 ? 921  'X-RAY DIFFRACTION' ? 
r_mcbond_other               ?     ?     ? ?    'X-RAY DIFFRACTION' ? 
r_mcangle_it                 1.517 2.000 ? 1477 'X-RAY DIFFRACTION' ? 
r_mcangle_other              ?     ?     ? ?    'X-RAY DIFFRACTION' ? 
r_scbond_it                  2.349 3.000 ? 654  'X-RAY DIFFRACTION' ? 
r_scbond_other               ?     ?     ? ?    'X-RAY DIFFRACTION' ? 
r_scangle_it                 4.154 4.500 ? 677  'X-RAY DIFFRACTION' ? 
r_scangle_other              ?     ?     ? ?    'X-RAY DIFFRACTION' ? 
r_long_range_B_refined       ?     ?     ? ?    'X-RAY DIFFRACTION' ? 
r_long_range_B_other         ?     ?     ? ?    'X-RAY DIFFRACTION' ? 
r_rigid_bond_restr           ?     ?     ? ?    'X-RAY DIFFRACTION' ? 
r_sphericity_free            ?     ?     ? ?    'X-RAY DIFFRACTION' ? 
r_sphericity_bonded          ?     ?     ? ?    'X-RAY DIFFRACTION' ? 
# 
_refine_ls_shell.pdbx_refine_id                   'X-RAY DIFFRACTION' 
_refine_ls_shell.pdbx_total_number_of_bins_used   20 
_refine_ls_shell.d_res_high                       2.70 
_refine_ls_shell.d_res_low                        2.77 
_refine_ls_shell.number_reflns_R_work             783 
_refine_ls_shell.R_factor_R_work                  0.3140 
_refine_ls_shell.percent_reflns_obs               ? 
_refine_ls_shell.R_factor_R_free                  0.3520 
_refine_ls_shell.R_factor_R_free_error            ? 
_refine_ls_shell.percent_reflns_R_free            ? 
_refine_ls_shell.number_reflns_R_free             36 
_refine_ls_shell.number_reflns_all                ? 
_refine_ls_shell.R_factor_all                     ? 
# 
_struct.entry_id                  2C3X 
_struct.title                     'Structure of iodinated CBM25 from Bacillus halodurans amylase in complex with maltotetraose' 
_struct.pdbx_model_details        ? 
_struct.pdbx_CASP_flag            ? 
_struct.pdbx_model_type_details   ? 
# 
_struct_keywords.entry_id        2C3X 
_struct_keywords.pdbx_keywords   'CARBOHYDRATE-BINDING MODULE' 
_struct_keywords.text            
;CARBOHYDRATE-BINDING MODULE, STARCH BINDING, CARBOHYDRATE BINDING, GLYCOSIDE HYDROLASE, AMYLOSE, AMYLOPECTIN, MALTO-OLIGOSACCHARIDE, CARBOHYDRATE- BINDING MODULE
;
# 
loop_
_struct_asym.id 
_struct_asym.pdbx_blank_PDB_chainid_flag 
_struct_asym.pdbx_modified 
_struct_asym.entity_id 
_struct_asym.details 
A N N 1 ? 
B N N 1 ? 
C N N 2 ? 
D N N 3 ? 
E N N 4 ? 
F N N 4 ? 
# 
loop_
_struct_ref.id 
_struct_ref.db_name 
_struct_ref.db_code 
_struct_ref.entity_id 
_struct_ref.pdbx_seq_one_letter_code 
_struct_ref.pdbx_align_begin 
_struct_ref.pdbx_db_accession 
_struct_ref.pdbx_db_isoform 
1 PDB 2C3X         1 ? ? 2C3X   ? 
2 UNP Q9KFR4_BACHD 1 ? ? Q9KFR4 ? 
# 
loop_
_struct_ref_seq.align_id 
_struct_ref_seq.ref_id 
_struct_ref_seq.pdbx_PDB_id_code 
_struct_ref_seq.pdbx_strand_id 
_struct_ref_seq.seq_align_beg 
_struct_ref_seq.pdbx_seq_align_beg_ins_code 
_struct_ref_seq.seq_align_end 
_struct_ref_seq.pdbx_seq_align_end_ins_code 
_struct_ref_seq.pdbx_db_accession 
_struct_ref_seq.db_align_beg 
_struct_ref_seq.pdbx_db_align_beg_ins_code 
_struct_ref_seq.db_align_end 
_struct_ref_seq.pdbx_db_align_end_ins_code 
_struct_ref_seq.pdbx_auth_seq_align_beg 
_struct_ref_seq.pdbx_auth_seq_align_end 
1 1 2C3X A 1 ? 6   ? 2C3X   1   ? 6   ? 1 6   
2 2 2C3X A 7 ? 102 ? Q9KFR4 863 ? 958 ? 7 102 
3 1 2C3X B 1 ? 6   ? 2C3X   1   ? 6   ? 1 6   
4 2 2C3X B 7 ? 102 ? Q9KFR4 863 ? 958 ? 7 102 
# 
loop_
_pdbx_struct_assembly.id 
_pdbx_struct_assembly.details 
_pdbx_struct_assembly.method_details 
_pdbx_struct_assembly.oligomeric_details 
_pdbx_struct_assembly.oligomeric_count 
1 author_and_software_defined_assembly PQS monomeric 1 
2 author_and_software_defined_assembly PQS monomeric 1 
# 
loop_
_pdbx_struct_assembly_gen.assembly_id 
_pdbx_struct_assembly_gen.oper_expression 
_pdbx_struct_assembly_gen.asym_id_list 
1 1 A,C,D,E 
2 1 B,F     
# 
_pdbx_struct_oper_list.id                   1 
_pdbx_struct_oper_list.type                 'identity operation' 
_pdbx_struct_oper_list.name                 1_555 
_pdbx_struct_oper_list.symmetry_operation   x,y,z 
_pdbx_struct_oper_list.matrix[1][1]         1.0000000000 
_pdbx_struct_oper_list.matrix[1][2]         0.0000000000 
_pdbx_struct_oper_list.matrix[1][3]         0.0000000000 
_pdbx_struct_oper_list.vector[1]            0.0000000000 
_pdbx_struct_oper_list.matrix[2][1]         0.0000000000 
_pdbx_struct_oper_list.matrix[2][2]         1.0000000000 
_pdbx_struct_oper_list.matrix[2][3]         0.0000000000 
_pdbx_struct_oper_list.vector[2]            0.0000000000 
_pdbx_struct_oper_list.matrix[3][1]         0.0000000000 
_pdbx_struct_oper_list.matrix[3][2]         0.0000000000 
_pdbx_struct_oper_list.matrix[3][3]         1.0000000000 
_pdbx_struct_oper_list.vector[3]            0.0000000000 
# 
_struct_biol.id   1 
# 
loop_
_struct_conn.id 
_struct_conn.conn_type_id 
_struct_conn.pdbx_leaving_atom_flag 
_struct_conn.pdbx_PDB_id 
_struct_conn.ptnr1_label_asym_id 
_struct_conn.ptnr1_label_comp_id 
_struct_conn.ptnr1_label_seq_id 
_struct_conn.ptnr1_label_atom_id 
_struct_conn.pdbx_ptnr1_label_alt_id 
_struct_conn.pdbx_ptnr1_PDB_ins_code 
_struct_conn.pdbx_ptnr1_standard_comp_id 
_struct_conn.ptnr1_symmetry 
_struct_conn.ptnr2_label_asym_id 
_struct_conn.ptnr2_label_comp_id 
_struct_conn.ptnr2_label_seq_id 
_struct_conn.ptnr2_label_atom_id 
_struct_conn.pdbx_ptnr2_label_alt_id 
_struct_conn.pdbx_ptnr2_PDB_ins_code 
_struct_conn.ptnr1_auth_asym_id 
_struct_conn.ptnr1_auth_comp_id 
_struct_conn.ptnr1_auth_seq_id 
_struct_conn.ptnr2_auth_asym_id 
_struct_conn.ptnr2_auth_comp_id 
_struct_conn.ptnr2_auth_seq_id 
_struct_conn.ptnr2_symmetry 
_struct_conn.pdbx_ptnr3_label_atom_id 
_struct_conn.pdbx_ptnr3_label_seq_id 
_struct_conn.pdbx_ptnr3_label_comp_id 
_struct_conn.pdbx_ptnr3_label_asym_id 
_struct_conn.pdbx_ptnr3_label_alt_id 
_struct_conn.pdbx_ptnr3_PDB_ins_code 
_struct_conn.details 
_struct_conn.pdbx_dist_value 
_struct_conn.pdbx_value_order 
_struct_conn.pdbx_role 
covale1 covale both ? C GLC . O4 ? ? ? 1_555 C GLC . C1 ? ? C GLC 1 C GLC 2 1_555 ? ? ? ? ? ? ? 1.427 ? ? 
covale2 covale both ? C GLC . O4 ? ? ? 1_555 C GLC . C1 ? ? C GLC 2 C GLC 3 1_555 ? ? ? ? ? ? ? 1.436 ? ? 
covale3 covale both ? C GLC . O4 ? ? ? 1_555 C GLC . C1 ? ? C GLC 3 C GLC 4 1_555 ? ? ? ? ? ? ? 1.450 ? ? 
covale4 covale both ? C GLC . O4 ? ? ? 1_555 C GLC . C1 ? ? C GLC 4 C GLC 5 1_555 ? ? ? ? ? ? ? 1.455 ? ? 
# 
_struct_conn_type.id          covale 
_struct_conn_type.criteria    ? 
_struct_conn_type.reference   ? 
# 
loop_
_struct_mon_prot_cis.pdbx_id 
_struct_mon_prot_cis.label_comp_id 
_struct_mon_prot_cis.label_seq_id 
_struct_mon_prot_cis.label_asym_id 
_struct_mon_prot_cis.label_alt_id 
_struct_mon_prot_cis.pdbx_PDB_ins_code 
_struct_mon_prot_cis.auth_comp_id 
_struct_mon_prot_cis.auth_seq_id 
_struct_mon_prot_cis.auth_asym_id 
_struct_mon_prot_cis.pdbx_label_comp_id_2 
_struct_mon_prot_cis.pdbx_label_seq_id_2 
_struct_mon_prot_cis.pdbx_label_asym_id_2 
_struct_mon_prot_cis.pdbx_PDB_ins_code_2 
_struct_mon_prot_cis.pdbx_auth_comp_id_2 
_struct_mon_prot_cis.pdbx_auth_seq_id_2 
_struct_mon_prot_cis.pdbx_auth_asym_id_2 
_struct_mon_prot_cis.pdbx_PDB_model_num 
_struct_mon_prot_cis.pdbx_omega_angle 
1 LEU 37 A . ? LEU 37 A PRO 38 A ? PRO 38 A 1 4.19  
2 LEU 37 B . ? LEU 37 B PRO 38 B ? PRO 38 B 1 19.85 
# 
loop_
_struct_sheet.id 
_struct_sheet.type 
_struct_sheet.number_strands 
_struct_sheet.details 
AA ? 5 ? 
AB ? 4 ? 
AC ? 4 ? 
BA ? 5 ? 
BB ? 4 ? 
BC ? 4 ? 
# 
loop_
_struct_sheet_order.sheet_id 
_struct_sheet_order.range_id_1 
_struct_sheet_order.range_id_2 
_struct_sheet_order.offset 
_struct_sheet_order.sense 
AA 1 2 ? anti-parallel 
AA 2 3 ? anti-parallel 
AA 3 4 ? parallel      
AA 4 5 ? anti-parallel 
AB 1 2 ? anti-parallel 
AB 2 3 ? anti-parallel 
AB 3 4 ? anti-parallel 
AC 1 2 ? anti-parallel 
AC 2 3 ? anti-parallel 
AC 3 4 ? anti-parallel 
BA 1 2 ? anti-parallel 
BA 2 3 ? anti-parallel 
BA 3 4 ? parallel      
BA 4 5 ? anti-parallel 
BB 1 2 ? anti-parallel 
BB 2 3 ? anti-parallel 
BB 3 4 ? anti-parallel 
BC 1 2 ? anti-parallel 
BC 2 3 ? anti-parallel 
BC 3 4 ? anti-parallel 
# 
loop_
_struct_sheet_range.sheet_id 
_struct_sheet_range.id 
_struct_sheet_range.beg_label_comp_id 
_struct_sheet_range.beg_label_asym_id 
_struct_sheet_range.beg_label_seq_id 
_struct_sheet_range.pdbx_beg_PDB_ins_code 
_struct_sheet_range.end_label_comp_id 
_struct_sheet_range.end_label_asym_id 
_struct_sheet_range.end_label_seq_id 
_struct_sheet_range.pdbx_end_PDB_ins_code 
_struct_sheet_range.beg_auth_comp_id 
_struct_sheet_range.beg_auth_asym_id 
_struct_sheet_range.beg_auth_seq_id 
_struct_sheet_range.end_auth_comp_id 
_struct_sheet_range.end_auth_asym_id 
_struct_sheet_range.end_auth_seq_id 
AA 1 THR A 43 ? LYS A 44 ? THR A 43 LYS A 44 
AA 2 TYR A 50 ? ILE A 55 ? TYR A 50 ILE A 55 
AA 3 ILE A 12 ? LYS A 17 ? ILE A 12 LYS A 17 
AA 4 GLY A 87 ? ALA A 92 ? GLY A 87 ALA A 92 
AA 5 ARG A 95 ? SER A 98 ? ARG A 95 SER A 98 
AB 1 VAL A 40 ? PRO A 41 ? VAL A 40 PRO A 41 
AB 2 HIS A 24 ? LEU A 29 ? HIS A 24 LEU A 29 
AB 3 GLN A 62 ? ASN A 68 ? GLN A 62 ASN A 68 
AB 4 TYR A 82 ? SER A 85 ? TYR A 82 SER A 85 
AC 1 VAL A 40 ? PRO A 41 ? VAL A 40 PRO A 41 
AC 2 HIS A 24 ? LEU A 29 ? HIS A 24 LEU A 29 
AC 3 GLN A 62 ? ASN A 68 ? GLN A 62 ASN A 68 
AC 4 TRP A 74 ? ASP A 75 ? TRP A 74 ASP A 75 
BA 1 THR B 43 ? LYS B 44 ? THR B 43 LYS B 44 
BA 2 TYR B 50 ? ILE B 55 ? TYR B 50 ILE B 55 
BA 3 ILE B 12 ? LYS B 17 ? ILE B 12 LYS B 17 
BA 4 GLY B 87 ? ALA B 92 ? GLY B 87 ALA B 92 
BA 5 ARG B 95 ? SER B 98 ? ARG B 95 SER B 98 
BB 1 VAL B 40 ? PRO B 41 ? VAL B 40 PRO B 41 
BB 2 HIS B 24 ? LEU B 29 ? HIS B 24 LEU B 29 
BB 3 GLN B 62 ? ASN B 68 ? GLN B 62 ASN B 68 
BB 4 TYR B 82 ? SER B 85 ? TYR B 82 SER B 85 
BC 1 VAL B 40 ? PRO B 41 ? VAL B 40 PRO B 41 
BC 2 HIS B 24 ? LEU B 29 ? HIS B 24 LEU B 29 
BC 3 GLN B 62 ? ASN B 68 ? GLN B 62 ASN B 68 
BC 4 TRP B 74 ? ASP B 75 ? TRP B 74 ASP B 75 
# 
loop_
_pdbx_struct_sheet_hbond.sheet_id 
_pdbx_struct_sheet_hbond.range_id_1 
_pdbx_struct_sheet_hbond.range_id_2 
_pdbx_struct_sheet_hbond.range_1_label_atom_id 
_pdbx_struct_sheet_hbond.range_1_label_comp_id 
_pdbx_struct_sheet_hbond.range_1_label_asym_id 
_pdbx_struct_sheet_hbond.range_1_label_seq_id 
_pdbx_struct_sheet_hbond.range_1_PDB_ins_code 
_pdbx_struct_sheet_hbond.range_1_auth_atom_id 
_pdbx_struct_sheet_hbond.range_1_auth_comp_id 
_pdbx_struct_sheet_hbond.range_1_auth_asym_id 
_pdbx_struct_sheet_hbond.range_1_auth_seq_id 
_pdbx_struct_sheet_hbond.range_2_label_atom_id 
_pdbx_struct_sheet_hbond.range_2_label_comp_id 
_pdbx_struct_sheet_hbond.range_2_label_asym_id 
_pdbx_struct_sheet_hbond.range_2_label_seq_id 
_pdbx_struct_sheet_hbond.range_2_PDB_ins_code 
_pdbx_struct_sheet_hbond.range_2_auth_atom_id 
_pdbx_struct_sheet_hbond.range_2_auth_comp_id 
_pdbx_struct_sheet_hbond.range_2_auth_asym_id 
_pdbx_struct_sheet_hbond.range_2_auth_seq_id 
AA 1 2 N THR A 43 ? N THR A 43 O LYS A 52 ? O LYS A 52 
AA 2 3 N ILE A 55 ? N ILE A 55 O ILE A 12 ? O ILE A 12 
AA 3 4 N THR A 13 ? N THR A 13 O GLY A 87 ? O GLY A 87 
AA 4 5 N ALA A 92 ? N ALA A 92 O ARG A 95 ? O ARG A 95 
AB 1 2 N VAL A 40 ? N VAL A 40 O ILE A 25 ? O ILE A 25 
AB 2 3 N SER A 28 ? N SER A 28 O ARG A 64 ? O ARG A 64 
AB 3 4 N ALA A 65 ? N ALA A 65 O TYR A 82 ? O TYR A 82 
AC 1 2 N VAL A 40 ? N VAL A 40 O ILE A 25 ? O ILE A 25 
AC 2 3 N SER A 28 ? N SER A 28 O ARG A 64 ? O ARG A 64 
AC 3 4 N PHE A 67 ? N PHE A 67 O ASP A 75 ? O ASP A 75 
BA 1 2 N THR B 43 ? N THR B 43 O LYS B 52 ? O LYS B 52 
BA 2 3 N ILE B 55 ? N ILE B 55 O ILE B 12 ? O ILE B 12 
BA 3 4 N THR B 13 ? N THR B 13 O GLY B 87 ? O GLY B 87 
BA 4 5 N ALA B 92 ? N ALA B 92 O ARG B 95 ? O ARG B 95 
BB 1 2 N VAL B 40 ? N VAL B 40 O ILE B 25 ? O ILE B 25 
BB 2 3 N SER B 28 ? N SER B 28 O ARG B 64 ? O ARG B 64 
BB 3 4 N ALA B 65 ? N ALA B 65 O TYR B 82 ? O TYR B 82 
BC 1 2 N VAL B 40 ? N VAL B 40 O ILE B 25 ? O ILE B 25 
BC 2 3 N SER B 28 ? N SER B 28 O ARG B 64 ? O ARG B 64 
BC 3 4 N PHE B 67 ? N PHE B 67 O ASP B 75 ? O ASP B 75 
# 
_pdbx_validate_close_contact.id               1 
_pdbx_validate_close_contact.PDB_model_num    1 
_pdbx_validate_close_contact.auth_atom_id_1   NE2 
_pdbx_validate_close_contact.auth_asym_id_1   B 
_pdbx_validate_close_contact.auth_comp_id_1   GLN 
_pdbx_validate_close_contact.auth_seq_id_1    62 
_pdbx_validate_close_contact.PDB_ins_code_1   ? 
_pdbx_validate_close_contact.label_alt_id_1   ? 
_pdbx_validate_close_contact.auth_atom_id_2   O 
_pdbx_validate_close_contact.auth_asym_id_2   B 
_pdbx_validate_close_contact.auth_comp_id_2   HOH 
_pdbx_validate_close_contact.auth_seq_id_2    2033 
_pdbx_validate_close_contact.PDB_ins_code_2   ? 
_pdbx_validate_close_contact.label_alt_id_2   ? 
_pdbx_validate_close_contact.dist             2.19 
# 
loop_
_pdbx_validate_rmsd_angle.id 
_pdbx_validate_rmsd_angle.PDB_model_num 
_pdbx_validate_rmsd_angle.auth_atom_id_1 
_pdbx_validate_rmsd_angle.auth_asym_id_1 
_pdbx_validate_rmsd_angle.auth_comp_id_1 
_pdbx_validate_rmsd_angle.auth_seq_id_1 
_pdbx_validate_rmsd_angle.PDB_ins_code_1 
_pdbx_validate_rmsd_angle.label_alt_id_1 
_pdbx_validate_rmsd_angle.auth_atom_id_2 
_pdbx_validate_rmsd_angle.auth_asym_id_2 
_pdbx_validate_rmsd_angle.auth_comp_id_2 
_pdbx_validate_rmsd_angle.auth_seq_id_2 
_pdbx_validate_rmsd_angle.PDB_ins_code_2 
_pdbx_validate_rmsd_angle.label_alt_id_2 
_pdbx_validate_rmsd_angle.auth_atom_id_3 
_pdbx_validate_rmsd_angle.auth_asym_id_3 
_pdbx_validate_rmsd_angle.auth_comp_id_3 
_pdbx_validate_rmsd_angle.auth_seq_id_3 
_pdbx_validate_rmsd_angle.PDB_ins_code_3 
_pdbx_validate_rmsd_angle.label_alt_id_3 
_pdbx_validate_rmsd_angle.angle_value 
_pdbx_validate_rmsd_angle.angle_target_value 
_pdbx_validate_rmsd_angle.angle_deviation 
_pdbx_validate_rmsd_angle.angle_standard_deviation 
_pdbx_validate_rmsd_angle.linker_flag 
1 1 CB A ASP 11 ? ? CG A ASP 11 ? ? OD2 A ASP 11 ? ? 124.42 118.30 6.12  0.90 N 
2 1 CA A LEU 42 ? ? CB A LEU 42 ? ? CG  A LEU 42 ? ? 130.16 115.30 14.86 2.30 N 
# 
loop_
_pdbx_validate_torsion.id 
_pdbx_validate_torsion.PDB_model_num 
_pdbx_validate_torsion.auth_comp_id 
_pdbx_validate_torsion.auth_asym_id 
_pdbx_validate_torsion.auth_seq_id 
_pdbx_validate_torsion.PDB_ins_code 
_pdbx_validate_torsion.label_alt_id 
_pdbx_validate_torsion.phi 
_pdbx_validate_torsion.psi 
1 1 HIS A 22 ? ? -116.95 62.83  
2 1 ASN A 30 ? ? 32.69   55.23  
3 1 GLU A 48 ? ? -38.43  120.46 
4 1 SER A 71 ? ? -155.61 14.41  
5 1 ASP A 81 ? ? 64.52   166.64 
6 1 SER A 86 ? ? -35.42  136.63 
7 1 THR B 10 ? ? -129.09 -79.33 
8 1 SER B 71 ? ? -152.33 30.47  
9 1 ASP B 81 ? ? 66.54   172.32 
# 
_pdbx_molecule_features.prd_id    PRD_900030 
_pdbx_molecule_features.name      alpha-maltopentaose 
_pdbx_molecule_features.type      Oligosaccharide 
_pdbx_molecule_features.class     'Substrate analog' 
_pdbx_molecule_features.details   oligosaccharide 
# 
_pdbx_molecule.instance_id   1 
_pdbx_molecule.prd_id        PRD_900030 
_pdbx_molecule.asym_id       C 
# 
_pdbx_database_remark.id     700 
_pdbx_database_remark.text   
;
SHEET
THE SHEET STRUCTURE OF THIS MOLECULE IS BIFURCATED. IN
ORDER TO REPRESENT THIS FEATURE IN THE SHEET RECORDS BELOW,
TWO SHEETS ARE DEFINED.
;
# 
loop_
_pdbx_unobs_or_zero_occ_residues.id 
_pdbx_unobs_or_zero_occ_residues.PDB_model_num 
_pdbx_unobs_or_zero_occ_residues.polymer_flag 
_pdbx_unobs_or_zero_occ_residues.occupancy_flag 
_pdbx_unobs_or_zero_occ_residues.auth_asym_id 
_pdbx_unobs_or_zero_occ_residues.auth_comp_id 
_pdbx_unobs_or_zero_occ_residues.auth_seq_id 
_pdbx_unobs_or_zero_occ_residues.PDB_ins_code 
_pdbx_unobs_or_zero_occ_residues.label_asym_id 
_pdbx_unobs_or_zero_occ_residues.label_comp_id 
_pdbx_unobs_or_zero_occ_residues.label_seq_id 
1  1 Y 1 A GLY 1 ? A GLY 1 
2  1 Y 1 A SER 2 ? A SER 2 
3  1 Y 1 A HIS 3 ? A HIS 3 
4  1 Y 1 A MET 4 ? A MET 4 
5  1 Y 1 A ALA 5 ? A ALA 5 
6  1 Y 1 A SER 6 ? A SER 6 
7  1 Y 1 A GLY 7 ? A GLY 7 
8  1 Y 1 A ASP 8 ? A ASP 8 
9  1 Y 1 A ALA 9 ? A ALA 9 
10 1 Y 1 B GLY 1 ? B GLY 1 
11 1 Y 1 B SER 2 ? B SER 2 
12 1 Y 1 B HIS 3 ? B HIS 3 
13 1 Y 1 B MET 4 ? B MET 4 
14 1 Y 1 B ALA 5 ? B ALA 5 
15 1 Y 1 B SER 6 ? B SER 6 
16 1 Y 1 B GLY 7 ? B GLY 7 
17 1 Y 1 B ASP 8 ? B ASP 8 
# 
loop_
_chem_comp_atom.comp_id 
_chem_comp_atom.atom_id 
_chem_comp_atom.type_symbol 
_chem_comp_atom.pdbx_aromatic_flag 
_chem_comp_atom.pdbx_stereo_config 
_chem_comp_atom.pdbx_ordinal 
ALA N    N N N 1   
ALA CA   C N S 2   
ALA C    C N N 3   
ALA O    O N N 4   
ALA CB   C N N 5   
ALA OXT  O N N 6   
ALA H    H N N 7   
ALA H2   H N N 8   
ALA HA   H N N 9   
ALA HB1  H N N 10  
ALA HB2  H N N 11  
ALA HB3  H N N 12  
ALA HXT  H N N 13  
ARG N    N N N 14  
ARG CA   C N S 15  
ARG C    C N N 16  
ARG O    O N N 17  
ARG CB   C N N 18  
ARG CG   C N N 19  
ARG CD   C N N 20  
ARG NE   N N N 21  
ARG CZ   C N N 22  
ARG NH1  N N N 23  
ARG NH2  N N N 24  
ARG OXT  O N N 25  
ARG H    H N N 26  
ARG H2   H N N 27  
ARG HA   H N N 28  
ARG HB2  H N N 29  
ARG HB3  H N N 30  
ARG HG2  H N N 31  
ARG HG3  H N N 32  
ARG HD2  H N N 33  
ARG HD3  H N N 34  
ARG HE   H N N 35  
ARG HH11 H N N 36  
ARG HH12 H N N 37  
ARG HH21 H N N 38  
ARG HH22 H N N 39  
ARG HXT  H N N 40  
ASN N    N N N 41  
ASN CA   C N S 42  
ASN C    C N N 43  
ASN O    O N N 44  
ASN CB   C N N 45  
ASN CG   C N N 46  
ASN OD1  O N N 47  
ASN ND2  N N N 48  
ASN OXT  O N N 49  
ASN H    H N N 50  
ASN H2   H N N 51  
ASN HA   H N N 52  
ASN HB2  H N N 53  
ASN HB3  H N N 54  
ASN HD21 H N N 55  
ASN HD22 H N N 56  
ASN HXT  H N N 57  
ASP N    N N N 58  
ASP CA   C N S 59  
ASP C    C N N 60  
ASP O    O N N 61  
ASP CB   C N N 62  
ASP CG   C N N 63  
ASP OD1  O N N 64  
ASP OD2  O N N 65  
ASP OXT  O N N 66  
ASP H    H N N 67  
ASP H2   H N N 68  
ASP HA   H N N 69  
ASP HB2  H N N 70  
ASP HB3  H N N 71  
ASP HD2  H N N 72  
ASP HXT  H N N 73  
GLC C1   C N S 74  
GLC C2   C N R 75  
GLC C3   C N S 76  
GLC C4   C N S 77  
GLC C5   C N R 78  
GLC C6   C N N 79  
GLC O1   O N N 80  
GLC O2   O N N 81  
GLC O3   O N N 82  
GLC O4   O N N 83  
GLC O5   O N N 84  
GLC O6   O N N 85  
GLC H1   H N N 86  
GLC H2   H N N 87  
GLC H3   H N N 88  
GLC H4   H N N 89  
GLC H5   H N N 90  
GLC H61  H N N 91  
GLC H62  H N N 92  
GLC HO1  H N N 93  
GLC HO2  H N N 94  
GLC HO3  H N N 95  
GLC HO4  H N N 96  
GLC HO6  H N N 97  
GLN N    N N N 98  
GLN CA   C N S 99  
GLN C    C N N 100 
GLN O    O N N 101 
GLN CB   C N N 102 
GLN CG   C N N 103 
GLN CD   C N N 104 
GLN OE1  O N N 105 
GLN NE2  N N N 106 
GLN OXT  O N N 107 
GLN H    H N N 108 
GLN H2   H N N 109 
GLN HA   H N N 110 
GLN HB2  H N N 111 
GLN HB3  H N N 112 
GLN HG2  H N N 113 
GLN HG3  H N N 114 
GLN HE21 H N N 115 
GLN HE22 H N N 116 
GLN HXT  H N N 117 
GLU N    N N N 118 
GLU CA   C N S 119 
GLU C    C N N 120 
GLU O    O N N 121 
GLU CB   C N N 122 
GLU CG   C N N 123 
GLU CD   C N N 124 
GLU OE1  O N N 125 
GLU OE2  O N N 126 
GLU OXT  O N N 127 
GLU H    H N N 128 
GLU H2   H N N 129 
GLU HA   H N N 130 
GLU HB2  H N N 131 
GLU HB3  H N N 132 
GLU HG2  H N N 133 
GLU HG3  H N N 134 
GLU HE2  H N N 135 
GLU HXT  H N N 136 
GLY N    N N N 137 
GLY CA   C N N 138 
GLY C    C N N 139 
GLY O    O N N 140 
GLY OXT  O N N 141 
GLY H    H N N 142 
GLY H2   H N N 143 
GLY HA2  H N N 144 
GLY HA3  H N N 145 
GLY HXT  H N N 146 
HIS N    N N N 147 
HIS CA   C N S 148 
HIS C    C N N 149 
HIS O    O N N 150 
HIS CB   C N N 151 
HIS CG   C Y N 152 
HIS ND1  N Y N 153 
HIS CD2  C Y N 154 
HIS CE1  C Y N 155 
HIS NE2  N Y N 156 
HIS OXT  O N N 157 
HIS H    H N N 158 
HIS H2   H N N 159 
HIS HA   H N N 160 
HIS HB2  H N N 161 
HIS HB3  H N N 162 
HIS HD1  H N N 163 
HIS HD2  H N N 164 
HIS HE1  H N N 165 
HIS HE2  H N N 166 
HIS HXT  H N N 167 
HOH O    O N N 168 
HOH H1   H N N 169 
HOH H2   H N N 170 
ILE N    N N N 171 
ILE CA   C N S 172 
ILE C    C N N 173 
ILE O    O N N 174 
ILE CB   C N S 175 
ILE CG1  C N N 176 
ILE CG2  C N N 177 
ILE CD1  C N N 178 
ILE OXT  O N N 179 
ILE H    H N N 180 
ILE H2   H N N 181 
ILE HA   H N N 182 
ILE HB   H N N 183 
ILE HG12 H N N 184 
ILE HG13 H N N 185 
ILE HG21 H N N 186 
ILE HG22 H N N 187 
ILE HG23 H N N 188 
ILE HD11 H N N 189 
ILE HD12 H N N 190 
ILE HD13 H N N 191 
ILE HXT  H N N 192 
LEU N    N N N 193 
LEU CA   C N S 194 
LEU C    C N N 195 
LEU O    O N N 196 
LEU CB   C N N 197 
LEU CG   C N N 198 
LEU CD1  C N N 199 
LEU CD2  C N N 200 
LEU OXT  O N N 201 
LEU H    H N N 202 
LEU H2   H N N 203 
LEU HA   H N N 204 
LEU HB2  H N N 205 
LEU HB3  H N N 206 
LEU HG   H N N 207 
LEU HD11 H N N 208 
LEU HD12 H N N 209 
LEU HD13 H N N 210 
LEU HD21 H N N 211 
LEU HD22 H N N 212 
LEU HD23 H N N 213 
LEU HXT  H N N 214 
LYS N    N N N 215 
LYS CA   C N S 216 
LYS C    C N N 217 
LYS O    O N N 218 
LYS CB   C N N 219 
LYS CG   C N N 220 
LYS CD   C N N 221 
LYS CE   C N N 222 
LYS NZ   N N N 223 
LYS OXT  O N N 224 
LYS H    H N N 225 
LYS H2   H N N 226 
LYS HA   H N N 227 
LYS HB2  H N N 228 
LYS HB3  H N N 229 
LYS HG2  H N N 230 
LYS HG3  H N N 231 
LYS HD2  H N N 232 
LYS HD3  H N N 233 
LYS HE2  H N N 234 
LYS HE3  H N N 235 
LYS HZ1  H N N 236 
LYS HZ2  H N N 237 
LYS HZ3  H N N 238 
LYS HXT  H N N 239 
MET N    N N N 240 
MET CA   C N S 241 
MET C    C N N 242 
MET O    O N N 243 
MET CB   C N N 244 
MET CG   C N N 245 
MET SD   S N N 246 
MET CE   C N N 247 
MET OXT  O N N 248 
MET H    H N N 249 
MET H2   H N N 250 
MET HA   H N N 251 
MET HB2  H N N 252 
MET HB3  H N N 253 
MET HG2  H N N 254 
MET HG3  H N N 255 
MET HE1  H N N 256 
MET HE2  H N N 257 
MET HE3  H N N 258 
MET HXT  H N N 259 
PHE N    N N N 260 
PHE CA   C N S 261 
PHE C    C N N 262 
PHE O    O N N 263 
PHE CB   C N N 264 
PHE CG   C Y N 265 
PHE CD1  C Y N 266 
PHE CD2  C Y N 267 
PHE CE1  C Y N 268 
PHE CE2  C Y N 269 
PHE CZ   C Y N 270 
PHE OXT  O N N 271 
PHE H    H N N 272 
PHE H2   H N N 273 
PHE HA   H N N 274 
PHE HB2  H N N 275 
PHE HB3  H N N 276 
PHE HD1  H N N 277 
PHE HD2  H N N 278 
PHE HE1  H N N 279 
PHE HE2  H N N 280 
PHE HZ   H N N 281 
PHE HXT  H N N 282 
PRO N    N N N 283 
PRO CA   C N S 284 
PRO C    C N N 285 
PRO O    O N N 286 
PRO CB   C N N 287 
PRO CG   C N N 288 
PRO CD   C N N 289 
PRO OXT  O N N 290 
PRO H    H N N 291 
PRO HA   H N N 292 
PRO HB2  H N N 293 
PRO HB3  H N N 294 
PRO HG2  H N N 295 
PRO HG3  H N N 296 
PRO HD2  H N N 297 
PRO HD3  H N N 298 
PRO HXT  H N N 299 
SER N    N N N 300 
SER CA   C N S 301 
SER C    C N N 302 
SER O    O N N 303 
SER CB   C N N 304 
SER OG   O N N 305 
SER OXT  O N N 306 
SER H    H N N 307 
SER H2   H N N 308 
SER HA   H N N 309 
SER HB2  H N N 310 
SER HB3  H N N 311 
SER HG   H N N 312 
SER HXT  H N N 313 
SO4 S    S N N 314 
SO4 O1   O N N 315 
SO4 O2   O N N 316 
SO4 O3   O N N 317 
SO4 O4   O N N 318 
THR N    N N N 319 
THR CA   C N S 320 
THR C    C N N 321 
THR O    O N N 322 
THR CB   C N R 323 
THR OG1  O N N 324 
THR CG2  C N N 325 
THR OXT  O N N 326 
THR H    H N N 327 
THR H2   H N N 328 
THR HA   H N N 329 
THR HB   H N N 330 
THR HG1  H N N 331 
THR HG21 H N N 332 
THR HG22 H N N 333 
THR HG23 H N N 334 
THR HXT  H N N 335 
TRP N    N N N 336 
TRP CA   C N S 337 
TRP C    C N N 338 
TRP O    O N N 339 
TRP CB   C N N 340 
TRP CG   C Y N 341 
TRP CD1  C Y N 342 
TRP CD2  C Y N 343 
TRP NE1  N Y N 344 
TRP CE2  C Y N 345 
TRP CE3  C Y N 346 
TRP CZ2  C Y N 347 
TRP CZ3  C Y N 348 
TRP CH2  C Y N 349 
TRP OXT  O N N 350 
TRP H    H N N 351 
TRP H2   H N N 352 
TRP HA   H N N 353 
TRP HB2  H N N 354 
TRP HB3  H N N 355 
TRP HD1  H N N 356 
TRP HE1  H N N 357 
TRP HE3  H N N 358 
TRP HZ2  H N N 359 
TRP HZ3  H N N 360 
TRP HH2  H N N 361 
TRP HXT  H N N 362 
TYR N    N N N 363 
TYR CA   C N S 364 
TYR C    C N N 365 
TYR O    O N N 366 
TYR CB   C N N 367 
TYR CG   C Y N 368 
TYR CD1  C Y N 369 
TYR CD2  C Y N 370 
TYR CE1  C Y N 371 
TYR CE2  C Y N 372 
TYR CZ   C Y N 373 
TYR OH   O N N 374 
TYR OXT  O N N 375 
TYR H    H N N 376 
TYR H2   H N N 377 
TYR HA   H N N 378 
TYR HB2  H N N 379 
TYR HB3  H N N 380 
TYR HD1  H N N 381 
TYR HD2  H N N 382 
TYR HE1  H N N 383 
TYR HE2  H N N 384 
TYR HH   H N N 385 
TYR HXT  H N N 386 
VAL N    N N N 387 
VAL CA   C N S 388 
VAL C    C N N 389 
VAL O    O N N 390 
VAL CB   C N N 391 
VAL CG1  C N N 392 
VAL CG2  C N N 393 
VAL OXT  O N N 394 
VAL H    H N N 395 
VAL H2   H N N 396 
VAL HA   H N N 397 
VAL HB   H N N 398 
VAL HG11 H N N 399 
VAL HG12 H N N 400 
VAL HG13 H N N 401 
VAL HG21 H N N 402 
VAL HG22 H N N 403 
VAL HG23 H N N 404 
VAL HXT  H N N 405 
# 
loop_
_chem_comp_bond.comp_id 
_chem_comp_bond.atom_id_1 
_chem_comp_bond.atom_id_2 
_chem_comp_bond.value_order 
_chem_comp_bond.pdbx_aromatic_flag 
_chem_comp_bond.pdbx_stereo_config 
_chem_comp_bond.pdbx_ordinal 
ALA N   CA   sing N N 1   
ALA N   H    sing N N 2   
ALA N   H2   sing N N 3   
ALA CA  C    sing N N 4   
ALA CA  CB   sing N N 5   
ALA CA  HA   sing N N 6   
ALA C   O    doub N N 7   
ALA C   OXT  sing N N 8   
ALA CB  HB1  sing N N 9   
ALA CB  HB2  sing N N 10  
ALA CB  HB3  sing N N 11  
ALA OXT HXT  sing N N 12  
ARG N   CA   sing N N 13  
ARG N   H    sing N N 14  
ARG N   H2   sing N N 15  
ARG CA  C    sing N N 16  
ARG CA  CB   sing N N 17  
ARG CA  HA   sing N N 18  
ARG C   O    doub N N 19  
ARG C   OXT  sing N N 20  
ARG CB  CG   sing N N 21  
ARG CB  HB2  sing N N 22  
ARG CB  HB3  sing N N 23  
ARG CG  CD   sing N N 24  
ARG CG  HG2  sing N N 25  
ARG CG  HG3  sing N N 26  
ARG CD  NE   sing N N 27  
ARG CD  HD2  sing N N 28  
ARG CD  HD3  sing N N 29  
ARG NE  CZ   sing N N 30  
ARG NE  HE   sing N N 31  
ARG CZ  NH1  sing N N 32  
ARG CZ  NH2  doub N N 33  
ARG NH1 HH11 sing N N 34  
ARG NH1 HH12 sing N N 35  
ARG NH2 HH21 sing N N 36  
ARG NH2 HH22 sing N N 37  
ARG OXT HXT  sing N N 38  
ASN N   CA   sing N N 39  
ASN N   H    sing N N 40  
ASN N   H2   sing N N 41  
ASN CA  C    sing N N 42  
ASN CA  CB   sing N N 43  
ASN CA  HA   sing N N 44  
ASN C   O    doub N N 45  
ASN C   OXT  sing N N 46  
ASN CB  CG   sing N N 47  
ASN CB  HB2  sing N N 48  
ASN CB  HB3  sing N N 49  
ASN CG  OD1  doub N N 50  
ASN CG  ND2  sing N N 51  
ASN ND2 HD21 sing N N 52  
ASN ND2 HD22 sing N N 53  
ASN OXT HXT  sing N N 54  
ASP N   CA   sing N N 55  
ASP N   H    sing N N 56  
ASP N   H2   sing N N 57  
ASP CA  C    sing N N 58  
ASP CA  CB   sing N N 59  
ASP CA  HA   sing N N 60  
ASP C   O    doub N N 61  
ASP C   OXT  sing N N 62  
ASP CB  CG   sing N N 63  
ASP CB  HB2  sing N N 64  
ASP CB  HB3  sing N N 65  
ASP CG  OD1  doub N N 66  
ASP CG  OD2  sing N N 67  
ASP OD2 HD2  sing N N 68  
ASP OXT HXT  sing N N 69  
GLC C1  C2   sing N N 70  
GLC C1  O1   sing N N 71  
GLC C1  O5   sing N N 72  
GLC C1  H1   sing N N 73  
GLC C2  C3   sing N N 74  
GLC C2  O2   sing N N 75  
GLC C2  H2   sing N N 76  
GLC C3  C4   sing N N 77  
GLC C3  O3   sing N N 78  
GLC C3  H3   sing N N 79  
GLC C4  C5   sing N N 80  
GLC C4  O4   sing N N 81  
GLC C4  H4   sing N N 82  
GLC C5  C6   sing N N 83  
GLC C5  O5   sing N N 84  
GLC C5  H5   sing N N 85  
GLC C6  O6   sing N N 86  
GLC C6  H61  sing N N 87  
GLC C6  H62  sing N N 88  
GLC O1  HO1  sing N N 89  
GLC O2  HO2  sing N N 90  
GLC O3  HO3  sing N N 91  
GLC O4  HO4  sing N N 92  
GLC O6  HO6  sing N N 93  
GLN N   CA   sing N N 94  
GLN N   H    sing N N 95  
GLN N   H2   sing N N 96  
GLN CA  C    sing N N 97  
GLN CA  CB   sing N N 98  
GLN CA  HA   sing N N 99  
GLN C   O    doub N N 100 
GLN C   OXT  sing N N 101 
GLN CB  CG   sing N N 102 
GLN CB  HB2  sing N N 103 
GLN CB  HB3  sing N N 104 
GLN CG  CD   sing N N 105 
GLN CG  HG2  sing N N 106 
GLN CG  HG3  sing N N 107 
GLN CD  OE1  doub N N 108 
GLN CD  NE2  sing N N 109 
GLN NE2 HE21 sing N N 110 
GLN NE2 HE22 sing N N 111 
GLN OXT HXT  sing N N 112 
GLU N   CA   sing N N 113 
GLU N   H    sing N N 114 
GLU N   H2   sing N N 115 
GLU CA  C    sing N N 116 
GLU CA  CB   sing N N 117 
GLU CA  HA   sing N N 118 
GLU C   O    doub N N 119 
GLU C   OXT  sing N N 120 
GLU CB  CG   sing N N 121 
GLU CB  HB2  sing N N 122 
GLU CB  HB3  sing N N 123 
GLU CG  CD   sing N N 124 
GLU CG  HG2  sing N N 125 
GLU CG  HG3  sing N N 126 
GLU CD  OE1  doub N N 127 
GLU CD  OE2  sing N N 128 
GLU OE2 HE2  sing N N 129 
GLU OXT HXT  sing N N 130 
GLY N   CA   sing N N 131 
GLY N   H    sing N N 132 
GLY N   H2   sing N N 133 
GLY CA  C    sing N N 134 
GLY CA  HA2  sing N N 135 
GLY CA  HA3  sing N N 136 
GLY C   O    doub N N 137 
GLY C   OXT  sing N N 138 
GLY OXT HXT  sing N N 139 
HIS N   CA   sing N N 140 
HIS N   H    sing N N 141 
HIS N   H2   sing N N 142 
HIS CA  C    sing N N 143 
HIS CA  CB   sing N N 144 
HIS CA  HA   sing N N 145 
HIS C   O    doub N N 146 
HIS C   OXT  sing N N 147 
HIS CB  CG   sing N N 148 
HIS CB  HB2  sing N N 149 
HIS CB  HB3  sing N N 150 
HIS CG  ND1  sing Y N 151 
HIS CG  CD2  doub Y N 152 
HIS ND1 CE1  doub Y N 153 
HIS ND1 HD1  sing N N 154 
HIS CD2 NE2  sing Y N 155 
HIS CD2 HD2  sing N N 156 
HIS CE1 NE2  sing Y N 157 
HIS CE1 HE1  sing N N 158 
HIS NE2 HE2  sing N N 159 
HIS OXT HXT  sing N N 160 
HOH O   H1   sing N N 161 
HOH O   H2   sing N N 162 
ILE N   CA   sing N N 163 
ILE N   H    sing N N 164 
ILE N   H2   sing N N 165 
ILE CA  C    sing N N 166 
ILE CA  CB   sing N N 167 
ILE CA  HA   sing N N 168 
ILE C   O    doub N N 169 
ILE C   OXT  sing N N 170 
ILE CB  CG1  sing N N 171 
ILE CB  CG2  sing N N 172 
ILE CB  HB   sing N N 173 
ILE CG1 CD1  sing N N 174 
ILE CG1 HG12 sing N N 175 
ILE CG1 HG13 sing N N 176 
ILE CG2 HG21 sing N N 177 
ILE CG2 HG22 sing N N 178 
ILE CG2 HG23 sing N N 179 
ILE CD1 HD11 sing N N 180 
ILE CD1 HD12 sing N N 181 
ILE CD1 HD13 sing N N 182 
ILE OXT HXT  sing N N 183 
LEU N   CA   sing N N 184 
LEU N   H    sing N N 185 
LEU N   H2   sing N N 186 
LEU CA  C    sing N N 187 
LEU CA  CB   sing N N 188 
LEU CA  HA   sing N N 189 
LEU C   O    doub N N 190 
LEU C   OXT  sing N N 191 
LEU CB  CG   sing N N 192 
LEU CB  HB2  sing N N 193 
LEU CB  HB3  sing N N 194 
LEU CG  CD1  sing N N 195 
LEU CG  CD2  sing N N 196 
LEU CG  HG   sing N N 197 
LEU CD1 HD11 sing N N 198 
LEU CD1 HD12 sing N N 199 
LEU CD1 HD13 sing N N 200 
LEU CD2 HD21 sing N N 201 
LEU CD2 HD22 sing N N 202 
LEU CD2 HD23 sing N N 203 
LEU OXT HXT  sing N N 204 
LYS N   CA   sing N N 205 
LYS N   H    sing N N 206 
LYS N   H2   sing N N 207 
LYS CA  C    sing N N 208 
LYS CA  CB   sing N N 209 
LYS CA  HA   sing N N 210 
LYS C   O    doub N N 211 
LYS C   OXT  sing N N 212 
LYS CB  CG   sing N N 213 
LYS CB  HB2  sing N N 214 
LYS CB  HB3  sing N N 215 
LYS CG  CD   sing N N 216 
LYS CG  HG2  sing N N 217 
LYS CG  HG3  sing N N 218 
LYS CD  CE   sing N N 219 
LYS CD  HD2  sing N N 220 
LYS CD  HD3  sing N N 221 
LYS CE  NZ   sing N N 222 
LYS CE  HE2  sing N N 223 
LYS CE  HE3  sing N N 224 
LYS NZ  HZ1  sing N N 225 
LYS NZ  HZ2  sing N N 226 
LYS NZ  HZ3  sing N N 227 
LYS OXT HXT  sing N N 228 
MET N   CA   sing N N 229 
MET N   H    sing N N 230 
MET N   H2   sing N N 231 
MET CA  C    sing N N 232 
MET CA  CB   sing N N 233 
MET CA  HA   sing N N 234 
MET C   O    doub N N 235 
MET C   OXT  sing N N 236 
MET CB  CG   sing N N 237 
MET CB  HB2  sing N N 238 
MET CB  HB3  sing N N 239 
MET CG  SD   sing N N 240 
MET CG  HG2  sing N N 241 
MET CG  HG3  sing N N 242 
MET SD  CE   sing N N 243 
MET CE  HE1  sing N N 244 
MET CE  HE2  sing N N 245 
MET CE  HE3  sing N N 246 
MET OXT HXT  sing N N 247 
PHE N   CA   sing N N 248 
PHE N   H    sing N N 249 
PHE N   H2   sing N N 250 
PHE CA  C    sing N N 251 
PHE CA  CB   sing N N 252 
PHE CA  HA   sing N N 253 
PHE C   O    doub N N 254 
PHE C   OXT  sing N N 255 
PHE CB  CG   sing N N 256 
PHE CB  HB2  sing N N 257 
PHE CB  HB3  sing N N 258 
PHE CG  CD1  doub Y N 259 
PHE CG  CD2  sing Y N 260 
PHE CD1 CE1  sing Y N 261 
PHE CD1 HD1  sing N N 262 
PHE CD2 CE2  doub Y N 263 
PHE CD2 HD2  sing N N 264 
PHE CE1 CZ   doub Y N 265 
PHE CE1 HE1  sing N N 266 
PHE CE2 CZ   sing Y N 267 
PHE CE2 HE2  sing N N 268 
PHE CZ  HZ   sing N N 269 
PHE OXT HXT  sing N N 270 
PRO N   CA   sing N N 271 
PRO N   CD   sing N N 272 
PRO N   H    sing N N 273 
PRO CA  C    sing N N 274 
PRO CA  CB   sing N N 275 
PRO CA  HA   sing N N 276 
PRO C   O    doub N N 277 
PRO C   OXT  sing N N 278 
PRO CB  CG   sing N N 279 
PRO CB  HB2  sing N N 280 
PRO CB  HB3  sing N N 281 
PRO CG  CD   sing N N 282 
PRO CG  HG2  sing N N 283 
PRO CG  HG3  sing N N 284 
PRO CD  HD2  sing N N 285 
PRO CD  HD3  sing N N 286 
PRO OXT HXT  sing N N 287 
SER N   CA   sing N N 288 
SER N   H    sing N N 289 
SER N   H2   sing N N 290 
SER CA  C    sing N N 291 
SER CA  CB   sing N N 292 
SER CA  HA   sing N N 293 
SER C   O    doub N N 294 
SER C   OXT  sing N N 295 
SER CB  OG   sing N N 296 
SER CB  HB2  sing N N 297 
SER CB  HB3  sing N N 298 
SER OG  HG   sing N N 299 
SER OXT HXT  sing N N 300 
SO4 S   O1   doub N N 301 
SO4 S   O2   doub N N 302 
SO4 S   O3   sing N N 303 
SO4 S   O4   sing N N 304 
THR N   CA   sing N N 305 
THR N   H    sing N N 306 
THR N   H2   sing N N 307 
THR CA  C    sing N N 308 
THR CA  CB   sing N N 309 
THR CA  HA   sing N N 310 
THR C   O    doub N N 311 
THR C   OXT  sing N N 312 
THR CB  OG1  sing N N 313 
THR CB  CG2  sing N N 314 
THR CB  HB   sing N N 315 
THR OG1 HG1  sing N N 316 
THR CG2 HG21 sing N N 317 
THR CG2 HG22 sing N N 318 
THR CG2 HG23 sing N N 319 
THR OXT HXT  sing N N 320 
TRP N   CA   sing N N 321 
TRP N   H    sing N N 322 
TRP N   H2   sing N N 323 
TRP CA  C    sing N N 324 
TRP CA  CB   sing N N 325 
TRP CA  HA   sing N N 326 
TRP C   O    doub N N 327 
TRP C   OXT  sing N N 328 
TRP CB  CG   sing N N 329 
TRP CB  HB2  sing N N 330 
TRP CB  HB3  sing N N 331 
TRP CG  CD1  doub Y N 332 
TRP CG  CD2  sing Y N 333 
TRP CD1 NE1  sing Y N 334 
TRP CD1 HD1  sing N N 335 
TRP CD2 CE2  doub Y N 336 
TRP CD2 CE3  sing Y N 337 
TRP NE1 CE2  sing Y N 338 
TRP NE1 HE1  sing N N 339 
TRP CE2 CZ2  sing Y N 340 
TRP CE3 CZ3  doub Y N 341 
TRP CE3 HE3  sing N N 342 
TRP CZ2 CH2  doub Y N 343 
TRP CZ2 HZ2  sing N N 344 
TRP CZ3 CH2  sing Y N 345 
TRP CZ3 HZ3  sing N N 346 
TRP CH2 HH2  sing N N 347 
TRP OXT HXT  sing N N 348 
TYR N   CA   sing N N 349 
TYR N   H    sing N N 350 
TYR N   H2   sing N N 351 
TYR CA  C    sing N N 352 
TYR CA  CB   sing N N 353 
TYR CA  HA   sing N N 354 
TYR C   O    doub N N 355 
TYR C   OXT  sing N N 356 
TYR CB  CG   sing N N 357 
TYR CB  HB2  sing N N 358 
TYR CB  HB3  sing N N 359 
TYR CG  CD1  doub Y N 360 
TYR CG  CD2  sing Y N 361 
TYR CD1 CE1  sing Y N 362 
TYR CD1 HD1  sing N N 363 
TYR CD2 CE2  doub Y N 364 
TYR CD2 HD2  sing N N 365 
TYR CE1 CZ   doub Y N 366 
TYR CE1 HE1  sing N N 367 
TYR CE2 CZ   sing Y N 368 
TYR CE2 HE2  sing N N 369 
TYR CZ  OH   sing N N 370 
TYR OH  HH   sing N N 371 
TYR OXT HXT  sing N N 372 
VAL N   CA   sing N N 373 
VAL N   H    sing N N 374 
VAL N   H2   sing N N 375 
VAL CA  C    sing N N 376 
VAL CA  CB   sing N N 377 
VAL CA  HA   sing N N 378 
VAL C   O    doub N N 379 
VAL C   OXT  sing N N 380 
VAL CB  CG1  sing N N 381 
VAL CB  CG2  sing N N 382 
VAL CB  HB   sing N N 383 
VAL CG1 HG11 sing N N 384 
VAL CG1 HG12 sing N N 385 
VAL CG1 HG13 sing N N 386 
VAL CG2 HG21 sing N N 387 
VAL CG2 HG22 sing N N 388 
VAL CG2 HG23 sing N N 389 
VAL OXT HXT  sing N N 390 
# 
loop_
_pdbx_entity_branch_list.entity_id 
_pdbx_entity_branch_list.comp_id 
_pdbx_entity_branch_list.num 
_pdbx_entity_branch_list.hetero 
2 GLC 1 n 
2 GLC 2 n 
2 GLC 3 n 
2 GLC 4 n 
2 GLC 5 n 
# 
_atom_sites.entry_id                    2C3X 
_atom_sites.fract_transf_matrix[1][1]   -0.00708286 
_atom_sites.fract_transf_matrix[1][2]   0.00993551 
_atom_sites.fract_transf_matrix[1][3]   0.00947088 
_atom_sites.fract_transf_matrix[2][1]   0.00509964 
_atom_sites.fract_transf_matrix[2][2]   -0.00798989 
_atom_sites.fract_transf_matrix[2][3]   0.01219566 
_atom_sites.fract_transf_matrix[3][1]   0.00440746 
_atom_sites.fract_transf_matrix[3][2]   0.00301557 
_atom_sites.fract_transf_matrix[3][3]   0.00013264 
_atom_sites.fract_transf_vector[1]      0.028936 
_atom_sites.fract_transf_vector[2]      0.726891 
_atom_sites.fract_transf_vector[3]      0.293665 
# 
loop_
_atom_type.symbol 
C 
N 
O 
S 
# 
loop_
_atom_site.group_PDB 
_atom_site.id 
_atom_site.type_symbol 
_atom_site.label_atom_id 
_atom_site.label_alt_id 
_atom_site.label_comp_id 
_atom_site.label_asym_id 
_atom_site.label_entity_id 
_atom_site.label_seq_id 
_atom_site.pdbx_PDB_ins_code 
_atom_site.Cartn_x 
_atom_site.Cartn_y 
_atom_site.Cartn_z 
_atom_site.occupancy 
_atom_site.B_iso_or_equiv 
_atom_site.pdbx_formal_charge 
_atom_site.auth_seq_id 
_atom_site.auth_comp_id 
_atom_site.auth_asym_id 
_atom_site.auth_atom_id 
_atom_site.pdbx_PDB_model_num 
ATOM   1    N N   . THR A 1 10  ? 5.780   -8.227  10.779  1.00 44.53 ? 10   THR A N   1 
ATOM   2    C CA  . THR A 1 10  ? 5.437   -8.135  9.304   1.00 44.94 ? 10   THR A CA  1 
ATOM   3    C C   . THR A 1 10  ? 5.257   -6.714  8.648   1.00 44.36 ? 10   THR A C   1 
ATOM   4    O O   . THR A 1 10  ? 6.057   -6.303  7.764   1.00 43.89 ? 10   THR A O   1 
ATOM   5    C CB  . THR A 1 10  ? 4.296   -9.132  8.914   1.00 45.32 ? 10   THR A CB  1 
ATOM   6    O OG1 . THR A 1 10  ? 4.821   -10.023 7.924   1.00 46.86 ? 10   THR A OG1 1 
ATOM   7    C CG2 . THR A 1 10  ? 3.052   -8.464  8.173   1.00 44.95 ? 10   THR A CG2 1 
ATOM   8    N N   . ASP A 1 11  ? 4.234   -5.968  9.063   1.00 42.99 ? 11   ASP A N   1 
ATOM   9    C CA  . ASP A 1 11  ? 4.088   -4.625  8.537   1.00 41.67 ? 11   ASP A CA  1 
ATOM   10   C C   . ASP A 1 11  ? 5.179   -3.755  9.118   1.00 41.13 ? 11   ASP A C   1 
ATOM   11   O O   . ASP A 1 11  ? 5.766   -4.088  10.176  1.00 41.29 ? 11   ASP A O   1 
ATOM   12   C CB  . ASP A 1 11  ? 2.739   -4.036  8.894   1.00 41.96 ? 11   ASP A CB  1 
ATOM   13   C CG  . ASP A 1 11  ? 1.571   -4.840  8.354   1.00 41.76 ? 11   ASP A CG  1 
ATOM   14   O OD1 . ASP A 1 11  ? 0.511   -4.789  9.040   1.00 42.66 ? 11   ASP A OD1 1 
ATOM   15   O OD2 . ASP A 1 11  ? 1.600   -5.512  7.280   1.00 39.80 ? 11   ASP A OD2 1 
ATOM   16   N N   . ILE A 1 12  ? 5.451   -2.639  8.431   1.00 39.97 ? 12   ILE A N   1 
ATOM   17   C CA  . ILE A 1 12  ? 6.420   -1.633  8.919   1.00 38.43 ? 12   ILE A CA  1 
ATOM   18   C C   . ILE A 1 12  ? 5.683   -0.505  9.677   1.00 37.58 ? 12   ILE A C   1 
ATOM   19   O O   . ILE A 1 12  ? 4.904   0.251   9.093   1.00 37.28 ? 12   ILE A O   1 
ATOM   20   C CB  . ILE A 1 12  ? 7.349   -1.151  7.758   1.00 38.09 ? 12   ILE A CB  1 
ATOM   21   C CG1 . ILE A 1 12  ? 8.058   -2.372  7.147   1.00 37.91 ? 12   ILE A CG1 1 
ATOM   22   C CG2 . ILE A 1 12  ? 8.395   -0.194  8.257   1.00 36.96 ? 12   ILE A CG2 1 
ATOM   23   C CD1 . ILE A 1 12  ? 8.502   -2.206  5.738   1.00 37.90 ? 12   ILE A CD1 1 
ATOM   24   N N   . THR A 1 13  ? 5.854   -0.449  10.992  1.00 36.41 ? 13   THR A N   1 
ATOM   25   C CA  . THR A 1 13  ? 5.191   0.622   11.731  1.00 35.74 ? 13   THR A CA  1 
ATOM   26   C C   . THR A 1 13  ? 6.184   1.649   12.204  1.00 34.99 ? 13   THR A C   1 
ATOM   27   O O   . THR A 1 13  ? 7.233   1.300   12.753  1.00 35.10 ? 13   THR A O   1 
ATOM   28   C CB  . THR A 1 13  ? 4.411   0.096   12.900  1.00 35.71 ? 13   THR A CB  1 
ATOM   29   O OG1 . THR A 1 13  ? 3.143   -0.348  12.429  1.00 35.86 ? 13   THR A OG1 1 
ATOM   30   C CG2 . THR A 1 13  ? 4.025   1.234   13.797  1.00 34.97 ? 13   THR A CG2 1 
ATOM   31   N N   . ILE A 1 14  ? 5.859   2.917   11.977  1.00 33.65 ? 14   ILE A N   1 
ATOM   32   C CA  . ILE A 1 14  ? 6.797   3.982   12.286  1.00 32.38 ? 14   ILE A CA  1 
ATOM   33   C C   . ILE A 1 14  ? 6.185   5.081   13.132  1.00 32.40 ? 14   ILE A C   1 
ATOM   34   O O   . ILE A 1 14  ? 5.099   5.592   12.836  1.00 32.52 ? 14   ILE A O   1 
ATOM   35   C CB  . ILE A 1 14  ? 7.386   4.560   11.015  1.00 31.73 ? 14   ILE A CB  1 
ATOM   36   C CG1 . ILE A 1 14  ? 8.146   3.473   10.250  1.00 29.76 ? 14   ILE A CG1 1 
ATOM   37   C CG2 . ILE A 1 14  ? 8.262   5.757   11.354  1.00 30.98 ? 14   ILE A CG2 1 
ATOM   38   C CD1 . ILE A 1 14  ? 8.439   3.811   8.831   1.00 22.95 ? 14   ILE A CD1 1 
ATOM   39   N N   . TYR A 1 15  ? 6.891   5.410   14.205  1.00 31.94 ? 15   TYR A N   1 
ATOM   40   C CA  . TYR A 1 15  ? 6.608   6.591   14.991  1.00 31.49 ? 15   TYR A CA  1 
ATOM   41   C C   . TYR A 1 15  ? 7.687   7.583   14.655  1.00 32.25 ? 15   TYR A C   1 
ATOM   42   O O   . TYR A 1 15  ? 8.839   7.221   14.565  1.00 32.20 ? 15   TYR A O   1 
ATOM   43   C CB  . TYR A 1 15  ? 6.582   6.267   16.468  1.00 30.51 ? 15   TYR A CB  1 
ATOM   44   C CG  . TYR A 1 15  ? 5.287   5.583   16.874  1.00 28.33 ? 15   TYR A CG  1 
ATOM   45   C CD1 . TYR A 1 15  ? 4.317   6.260   17.618  1.00 27.51 ? 15   TYR A CD1 1 
ATOM   46   C CD2 . TYR A 1 15  ? 5.028   4.255   16.528  1.00 25.96 ? 15   TYR A CD2 1 
ATOM   47   C CE1 . TYR A 1 15  ? 3.128   5.626   18.010  1.00 24.66 ? 15   TYR A CE1 1 
ATOM   48   C CE2 . TYR A 1 15  ? 3.834   3.622   16.909  1.00 22.82 ? 15   TYR A CE2 1 
ATOM   49   C CZ  . TYR A 1 15  ? 2.902   4.318   17.644  1.00 23.02 ? 15   TYR A CZ  1 
ATOM   50   O OH  . TYR A 1 15  ? 1.728   3.718   18.016  1.00 23.38 ? 15   TYR A OH  1 
ATOM   51   N N   . TYR A 1 16  ? 7.301   8.824   14.389  1.00 33.15 ? 16   TYR A N   1 
ATOM   52   C CA  . TYR A 1 16  ? 8.242   9.810   13.909  1.00 33.95 ? 16   TYR A CA  1 
ATOM   53   C C   . TYR A 1 16  ? 8.013   11.040  14.759  1.00 34.99 ? 16   TYR A C   1 
ATOM   54   O O   . TYR A 1 16  ? 6.871   11.451  14.948  1.00 35.92 ? 16   TYR A O   1 
ATOM   55   C CB  . TYR A 1 16  ? 8.021   10.073  12.417  1.00 33.49 ? 16   TYR A CB  1 
ATOM   56   C CG  . TYR A 1 16  ? 8.864   11.206  11.847  1.00 34.58 ? 16   TYR A CG  1 
ATOM   57   C CD1 . TYR A 1 16  ? 10.257  11.097  11.755  1.00 35.26 ? 16   TYR A CD1 1 
ATOM   58   C CD2 . TYR A 1 16  ? 8.277   12.378  11.390  1.00 34.35 ? 16   TYR A CD2 1 
ATOM   59   C CE1 . TYR A 1 16  ? 11.054  12.132  11.236  1.00 35.00 ? 16   TYR A CE1 1 
ATOM   60   C CE2 . TYR A 1 16  ? 9.069   13.419  10.871  1.00 36.73 ? 16   TYR A CE2 1 
ATOM   61   C CZ  . TYR A 1 16  ? 10.461  13.295  10.805  1.00 35.48 ? 16   TYR A CZ  1 
ATOM   62   O OH  . TYR A 1 16  ? 11.231  14.325  10.296  1.00 33.18 ? 16   TYR A OH  1 
ATOM   63   N N   . LYS A 1 17  ? 9.085   11.594  15.319  1.00 35.85 ? 17   LYS A N   1 
ATOM   64   C CA  . LYS A 1 17  ? 8.985   12.771  16.177  1.00 36.62 ? 17   LYS A CA  1 
ATOM   65   C C   . LYS A 1 17  ? 9.081   14.036  15.318  1.00 37.33 ? 17   LYS A C   1 
ATOM   66   O O   . LYS A 1 17  ? 9.990   14.172  14.479  1.00 37.73 ? 17   LYS A O   1 
ATOM   67   C CB  . LYS A 1 17  ? 10.081  12.725  17.224  1.00 36.48 ? 17   LYS A CB  1 
ATOM   68   C CG  . LYS A 1 17  ? 10.280  14.017  17.973  1.00 38.15 ? 17   LYS A CG  1 
ATOM   69   C CD  . LYS A 1 17  ? 11.570  13.957  18.816  1.00 42.31 ? 17   LYS A CD  1 
ATOM   70   C CE  . LYS A 1 17  ? 11.406  14.543  20.230  1.00 43.26 ? 17   LYS A CE  1 
ATOM   71   N NZ  . LYS A 1 17  ? 12.513  15.505  20.469  1.00 44.93 ? 17   LYS A NZ  1 
ATOM   72   N N   . THR A 1 18  ? 8.133   14.950  15.499  1.00 37.61 ? 18   THR A N   1 
ATOM   73   C CA  . THR A 1 18  ? 8.062   16.145  14.666  1.00 37.94 ? 18   THR A CA  1 
ATOM   74   C C   . THR A 1 18  ? 6.998   17.093  15.171  1.00 38.87 ? 18   THR A C   1 
ATOM   75   O O   . THR A 1 18  ? 6.013   16.649  15.788  1.00 38.30 ? 18   THR A O   1 
ATOM   76   C CB  . THR A 1 18  ? 7.762   15.812  13.179  1.00 37.89 ? 18   THR A CB  1 
ATOM   77   O OG1 . THR A 1 18  ? 7.838   17.008  12.387  1.00 38.02 ? 18   THR A OG1 1 
ATOM   78   C CG2 . THR A 1 18  ? 6.300   15.368  12.969  1.00 37.92 ? 18   THR A CG2 1 
ATOM   79   N N   . GLY A 1 19  ? 7.218   18.388  14.876  1.00 39.57 ? 19   GLY A N   1 
ATOM   80   C CA  . GLY A 1 19  ? 6.279   19.469  15.131  1.00 39.76 ? 19   GLY A CA  1 
ATOM   81   C C   . GLY A 1 19  ? 5.481   19.867  13.898  1.00 40.02 ? 19   GLY A C   1 
ATOM   82   O O   . GLY A 1 19  ? 4.489   20.573  14.015  1.00 39.93 ? 19   GLY A O   1 
ATOM   83   N N   . TRP A 1 20  ? 5.915   19.402  12.729  1.00 40.21 ? 20   TRP A N   1 
ATOM   84   C CA  . TRP A 1 20  ? 5.245   19.644  11.458  1.00 40.72 ? 20   TRP A CA  1 
ATOM   85   C C   . TRP A 1 20  ? 3.776   19.317  11.543  1.00 41.52 ? 20   TRP A C   1 
ATOM   86   O O   . TRP A 1 20  ? 3.411   18.342  12.209  1.00 42.52 ? 20   TRP A O   1 
ATOM   87   C CB  . TRP A 1 20  ? 5.851   18.715  10.436  1.00 40.64 ? 20   TRP A CB  1 
ATOM   88   C CG  . TRP A 1 20  ? 7.186   19.146  9.934   1.00 40.67 ? 20   TRP A CG  1 
ATOM   89   C CD1 . TRP A 1 20  ? 7.741   20.382  10.044  1.00 38.76 ? 20   TRP A CD1 1 
ATOM   90   C CD2 . TRP A 1 20  ? 8.121   18.348  9.196   1.00 41.26 ? 20   TRP A CD2 1 
ATOM   91   N NE1 . TRP A 1 20  ? 8.964   20.409  9.419   1.00 39.67 ? 20   TRP A NE1 1 
ATOM   92   C CE2 . TRP A 1 20  ? 9.224   19.172  8.887   1.00 41.06 ? 20   TRP A CE2 1 
ATOM   93   C CE3 . TRP A 1 20  ? 8.133   17.017  8.747   1.00 40.56 ? 20   TRP A CE3 1 
ATOM   94   C CZ2 . TRP A 1 20  ? 10.342  18.707  8.169   1.00 39.98 ? 20   TRP A CZ2 1 
ATOM   95   C CZ3 . TRP A 1 20  ? 9.236   16.557  8.039   1.00 40.17 ? 20   TRP A CZ3 1 
ATOM   96   C CH2 . TRP A 1 20  ? 10.328  17.404  7.761   1.00 40.19 ? 20   TRP A CH2 1 
ATOM   97   N N   . THR A 1 21  ? 2.918   20.087  10.879  1.00 41.87 ? 21   THR A N   1 
ATOM   98   C CA  . THR A 1 21  ? 1.480   19.830  11.031  1.00 42.26 ? 21   THR A CA  1 
ATOM   99   C C   . THR A 1 21  ? 0.916   18.922  9.983   1.00 41.77 ? 21   THR A C   1 
ATOM   100  O O   . THR A 1 21  ? -0.067  18.230  10.263  1.00 42.23 ? 21   THR A O   1 
ATOM   101  C CB  . THR A 1 21  ? 0.610   21.093  11.147  1.00 42.81 ? 21   THR A CB  1 
ATOM   102  O OG1 . THR A 1 21  ? 1.405   22.256  10.885  1.00 45.09 ? 21   THR A OG1 1 
ATOM   103  C CG2 . THR A 1 21  ? 0.129   21.270  12.596  1.00 42.53 ? 21   THR A CG2 1 
ATOM   104  N N   . HIS A 1 22  ? 1.484   18.934  8.777   1.00 40.67 ? 22   HIS A N   1 
ATOM   105  C CA  . HIS A 1 22  ? 1.114   17.903  7.810   1.00 40.07 ? 22   HIS A CA  1 
ATOM   106  C C   . HIS A 1 22  ? 2.309   17.004  7.423   1.00 38.49 ? 22   HIS A C   1 
ATOM   107  O O   . HIS A 1 22  ? 2.716   16.978  6.250   1.00 38.36 ? 22   HIS A O   1 
ATOM   108  C CB  . HIS A 1 22  ? 0.353   18.477  6.592   1.00 40.78 ? 22   HIS A CB  1 
ATOM   109  C CG  . HIS A 1 22  ? -0.680  19.507  6.953   1.00 44.71 ? 22   HIS A CG  1 
ATOM   110  N ND1 . HIS A 1 22  ? -1.737  19.243  7.805   1.00 47.61 ? 22   HIS A ND1 1 
ATOM   111  C CD2 . HIS A 1 22  ? -0.811  20.808  6.589   1.00 47.96 ? 22   HIS A CD2 1 
ATOM   112  C CE1 . HIS A 1 22  ? -2.471  20.335  7.954   1.00 49.45 ? 22   HIS A CE1 1 
ATOM   113  N NE2 . HIS A 1 22  ? -1.935  21.297  7.222   1.00 50.62 ? 22   HIS A NE2 1 
ATOM   114  N N   . PRO A 1 23  ? 2.875   16.268  8.394   1.00 37.02 ? 23   PRO A N   1 
ATOM   115  C CA  . PRO A 1 23  ? 4.028   15.400  8.102   1.00 35.89 ? 23   PRO A CA  1 
ATOM   116  C C   . PRO A 1 23  ? 3.681   14.266  7.109   1.00 35.26 ? 23   PRO A C   1 
ATOM   117  O O   . PRO A 1 23  ? 2.594   13.679  7.179   1.00 35.16 ? 23   PRO A O   1 
ATOM   118  C CB  . PRO A 1 23  ? 4.392   14.830  9.482   1.00 35.30 ? 23   PRO A CB  1 
ATOM   119  C CG  . PRO A 1 23  ? 3.173   14.916  10.268  1.00 35.74 ? 23   PRO A CG  1 
ATOM   120  C CD  . PRO A 1 23  ? 2.494   16.188  9.821   1.00 36.66 ? 23   PRO A CD  1 
ATOM   121  N N   . HIS A 1 24  ? 4.599   13.978  6.196   1.00 34.10 ? 24   HIS A N   1 
ATOM   122  C CA  . HIS A 1 24  ? 4.448   12.868  5.280   1.00 33.38 ? 24   HIS A CA  1 
ATOM   123  C C   . HIS A 1 24  ? 5.719   11.983  5.279   1.00 33.17 ? 24   HIS A C   1 
ATOM   124  O O   . HIS A 1 24  ? 6.861   12.461  5.447   1.00 32.90 ? 24   HIS A O   1 
ATOM   125  C CB  . HIS A 1 24  ? 4.220   13.400  3.863   1.00 33.57 ? 24   HIS A CB  1 
ATOM   126  C CG  . HIS A 1 24  ? 2.870   14.019  3.634   1.00 35.63 ? 24   HIS A CG  1 
ATOM   127  N ND1 . HIS A 1 24  ? 2.466   15.192  4.241   1.00 35.14 ? 24   HIS A ND1 1 
ATOM   128  C CD2 . HIS A 1 24  ? 1.838   13.638  2.831   1.00 36.28 ? 24   HIS A CD2 1 
ATOM   129  C CE1 . HIS A 1 24  ? 1.245   15.495  3.835   1.00 35.40 ? 24   HIS A CE1 1 
ATOM   130  N NE2 . HIS A 1 24  ? 0.841   14.569  2.979   1.00 34.35 ? 24   HIS A NE2 1 
ATOM   131  N N   . ILE A 1 25  ? 5.517   10.686  5.071   1.00 32.65 ? 25   ILE A N   1 
ATOM   132  C CA  . ILE A 1 25  ? 6.600   9.771   4.751   1.00 31.94 ? 25   ILE A CA  1 
ATOM   133  C C   . ILE A 1 25  ? 6.492   9.426   3.267   1.00 31.97 ? 25   ILE A C   1 
ATOM   134  O O   . ILE A 1 25  ? 5.424   9.075   2.762   1.00 31.14 ? 25   ILE A O   1 
ATOM   135  C CB  . ILE A 1 25  ? 6.549   8.518   5.659   1.00 32.01 ? 25   ILE A CB  1 
ATOM   136  C CG1 . ILE A 1 25  ? 7.719   7.577   5.367   1.00 31.78 ? 25   ILE A CG1 1 
ATOM   137  C CG2 . ILE A 1 25  ? 5.207   7.798   5.558   1.00 30.91 ? 25   ILE A CG2 1 
ATOM   138  C CD1 . ILE A 1 25  ? 7.655   6.327   6.194   1.00 31.35 ? 25   ILE A CD1 1 
ATOM   139  N N   . HIS A 1 26  ? 7.597   9.581   2.568   1.00 32.13 ? 26   HIS A N   1 
ATOM   140  C CA  . HIS A 1 26  ? 7.624   9.341   1.134   1.00 32.96 ? 26   HIS A CA  1 
ATOM   141  C C   . HIS A 1 26  ? 8.635   8.207   1.033   1.00 33.56 ? 26   HIS A C   1 
ATOM   142  O O   . HIS A 1 26  ? 9.749   8.341   1.538   1.00 34.44 ? 26   HIS A O   1 
ATOM   143  C CB  . HIS A 1 26  ? 8.040   10.643  0.420   1.00 32.62 ? 26   HIS A CB  1 
ATOM   144  C CG  . HIS A 1 26  ? 8.528   10.467  -0.981  1.00 32.48 ? 26   HIS A CG  1 
ATOM   145  N ND1 . HIS A 1 26  ? 7.708   10.083  -2.020  1.00 33.81 ? 26   HIS A ND1 1 
ATOM   146  C CD2 . HIS A 1 26  ? 9.748   10.665  -1.525  1.00 32.09 ? 26   HIS A CD2 1 
ATOM   147  C CE1 . HIS A 1 26  ? 8.409   10.017  -3.136  1.00 31.76 ? 26   HIS A CE1 1 
ATOM   148  N NE2 . HIS A 1 26  ? 9.651   10.365  -2.861  1.00 32.80 ? 26   HIS A NE2 1 
ATOM   149  N N   . TYR A 1 27  ? 8.237   7.064   0.473   1.00 33.56 ? 27   TYR A N   1 
ATOM   150  C CA  . TYR A 1 27  ? 9.072   5.865   0.572   1.00 33.87 ? 27   TYR A CA  1 
ATOM   151  C C   . TYR A 1 27  ? 9.084   4.992   -0.672  1.00 35.11 ? 27   TYR A C   1 
ATOM   152  O O   . TYR A 1 27  ? 8.217   5.120   -1.556  1.00 35.58 ? 27   TYR A O   1 
ATOM   153  C CB  . TYR A 1 27  ? 8.635   5.012   1.751   1.00 33.23 ? 27   TYR A CB  1 
ATOM   154  C CG  . TYR A 1 27  ? 7.217   4.495   1.682   1.00 31.73 ? 27   TYR A CG  1 
ATOM   155  C CD1 . TYR A 1 27  ? 6.915   3.302   1.045   1.00 31.56 ? 27   TYR A CD1 1 
ATOM   156  C CD2 . TYR A 1 27  ? 6.173   5.197   2.285   1.00 32.07 ? 27   TYR A CD2 1 
ATOM   157  C CE1 . TYR A 1 27  ? 5.580   2.817   0.984   1.00 31.09 ? 27   TYR A CE1 1 
ATOM   158  C CE2 . TYR A 1 27  ? 4.845   4.737   2.233   1.00 30.64 ? 27   TYR A CE2 1 
ATOM   159  C CZ  . TYR A 1 27  ? 4.550   3.547   1.583   1.00 30.37 ? 27   TYR A CZ  1 
ATOM   160  O OH  . TYR A 1 27  ? 3.234   3.088   1.566   1.00 28.62 ? 27   TYR A OH  1 
ATOM   161  N N   . SER A 1 28  ? 10.073  4.105   -0.742  1.00 35.69 ? 28   SER A N   1 
ATOM   162  C CA  . SER A 1 28  ? 10.075  3.063   -1.756  1.00 36.45 ? 28   SER A CA  1 
ATOM   163  C C   . SER A 1 28  ? 10.097  1.682   -1.075  1.00 37.36 ? 28   SER A C   1 
ATOM   164  O O   . SER A 1 28  ? 11.113  1.298   -0.486  1.00 37.40 ? 28   SER A O   1 
ATOM   165  C CB  . SER A 1 28  ? 11.251  3.251   -2.714  1.00 36.01 ? 28   SER A CB  1 
ATOM   166  O OG  . SER A 1 28  ? 11.628  2.026   -3.319  1.00 35.39 ? 28   SER A OG  1 
ATOM   167  N N   . LEU A 1 29  ? 8.970   0.952   -1.141  1.00 38.31 ? 29   LEU A N   1 
ATOM   168  C CA  . LEU A 1 29  ? 8.857   -0.384  -0.532  1.00 38.68 ? 29   LEU A CA  1 
ATOM   169  C C   . LEU A 1 29  ? 9.521   -1.519  -1.337  1.00 39.47 ? 29   LEU A C   1 
ATOM   170  O O   . LEU A 1 29  ? 9.332   -1.664  -2.547  1.00 38.72 ? 29   LEU A O   1 
ATOM   171  C CB  . LEU A 1 29  ? 7.412   -0.712  -0.185  1.00 38.13 ? 29   LEU A CB  1 
ATOM   172  C CG  . LEU A 1 29  ? 7.195   -1.995  0.639   1.00 38.34 ? 29   LEU A CG  1 
ATOM   173  C CD1 . LEU A 1 29  ? 7.777   -1.880  2.020   1.00 36.01 ? 29   LEU A CD1 1 
ATOM   174  C CD2 . LEU A 1 29  ? 5.711   -2.313  0.736   1.00 38.13 ? 29   LEU A CD2 1 
ATOM   175  N N   . ASN A 1 30  ? 10.322  -2.314  -0.634  1.00 41.29 ? 30   ASN A N   1 
ATOM   176  C CA  . ASN A 1 30  ? 11.131  -3.356  -1.256  1.00 42.93 ? 30   ASN A CA  1 
ATOM   177  C C   . ASN A 1 30  ? 11.594  -2.967  -2.662  1.00 43.70 ? 30   ASN A C   1 
ATOM   178  O O   . ASN A 1 30  ? 11.329  -3.689  -3.622  1.00 44.13 ? 30   ASN A O   1 
ATOM   179  C CB  . ASN A 1 30  ? 10.367  -4.686  -1.307  1.00 42.78 ? 30   ASN A CB  1 
ATOM   180  C CG  . ASN A 1 30  ? 9.853   -5.112  0.047   1.00 44.70 ? 30   ASN A CG  1 
ATOM   181  O OD1 . ASN A 1 30  ? 10.635  -5.303  0.992   1.00 44.74 ? 30   ASN A OD1 1 
ATOM   182  N ND2 . ASN A 1 30  ? 8.522   -5.238  0.164   1.00 45.97 ? 30   ASN A ND2 1 
ATOM   183  N N   . GLN A 1 31  ? 12.261  -1.819  -2.781  1.00 44.39 ? 31   GLN A N   1 
ATOM   184  C CA  . GLN A 1 31  ? 12.883  -1.390  -4.051  1.00 45.20 ? 31   GLN A CA  1 
ATOM   185  C C   . GLN A 1 31  ? 11.926  -1.144  -5.202  1.00 44.63 ? 31   GLN A C   1 
ATOM   186  O O   . GLN A 1 31  ? 12.335  -1.191  -6.355  1.00 45.36 ? 31   GLN A O   1 
ATOM   187  C CB  . GLN A 1 31  ? 13.944  -2.385  -4.506  1.00 45.39 ? 31   GLN A CB  1 
ATOM   188  C CG  . GLN A 1 31  ? 14.605  -3.074  -3.349  1.00 49.86 ? 31   GLN A CG  1 
ATOM   189  C CD  . GLN A 1 31  ? 15.999  -2.550  -3.083  1.00 54.87 ? 31   GLN A CD  1 
ATOM   190  O OE1 . GLN A 1 31  ? 16.948  -3.327  -3.094  1.00 58.14 ? 31   GLN A OE1 1 
ATOM   191  N NE2 . GLN A 1 31  ? 16.131  -1.243  -2.832  1.00 56.16 ? 31   GLN A NE2 1 
ATOM   192  N N   . GLY A 1 32  ? 10.659  -0.875  -4.904  1.00 44.25 ? 32   GLY A N   1 
ATOM   193  C CA  . GLY A 1 32  ? 9.677   -0.672  -5.951  1.00 42.84 ? 32   GLY A CA  1 
ATOM   194  C C   . GLY A 1 32  ? 9.461   0.803   -6.184  1.00 42.24 ? 32   GLY A C   1 
ATOM   195  O O   . GLY A 1 32  ? 10.237  1.651   -5.716  1.00 42.41 ? 32   GLY A O   1 
ATOM   196  N N   . ALA A 1 33  ? 8.400   1.106   -6.922  1.00 41.06 ? 33   ALA A N   1 
ATOM   197  C CA  . ALA A 1 33  ? 7.940   2.464   -7.091  1.00 39.87 ? 33   ALA A CA  1 
ATOM   198  C C   . ALA A 1 33  ? 8.008   3.273   -5.781  1.00 39.33 ? 33   ALA A C   1 
ATOM   199  O O   . ALA A 1 33  ? 7.737   2.767   -4.683  1.00 38.79 ? 33   ALA A O   1 
ATOM   200  C CB  . ALA A 1 33  ? 6.543   2.453   -7.626  1.00 40.20 ? 33   ALA A CB  1 
ATOM   201  N N   . TRP A 1 34  ? 8.412   4.531   -5.924  1.00 38.33 ? 34   TRP A N   1 
ATOM   202  C CA  . TRP A 1 34  ? 8.376   5.489   -4.852  1.00 37.62 ? 34   TRP A CA  1 
ATOM   203  C C   . TRP A 1 34  ? 6.908   5.946   -4.757  1.00 37.61 ? 34   TRP A C   1 
ATOM   204  O O   . TRP A 1 34  ? 6.209   5.983   -5.787  1.00 37.37 ? 34   TRP A O   1 
ATOM   205  C CB  . TRP A 1 34  ? 9.351   6.651   -5.166  1.00 36.83 ? 34   TRP A CB  1 
ATOM   206  C CG  . TRP A 1 34  ? 10.774  6.374   -4.695  1.00 36.29 ? 34   TRP A CG  1 
ATOM   207  C CD1 . TRP A 1 34  ? 11.755  5.717   -5.387  1.00 36.63 ? 34   TRP A CD1 1 
ATOM   208  C CD2 . TRP A 1 34  ? 11.369  6.731   -3.425  1.00 35.73 ? 34   TRP A CD2 1 
ATOM   209  N NE1 . TRP A 1 34  ? 12.912  5.639   -4.639  1.00 36.16 ? 34   TRP A NE1 1 
ATOM   210  C CE2 . TRP A 1 34  ? 12.704  6.257   -3.433  1.00 35.16 ? 34   TRP A CE2 1 
ATOM   211  C CE3 . TRP A 1 34  ? 10.912  7.418   -2.287  1.00 35.20 ? 34   TRP A CE3 1 
ATOM   212  C CZ2 . TRP A 1 34  ? 13.574  6.444   -2.360  1.00 34.32 ? 34   TRP A CZ2 1 
ATOM   213  C CZ3 . TRP A 1 34  ? 11.772  7.598   -1.219  1.00 34.72 ? 34   TRP A CZ3 1 
ATOM   214  C CH2 . TRP A 1 34  ? 13.091  7.115   -1.264  1.00 36.07 ? 34   TRP A CH2 1 
ATOM   215  N N   . THR A 1 35  ? 6.435   6.278   -3.550  1.00 37.20 ? 35   THR A N   1 
ATOM   216  C CA  . THR A 1 35  ? 5.081   6.840   -3.375  1.00 37.32 ? 35   THR A CA  1 
ATOM   217  C C   . THR A 1 35  ? 4.892   8.139   -4.194  1.00 37.73 ? 35   THR A C   1 
ATOM   218  O O   . THR A 1 35  ? 5.858   8.824   -4.513  1.00 37.79 ? 35   THR A O   1 
ATOM   219  C CB  . THR A 1 35  ? 4.801   7.133   -1.887  1.00 37.11 ? 35   THR A CB  1 
ATOM   220  O OG1 . THR A 1 35  ? 5.985   7.671   -1.291  1.00 37.70 ? 35   THR A OG1 1 
ATOM   221  C CG2 . THR A 1 35  ? 4.540   5.853   -1.084  1.00 35.31 ? 35   THR A CG2 1 
ATOM   222  N N   . THR A 1 36  ? 3.668   8.507   -4.541  1.00 37.87 ? 36   THR A N   1 
ATOM   223  C CA  . THR A 1 36  ? 3.540   9.800   -5.197  1.00 38.37 ? 36   THR A CA  1 
ATOM   224  C C   . THR A 1 36  ? 3.677   10.978  -4.193  1.00 38.25 ? 36   THR A C   1 
ATOM   225  O O   . THR A 1 36  ? 3.019   10.985  -3.136  1.00 38.59 ? 36   THR A O   1 
ATOM   226  C CB  . THR A 1 36  ? 2.260   9.905   -6.050  1.00 38.50 ? 36   THR A CB  1 
ATOM   227  O OG1 . THR A 1 36  ? 1.462   10.994  -5.561  1.00 39.03 ? 36   THR A OG1 1 
ATOM   228  C CG2 . THR A 1 36  ? 1.362   8.688   -5.882  1.00 38.47 ? 36   THR A CG2 1 
ATOM   229  N N   . LEU A 1 37  ? 4.519   11.958  -4.527  1.00 37.48 ? 37   LEU A N   1 
ATOM   230  C CA  . LEU A 1 37  ? 4.808   13.088  -3.625  1.00 37.41 ? 37   LEU A CA  1 
ATOM   231  C C   . LEU A 1 37  ? 3.559   13.874  -3.226  1.00 37.24 ? 37   LEU A C   1 
ATOM   232  O O   . LEU A 1 37  ? 2.645   14.040  -4.049  1.00 37.21 ? 37   LEU A O   1 
ATOM   233  C CB  . LEU A 1 37  ? 5.828   14.049  -4.253  1.00 37.38 ? 37   LEU A CB  1 
ATOM   234  C CG  . LEU A 1 37  ? 7.199   13.476  -4.613  1.00 36.87 ? 37   LEU A CG  1 
ATOM   235  C CD1 . LEU A 1 37  ? 7.832   14.321  -5.693  1.00 36.54 ? 37   LEU A CD1 1 
ATOM   236  C CD2 . LEU A 1 37  ? 8.091   13.385  -3.379  1.00 35.01 ? 37   LEU A CD2 1 
ATOM   237  N N   . PRO A 1 38  ? 3.503   14.364  -1.984  1.00 37.03 ? 38   PRO A N   1 
ATOM   238  C CA  . PRO A 1 38  ? 4.596   14.277  -0.997  1.00 37.34 ? 38   PRO A CA  1 
ATOM   239  C C   . PRO A 1 38  ? 4.703   12.957  -0.159  1.00 37.91 ? 38   PRO A C   1 
ATOM   240  O O   . PRO A 1 38  ? 5.407   12.921  0.889   1.00 37.87 ? 38   PRO A O   1 
ATOM   241  C CB  . PRO A 1 38  ? 4.273   15.450  -0.056  1.00 37.15 ? 38   PRO A CB  1 
ATOM   242  C CG  . PRO A 1 38  ? 2.798   15.562  -0.107  1.00 36.60 ? 38   PRO A CG  1 
ATOM   243  C CD  . PRO A 1 38  ? 2.324   15.062  -1.438  1.00 36.45 ? 38   PRO A CD  1 
ATOM   244  N N   . GLY A 1 39  ? 4.018   11.901  -0.602  1.00 37.68 ? 39   GLY A N   1 
ATOM   245  C CA  . GLY A 1 39  ? 3.939   10.674  0.173   1.00 37.77 ? 39   GLY A CA  1 
ATOM   246  C C   . GLY A 1 39  ? 2.652   10.481  0.976   1.00 37.35 ? 39   GLY A C   1 
ATOM   247  O O   . GLY A 1 39  ? 1.669   11.186  0.784   1.00 37.62 ? 39   GLY A O   1 
ATOM   248  N N   . VAL A 1 40  ? 2.688   9.515   1.885   1.00 37.00 ? 40   VAL A N   1 
ATOM   249  C CA  . VAL A 1 40  ? 1.559   9.117   2.707   1.00 36.65 ? 40   VAL A CA  1 
ATOM   250  C C   . VAL A 1 40  ? 1.599   9.944   3.972   1.00 36.57 ? 40   VAL A C   1 
ATOM   251  O O   . VAL A 1 40  ? 2.634   9.978   4.604   1.00 37.29 ? 40   VAL A O   1 
ATOM   252  C CB  . VAL A 1 40  ? 1.715   7.617   3.103   1.00 36.72 ? 40   VAL A CB  1 
ATOM   253  C CG1 . VAL A 1 40  ? 0.689   7.191   4.157   1.00 36.12 ? 40   VAL A CG1 1 
ATOM   254  C CG2 . VAL A 1 40  ? 1.634   6.707   1.857   1.00 37.15 ? 40   VAL A CG2 1 
ATOM   255  N N   . PRO A 1 41  ? 0.505   10.599  4.364   1.00 36.31 ? 41   PRO A N   1 
ATOM   256  C CA  . PRO A 1 41  ? 0.529   11.431  5.573   1.00 36.36 ? 41   PRO A CA  1 
ATOM   257  C C   . PRO A 1 41  ? 0.564   10.613  6.874   1.00 36.81 ? 41   PRO A C   1 
ATOM   258  O O   . PRO A 1 41  ? -0.111  9.604   6.977   1.00 36.51 ? 41   PRO A O   1 
ATOM   259  C CB  . PRO A 1 41  ? -0.770  12.233  5.461   1.00 35.83 ? 41   PRO A CB  1 
ATOM   260  C CG  . PRO A 1 41  ? -1.662  11.380  4.691   1.00 34.94 ? 41   PRO A CG  1 
ATOM   261  C CD  . PRO A 1 41  ? -0.822  10.620  3.717   1.00 35.63 ? 41   PRO A CD  1 
ATOM   262  N N   . LEU A 1 42  ? 1.368   11.043  7.838   1.00 37.86 ? 42   LEU A N   1 
ATOM   263  C CA  . LEU A 1 42  ? 1.411   10.409  9.152   1.00 39.51 ? 42   LEU A CA  1 
ATOM   264  C C   . LEU A 1 42  ? 0.292   10.962  10.063  1.00 40.87 ? 42   LEU A C   1 
ATOM   265  O O   . LEU A 1 42  ? 0.033   12.172  10.084  1.00 42.10 ? 42   LEU A O   1 
ATOM   266  C CB  . LEU A 1 42  ? 2.759   10.689  9.822   1.00 39.15 ? 42   LEU A CB  1 
ATOM   267  C CG  . LEU A 1 42  ? 4.165   10.221  9.444   1.00 38.32 ? 42   LEU A CG  1 
ATOM   268  C CD1 . LEU A 1 42  ? 4.319   8.731   9.432   1.00 38.01 ? 42   LEU A CD1 1 
ATOM   269  C CD2 . LEU A 1 42  ? 4.656   10.804  8.169   1.00 37.85 ? 42   LEU A CD2 1 
ATOM   270  N N   . THR A 1 43  ? -0.338  10.109  10.847  1.00 41.61 ? 43   THR A N   1 
ATOM   271  C CA  . THR A 1 43  ? -1.419  10.546  11.721  1.00 42.97 ? 43   THR A CA  1 
ATOM   272  C C   . THR A 1 43  ? -0.921  10.932  13.098  1.00 43.40 ? 43   THR A C   1 
ATOM   273  O O   . THR A 1 43  ? 0.121   10.440  13.518  1.00 44.08 ? 43   THR A O   1 
ATOM   274  C CB  . THR A 1 43  ? -2.366  9.402   11.851  1.00 43.19 ? 43   THR A CB  1 
ATOM   275  O OG1 . THR A 1 43  ? -2.929  9.184   10.570  1.00 44.46 ? 43   THR A OG1 1 
ATOM   276  C CG2 . THR A 1 43  ? -3.585  9.753   12.737  1.00 44.98 ? 43   THR A CG2 1 
ATOM   277  N N   . LYS A 1 44  ? -1.680  11.780  13.800  1.00 43.76 ? 44   LYS A N   1 
ATOM   278  C CA  . LYS A 1 44  ? -1.375  12.173  15.185  1.00 44.20 ? 44   LYS A CA  1 
ATOM   279  C C   . LYS A 1 44  ? -1.414  10.960  16.095  1.00 42.92 ? 44   LYS A C   1 
ATOM   280  O O   . LYS A 1 44  ? -2.316  10.138  15.989  1.00 43.60 ? 44   LYS A O   1 
ATOM   281  C CB  . LYS A 1 44  ? -2.362  13.233  15.709  1.00 45.30 ? 44   LYS A CB  1 
ATOM   282  C CG  . LYS A 1 44  ? -1.827  13.999  16.940  1.00 48.87 ? 44   LYS A CG  1 
ATOM   283  C CD  . LYS A 1 44  ? -2.953  14.468  17.879  1.00 54.61 ? 44   LYS A CD  1 
ATOM   284  C CE  . LYS A 1 44  ? -2.603  15.834  18.563  1.00 57.81 ? 44   LYS A CE  1 
ATOM   285  N NZ  . LYS A 1 44  ? -2.205  16.928  17.586  1.00 59.25 ? 44   LYS A NZ  1 
ATOM   286  N N   . SER A 1 45  ? -0.439  10.852  16.983  1.00 41.27 ? 45   SER A N   1 
ATOM   287  C CA  . SER A 1 45  ? -0.293  9.652   17.784  1.00 40.02 ? 45   SER A CA  1 
ATOM   288  C C   . SER A 1 45  ? -0.640  9.876   19.237  1.00 39.42 ? 45   SER A C   1 
ATOM   289  O O   . SER A 1 45  ? -0.823  11.002  19.709  1.00 39.57 ? 45   SER A O   1 
ATOM   290  C CB  . SER A 1 45  ? 1.136   9.093   17.678  1.00 40.59 ? 45   SER A CB  1 
ATOM   291  O OG  . SER A 1 45  ? 1.879   9.289   18.874  1.00 39.06 ? 45   SER A OG  1 
ATOM   292  N N   . GLU A 1 46  ? -0.679  8.772   19.956  1.00 38.31 ? 46   GLU A N   1 
ATOM   293  C CA  . GLU A 1 46  ? -1.025  8.760   21.354  1.00 37.41 ? 46   GLU A CA  1 
ATOM   294  C C   . GLU A 1 46  ? 0.141   9.274   22.215  1.00 37.51 ? 46   GLU A C   1 
ATOM   295  O O   . GLU A 1 46  ? 0.059   9.288   23.456  1.00 38.11 ? 46   GLU A O   1 
ATOM   296  C CB  . GLU A 1 46  ? -1.499  7.344   21.730  1.00 37.06 ? 46   GLU A CB  1 
ATOM   297  C CG  . GLU A 1 46  ? -0.467  6.206   21.625  1.00 37.84 ? 46   GLU A CG  1 
ATOM   298  C CD  . GLU A 1 46  ? -0.182  5.714   20.199  1.00 38.83 ? 46   GLU A CD  1 
ATOM   299  O OE1 . GLU A 1 46  ? 0.506   4.689   20.051  1.00 37.78 ? 46   GLU A OE1 1 
ATOM   300  O OE2 . GLU A 1 46  ? -0.618  6.347   19.212  1.00 39.31 ? 46   GLU A OE2 1 
ATOM   301  N N   . TYR A 1 47  ? 1.216   9.718   21.554  1.00 37.50 ? 47   TYR A N   1 
ATOM   302  C CA  . TYR A 1 47  ? 2.455   10.161  22.217  1.00 37.61 ? 47   TYR A CA  1 
ATOM   303  C C   . TYR A 1 47  ? 2.804   11.589  21.833  1.00 38.77 ? 47   TYR A C   1 
ATOM   304  O O   . TYR A 1 47  ? 3.081   11.889  20.634  1.00 38.86 ? 47   TYR A O   1 
ATOM   305  C CB  . TYR A 1 47  ? 3.636   9.253   21.859  1.00 36.74 ? 47   TYR A CB  1 
ATOM   306  C CG  . TYR A 1 47  ? 3.449   7.873   22.379  1.00 36.22 ? 47   TYR A CG  1 
ATOM   307  C CD1 . TYR A 1 47  ? 3.195   7.663   23.745  1.00 37.05 ? 47   TYR A CD1 1 
ATOM   308  C CD2 . TYR A 1 47  ? 3.457   6.785   21.529  1.00 33.75 ? 47   TYR A CD2 1 
ATOM   309  C CE1 . TYR A 1 47  ? 2.990   6.409   24.246  1.00 36.63 ? 47   TYR A CE1 1 
ATOM   310  C CE2 . TYR A 1 47  ? 3.264   5.518   22.017  1.00 35.91 ? 47   TYR A CE2 1 
ATOM   311  C CZ  . TYR A 1 47  ? 3.025   5.328   23.379  1.00 36.88 ? 47   TYR A CZ  1 
ATOM   312  O OH  . TYR A 1 47  ? 2.826   4.066   23.902  1.00 35.36 ? 47   TYR A OH  1 
ATOM   313  N N   . GLU A 1 48  ? 2.789   12.454  22.851  1.00 39.29 ? 48   GLU A N   1 
ATOM   314  C CA  . GLU A 1 48  ? 3.181   13.856  22.715  1.00 40.28 ? 48   GLU A CA  1 
ATOM   315  C C   . GLU A 1 48  ? 4.378   14.027  21.776  1.00 39.39 ? 48   GLU A C   1 
ATOM   316  O O   . GLU A 1 48  ? 5.446   13.450  22.015  1.00 39.60 ? 48   GLU A O   1 
ATOM   317  C CB  . GLU A 1 48  ? 3.487   14.444  24.089  1.00 41.00 ? 48   GLU A CB  1 
ATOM   318  C CG  . GLU A 1 48  ? 3.880   15.903  24.074  1.00 45.13 ? 48   GLU A CG  1 
ATOM   319  C CD  . GLU A 1 48  ? 2.972   16.760  24.933  1.00 52.13 ? 48   GLU A CD  1 
ATOM   320  O OE1 . GLU A 1 48  ? 2.640   16.356  26.092  1.00 53.44 ? 48   GLU A OE1 1 
ATOM   321  O OE2 . GLU A 1 48  ? 2.586   17.849  24.434  1.00 54.00 ? 48   GLU A OE2 1 
ATOM   322  N N   . GLY A 1 49  ? 4.172   14.798  20.703  1.00 38.54 ? 49   GLY A N   1 
ATOM   323  C CA  . GLY A 1 49  ? 5.234   15.161  19.783  1.00 37.05 ? 49   GLY A CA  1 
ATOM   324  C C   . GLY A 1 49  ? 5.549   14.116  18.739  1.00 36.62 ? 49   GLY A C   1 
ATOM   325  O O   . GLY A 1 49  ? 6.507   14.290  17.957  1.00 36.91 ? 49   GLY A O   1 
ATOM   326  N N   . TYR A 1 50  ? 4.755   13.045  18.697  1.00 35.34 ? 50   TYR A N   1 
ATOM   327  C CA  . TYR A 1 50  ? 4.967   12.003  17.703  1.00 34.67 ? 50   TYR A CA  1 
ATOM   328  C C   . TYR A 1 50  ? 3.792   11.791  16.752  1.00 34.92 ? 50   TYR A C   1 
ATOM   329  O O   . TYR A 1 50  ? 2.619   11.917  17.146  1.00 35.85 ? 50   TYR A O   1 
ATOM   330  C CB  . TYR A 1 50  ? 5.246   10.672  18.392  1.00 34.18 ? 50   TYR A CB  1 
ATOM   331  C CG  . TYR A 1 50  ? 6.606   10.575  18.991  1.00 32.94 ? 50   TYR A CG  1 
ATOM   332  C CD1 . TYR A 1 50  ? 6.823   10.955  20.306  1.00 30.98 ? 50   TYR A CD1 1 
ATOM   333  C CD2 . TYR A 1 50  ? 7.693   10.096  18.247  1.00 33.36 ? 50   TYR A CD2 1 
ATOM   334  C CE1 . TYR A 1 50  ? 8.064   10.885  20.871  1.00 30.98 ? 50   TYR A CE1 1 
ATOM   335  C CE2 . TYR A 1 50  ? 8.969   10.011  18.822  1.00 32.04 ? 50   TYR A CE2 1 
ATOM   336  C CZ  . TYR A 1 50  ? 9.129   10.402  20.138  1.00 32.53 ? 50   TYR A CZ  1 
ATOM   337  O OH  . TYR A 1 50  ? 10.362  10.317  20.749  1.00 36.92 ? 50   TYR A OH  1 
ATOM   338  N N   . VAL A 1 51  ? 4.116   11.427  15.514  1.00 34.29 ? 51   VAL A N   1 
ATOM   339  C CA  . VAL A 1 51  ? 3.128   10.945  14.563  1.00 33.40 ? 51   VAL A CA  1 
ATOM   340  C C   . VAL A 1 51  ? 3.426   9.497   14.192  1.00 34.04 ? 51   VAL A C   1 
ATOM   341  O O   . VAL A 1 51  ? 4.549   9.034   14.400  1.00 33.80 ? 51   VAL A O   1 
ATOM   342  C CB  . VAL A 1 51  ? 3.160   11.781  13.301  1.00 33.13 ? 51   VAL A CB  1 
ATOM   343  C CG1 . VAL A 1 51  ? 2.571   13.150  13.566  1.00 30.64 ? 51   VAL A CG1 1 
ATOM   344  C CG2 . VAL A 1 51  ? 4.577   11.854  12.774  1.00 31.66 ? 51   VAL A CG2 1 
ATOM   345  N N   . LYS A 1 52  ? 2.437   8.789   13.639  1.00 34.40 ? 52   LYS A N   1 
ATOM   346  C CA  . LYS A 1 52  ? 2.625   7.382   13.277  1.00 35.41 ? 52   LYS A CA  1 
ATOM   347  C C   . LYS A 1 52  ? 1.963   7.007   11.962  1.00 36.28 ? 52   LYS A C   1 
ATOM   348  O O   . LYS A 1 52  ? 0.928   7.555   11.605  1.00 37.36 ? 52   LYS A O   1 
ATOM   349  C CB  . LYS A 1 52  ? 2.110   6.438   14.378  1.00 35.11 ? 52   LYS A CB  1 
ATOM   350  C CG  . LYS A 1 52  ? 0.645   6.616   14.692  1.00 34.77 ? 52   LYS A CG  1 
ATOM   351  C CD  . LYS A 1 52  ? 0.090   5.491   15.536  1.00 34.71 ? 52   LYS A CD  1 
ATOM   352  C CE  . LYS A 1 52  ? -1.301  5.875   16.043  1.00 34.91 ? 52   LYS A CE  1 
ATOM   353  N NZ  . LYS A 1 52  ? -1.842  5.010   17.133  1.00 35.85 ? 52   LYS A NZ  1 
ATOM   354  N N   . VAL A 1 53  ? 2.571   6.057   11.254  1.00 36.57 ? 53   VAL A N   1 
ATOM   355  C CA  . VAL A 1 53  ? 1.950   5.415   10.114  1.00 36.15 ? 53   VAL A CA  1 
ATOM   356  C C   . VAL A 1 53  ? 2.307   3.944   10.204  1.00 36.78 ? 53   VAL A C   1 
ATOM   357  O O   . VAL A 1 53  ? 3.309   3.566   10.828  1.00 37.33 ? 53   VAL A O   1 
ATOM   358  C CB  . VAL A 1 53  ? 2.450   6.029   8.801   1.00 36.10 ? 53   VAL A CB  1 
ATOM   359  C CG1 . VAL A 1 53  ? 3.791   5.438   8.383   1.00 35.34 ? 53   VAL A CG1 1 
ATOM   360  C CG2 . VAL A 1 53  ? 1.441   5.862   7.720   1.00 35.59 ? 53   VAL A CG2 1 
ATOM   361  N N   . THR A 1 54  ? 1.488   3.089   9.611   1.00 37.34 ? 54   THR A N   1 
ATOM   362  C CA  . THR A 1 54  ? 1.817   1.666   9.559   1.00 37.57 ? 54   THR A CA  1 
ATOM   363  C C   . THR A 1 54  ? 1.801   1.290   8.102   1.00 38.37 ? 54   THR A C   1 
ATOM   364  O O   . THR A 1 54  ? 0.766   1.370   7.488   1.00 38.85 ? 54   THR A O   1 
ATOM   365  C CB  . THR A 1 54  ? 0.763   0.858   10.327  1.00 36.89 ? 54   THR A CB  1 
ATOM   366  O OG1 . THR A 1 54  ? 1.064   0.882   11.729  1.00 36.26 ? 54   THR A OG1 1 
ATOM   367  C CG2 . THR A 1 54  ? 0.871   -0.582  9.983   1.00 36.39 ? 54   THR A CG2 1 
ATOM   368  N N   . ILE A 1 55  ? 2.935   0.940   7.525   1.00 39.70 ? 55   ILE A N   1 
ATOM   369  C CA  . ILE A 1 55  ? 2.925   0.507   6.132   1.00 41.58 ? 55   ILE A CA  1 
ATOM   370  C C   . ILE A 1 55  ? 2.855   -1.005  6.013   1.00 43.23 ? 55   ILE A C   1 
ATOM   371  O O   . ILE A 1 55  ? 3.706   -1.708  6.550   1.00 43.31 ? 55   ILE A O   1 
ATOM   372  C CB  . ILE A 1 55  ? 4.124   1.065   5.345   1.00 41.51 ? 55   ILE A CB  1 
ATOM   373  C CG1 . ILE A 1 55  ? 4.017   2.579   5.239   1.00 41.42 ? 55   ILE A CG1 1 
ATOM   374  C CG2 . ILE A 1 55  ? 4.192   0.477   3.938   1.00 39.85 ? 55   ILE A CG2 1 
ATOM   375  C CD1 . ILE A 1 55  ? 5.316   3.235   5.431   1.00 42.15 ? 55   ILE A CD1 1 
ATOM   376  N N   . GLU A 1 56  ? 1.834   -1.474  5.295   1.00 45.41 ? 56   GLU A N   1 
ATOM   377  C CA  . GLU A 1 56  ? 1.555   -2.886  5.108   1.00 47.74 ? 56   GLU A CA  1 
ATOM   378  C C   . GLU A 1 56  ? 2.612   -3.502  4.230   1.00 48.15 ? 56   GLU A C   1 
ATOM   379  O O   . GLU A 1 56  ? 2.932   -2.958  3.180   1.00 48.52 ? 56   GLU A O   1 
ATOM   380  C CB  . GLU A 1 56  ? 0.184   -3.056  4.470   1.00 48.51 ? 56   GLU A CB  1 
ATOM   381  C CG  . GLU A 1 56  ? -0.911  -3.498  5.441   1.00 53.71 ? 56   GLU A CG  1 
ATOM   382  C CD  . GLU A 1 56  ? -2.306  -3.127  4.936   1.00 60.67 ? 56   GLU A CD  1 
ATOM   383  O OE1 . GLU A 1 56  ? -2.807  -2.025  5.317   1.00 61.23 ? 56   GLU A OE1 1 
ATOM   384  O OE2 . GLU A 1 56  ? -2.897  -3.931  4.145   1.00 63.62 ? 56   GLU A OE2 1 
ATOM   385  N N   . ALA A 1 57  ? 3.154   -4.632  4.669   1.00 49.08 ? 57   ALA A N   1 
ATOM   386  C CA  . ALA A 1 57  ? 4.283   -5.266  4.003   1.00 50.48 ? 57   ALA A CA  1 
ATOM   387  C C   . ALA A 1 57  ? 4.367   -6.753  4.343   1.00 51.83 ? 57   ALA A C   1 
ATOM   388  O O   . ALA A 1 57  ? 3.964   -7.164  5.439   1.00 51.69 ? 57   ALA A O   1 
ATOM   389  C CB  . ALA A 1 57  ? 5.567   -4.569  4.399   1.00 49.88 ? 57   ALA A CB  1 
ATOM   390  N N   . GLU A 1 58  ? 4.899   -7.557  3.414   1.00 53.62 ? 58   GLU A N   1 
ATOM   391  C CA  . GLU A 1 58  ? 5.037   -9.009  3.646   1.00 55.84 ? 58   GLU A CA  1 
ATOM   392  C C   . GLU A 1 58  ? 6.287   -9.316  4.464   1.00 56.44 ? 58   GLU A C   1 
ATOM   393  O O   . GLU A 1 58  ? 7.087   -8.410  4.721   1.00 56.39 ? 58   GLU A O   1 
ATOM   394  C CB  . GLU A 1 58  ? 4.901   -9.854  2.356   1.00 55.77 ? 58   GLU A CB  1 
ATOM   395  C CG  . GLU A 1 58  ? 3.420   -9.997  1.937   1.00 59.59 ? 58   GLU A CG  1 
ATOM   396  C CD  . GLU A 1 58  ? 3.135   -11.077 0.876   1.00 65.25 ? 58   GLU A CD  1 
ATOM   397  O OE1 . GLU A 1 58  ? 3.129   -10.767 -0.370  1.00 64.95 ? 58   GLU A OE1 1 
ATOM   398  O OE2 . GLU A 1 58  ? 2.888   -12.248 1.294   1.00 67.11 ? 58   GLU A OE2 1 
ATOM   399  N N   . GLU A 1 59  ? 6.417   -10.569 4.915   1.00 57.63 ? 59   GLU A N   1 
ATOM   400  C CA  . GLU A 1 59  ? 7.515   -10.984 5.806   1.00 58.84 ? 59   GLU A CA  1 
ATOM   401  C C   . GLU A 1 59  ? 8.852   -10.572 5.208   1.00 58.07 ? 59   GLU A C   1 
ATOM   402  O O   . GLU A 1 59  ? 9.031   -10.677 3.986   1.00 58.26 ? 59   GLU A O   1 
ATOM   403  C CB  . GLU A 1 59  ? 7.490   -12.508 6.065   1.00 59.55 ? 59   GLU A CB  1 
ATOM   404  C CG  . GLU A 1 59  ? 8.064   -12.924 7.437   1.00 64.68 ? 59   GLU A CG  1 
ATOM   405  C CD  . GLU A 1 59  ? 8.562   -14.394 7.521   1.00 71.01 ? 59   GLU A CD  1 
ATOM   406  O OE1 . GLU A 1 59  ? 8.965   -14.845 8.631   1.00 71.98 ? 59   GLU A OE1 1 
ATOM   407  O OE2 . GLU A 1 59  ? 8.554   -15.120 6.489   1.00 73.89 ? 59   GLU A OE2 1 
ATOM   408  N N   . GLY A 1 60  ? 9.767   -10.084 6.057   1.00 57.44 ? 60   GLY A N   1 
ATOM   409  C CA  . GLY A 1 60  ? 11.130  -9.728  5.649   1.00 56.42 ? 60   GLY A CA  1 
ATOM   410  C C   . GLY A 1 60  ? 11.287  -8.556  4.675   1.00 55.88 ? 60   GLY A C   1 
ATOM   411  O O   . GLY A 1 60  ? 12.236  -8.525  3.868   1.00 55.63 ? 60   GLY A O   1 
ATOM   412  N N   . SER A 1 61  ? 10.361  -7.595  4.772   1.00 54.95 ? 61   SER A N   1 
ATOM   413  C CA  . SER A 1 61  ? 10.303  -6.418  3.918   1.00 53.81 ? 61   SER A CA  1 
ATOM   414  C C   . SER A 1 61  ? 11.209  -5.286  4.425   1.00 53.46 ? 61   SER A C   1 
ATOM   415  O O   . SER A 1 61  ? 11.529  -5.202  5.614   1.00 53.55 ? 61   SER A O   1 
ATOM   416  C CB  . SER A 1 61  ? 8.866   -5.918  3.847   1.00 53.74 ? 61   SER A CB  1 
ATOM   417  O OG  . SER A 1 61  ? 8.141   -6.536  2.810   1.00 53.30 ? 61   SER A OG  1 
ATOM   418  N N   . GLN A 1 62  ? 11.609  -4.408  3.514   1.00 52.83 ? 62   GLN A N   1 
ATOM   419  C CA  . GLN A 1 62  ? 12.465  -3.287  3.848   1.00 52.51 ? 62   GLN A CA  1 
ATOM   420  C C   . GLN A 1 62  ? 11.963  -2.101  3.031   1.00 51.46 ? 62   GLN A C   1 
ATOM   421  O O   . GLN A 1 62  ? 11.636  -2.293  1.848   1.00 51.50 ? 62   GLN A O   1 
ATOM   422  C CB  . GLN A 1 62  ? 13.916  -3.634  3.487   1.00 52.65 ? 62   GLN A CB  1 
ATOM   423  C CG  . GLN A 1 62  ? 14.979  -2.688  4.096   1.00 57.08 ? 62   GLN A CG  1 
ATOM   424  C CD  . GLN A 1 62  ? 15.514  -3.120  5.500   1.00 61.03 ? 62   GLN A CD  1 
ATOM   425  O OE1 . GLN A 1 62  ? 15.522  -4.321  5.838   1.00 61.41 ? 62   GLN A OE1 1 
ATOM   426  N NE2 . GLN A 1 62  ? 15.977  -2.136  6.296   1.00 59.78 ? 62   GLN A NE2 1 
ATOM   427  N N   . LEU A 1 63  ? 11.860  -0.908  3.643   1.00 50.06 ? 63   LEU A N   1 
ATOM   428  C CA  . LEU A 1 63  ? 11.647  0.334   2.858   1.00 49.42 ? 63   LEU A CA  1 
ATOM   429  C C   . LEU A 1 63  ? 12.723  1.412   3.038   1.00 49.03 ? 63   LEU A C   1 
ATOM   430  O O   . LEU A 1 63  ? 13.413  1.428   4.066   1.00 49.10 ? 63   LEU A O   1 
ATOM   431  C CB  . LEU A 1 63  ? 10.255  0.951   3.064   1.00 49.01 ? 63   LEU A CB  1 
ATOM   432  C CG  . LEU A 1 63  ? 9.859   1.515   4.425   1.00 48.16 ? 63   LEU A CG  1 
ATOM   433  C CD1 . LEU A 1 63  ? 10.331  2.941   4.642   1.00 46.03 ? 63   LEU A CD1 1 
ATOM   434  C CD2 . LEU A 1 63  ? 8.354   1.429   4.528   1.00 47.53 ? 63   LEU A CD2 1 
ATOM   435  N N   . ARG A 1 64  ? 12.874  2.270   2.020   1.00 48.18 ? 64   ARG A N   1 
ATOM   436  C CA  . ARG A 1 64  ? 13.701  3.469   2.084   1.00 47.78 ? 64   ARG A CA  1 
ATOM   437  C C   . ARG A 1 64  ? 12.721  4.607   2.232   1.00 47.07 ? 64   ARG A C   1 
ATOM   438  O O   . ARG A 1 64  ? 11.807  4.738   1.408   1.00 47.36 ? 64   ARG A O   1 
ATOM   439  C CB  . ARG A 1 64  ? 14.509  3.700   0.794   1.00 48.03 ? 64   ARG A CB  1 
ATOM   440  C CG  . ARG A 1 64  ? 15.569  2.658   0.431   1.00 51.23 ? 64   ARG A CG  1 
ATOM   441  C CD  . ARG A 1 64  ? 16.197  2.781   -1.017  1.00 57.21 ? 64   ARG A CD  1 
ATOM   442  N NE  . ARG A 1 64  ? 15.342  2.180   -2.073  1.00 61.14 ? 64   ARG A NE  1 
ATOM   443  C CZ  . ARG A 1 64  ? 15.403  2.454   -3.395  1.00 63.18 ? 64   ARG A CZ  1 
ATOM   444  N NH1 . ARG A 1 64  ? 14.544  1.871   -4.233  1.00 63.52 ? 64   ARG A NH1 1 
ATOM   445  N NH2 . ARG A 1 64  ? 16.307  3.306   -3.890  1.00 64.75 ? 64   ARG A NH2 1 
ATOM   446  N N   . ALA A 1 65  ? 12.905  5.444   3.256   1.00 46.05 ? 65   ALA A N   1 
ATOM   447  C CA  . ALA A 1 65  ? 12.041  6.620   3.449   1.00 44.92 ? 65   ALA A CA  1 
ATOM   448  C C   . ALA A 1 65  ? 12.766  7.960   3.675   1.00 44.13 ? 65   ALA A C   1 
ATOM   449  O O   . ALA A 1 65  ? 13.887  8.020   4.190   1.00 44.06 ? 65   ALA A O   1 
ATOM   450  C CB  . ALA A 1 65  ? 11.062  6.372   4.573   1.00 45.20 ? 65   ALA A CB  1 
ATOM   451  N N   . ALA A 1 66  ? 12.102  9.033   3.261   1.00 42.79 ? 66   ALA A N   1 
ATOM   452  C CA  . ALA A 1 66  ? 12.410  10.376  3.735   1.00 41.48 ? 66   ALA A CA  1 
ATOM   453  C C   . ALA A 1 66  ? 11.101  11.027  4.170   1.00 40.71 ? 66   ALA A C   1 
ATOM   454  O O   . ALA A 1 66  ? 10.026  10.699  3.649   1.00 40.91 ? 66   ALA A O   1 
ATOM   455  C CB  . ALA A 1 66  ? 13.073  11.178  2.663   1.00 41.13 ? 66   ALA A CB  1 
ATOM   456  N N   . PHE A 1 67  ? 11.188  11.940  5.124   1.00 39.38 ? 67   PHE A N   1 
ATOM   457  C CA  . PHE A 1 67  ? 10.005  12.562  5.684   1.00 38.62 ? 67   PHE A CA  1 
ATOM   458  C C   . PHE A 1 67  ? 9.942   14.040  5.332   1.00 38.88 ? 67   PHE A C   1 
ATOM   459  O O   . PHE A 1 67  ? 10.957  14.702  5.207   1.00 38.44 ? 67   PHE A O   1 
ATOM   460  C CB  . PHE A 1 67  ? 10.034  12.418  7.195   1.00 38.36 ? 67   PHE A CB  1 
ATOM   461  C CG  . PHE A 1 67  ? 10.024  11.002  7.662   1.00 37.16 ? 67   PHE A CG  1 
ATOM   462  C CD1 . PHE A 1 67  ? 8.884   10.458  8.200   1.00 35.75 ? 67   PHE A CD1 1 
ATOM   463  C CD2 . PHE A 1 67  ? 11.147  10.213  7.562   1.00 36.18 ? 67   PHE A CD2 1 
ATOM   464  C CE1 . PHE A 1 67  ? 8.872   9.192   8.608   1.00 34.15 ? 67   PHE A CE1 1 
ATOM   465  C CE2 . PHE A 1 67  ? 11.119  8.938   7.983   1.00 34.07 ? 67   PHE A CE2 1 
ATOM   466  C CZ  . PHE A 1 67  ? 9.991   8.435   8.504   1.00 33.53 ? 67   PHE A CZ  1 
ATOM   467  N N   . ASN A 1 68  ? 8.747   14.579  5.201   1.00 38.92 ? 68   ASN A N   1 
ATOM   468  C CA  . ASN A 1 68  ? 8.636   15.974  4.830   1.00 38.72 ? 68   ASN A CA  1 
ATOM   469  C C   . ASN A 1 68  ? 7.444   16.663  5.505   1.00 39.29 ? 68   ASN A C   1 
ATOM   470  O O   . ASN A 1 68  ? 6.625   16.020  6.187   1.00 39.97 ? 68   ASN A O   1 
ATOM   471  C CB  . ASN A 1 68  ? 8.601   16.092  3.312   1.00 38.34 ? 68   ASN A CB  1 
ATOM   472  C CG  . ASN A 1 68  ? 7.368   15.456  2.705   1.00 38.39 ? 68   ASN A CG  1 
ATOM   473  O OD1 . ASN A 1 68  ? 6.237   15.788  3.059   1.00 38.53 ? 68   ASN A OD1 1 
ATOM   474  N ND2 . ASN A 1 68  ? 7.577   14.552  1.774   1.00 38.60 ? 68   ASN A ND2 1 
ATOM   475  N N   . ASN A 1 69  ? 7.351   17.973  5.350   1.00 39.29 ? 69   ASN A N   1 
ATOM   476  C CA  . ASN A 1 69  ? 6.247   18.706  5.938   1.00 39.49 ? 69   ASN A CA  1 
ATOM   477  C C   . ASN A 1 69  ? 5.075   18.841  4.972   1.00 40.24 ? 69   ASN A C   1 
ATOM   478  O O   . ASN A 1 69  ? 4.227   19.734  5.125   1.00 40.96 ? 69   ASN A O   1 
ATOM   479  C CB  . ASN A 1 69  ? 6.731   20.066  6.424   1.00 39.21 ? 69   ASN A CB  1 
ATOM   480  C CG  . ASN A 1 69  ? 7.098   21.045  5.274   1.00 39.99 ? 69   ASN A CG  1 
ATOM   481  O OD1 . ASN A 1 69  ? 7.136   22.249  5.509   1.00 41.60 ? 69   ASN A OD1 1 
ATOM   482  N ND2 . ASN A 1 69  ? 7.399   20.543  4.071   1.00 36.84 ? 69   ASN A ND2 1 
ATOM   483  N N   . GLY A 1 70  ? 5.024   17.966  3.966   1.00 40.25 ? 70   GLY A N   1 
ATOM   484  C CA  . GLY A 1 70  ? 4.022   18.078  2.930   1.00 40.59 ? 70   GLY A CA  1 
ATOM   485  C C   . GLY A 1 70  ? 4.336   19.186  1.942   1.00 41.48 ? 70   GLY A C   1 
ATOM   486  O O   . GLY A 1 70  ? 3.492   19.516  1.097   1.00 41.68 ? 70   GLY A O   1 
ATOM   487  N N   . SER A 1 71  ? 5.550   19.741  2.001   1.00 41.78 ? 71   SER A N   1 
ATOM   488  C CA  . SER A 1 71  ? 5.856   20.898  1.194   1.00 42.27 ? 71   SER A CA  1 
ATOM   489  C C   . SER A 1 71  ? 7.323   21.108  0.876   1.00 43.32 ? 71   SER A C   1 
ATOM   490  O O   . SER A 1 71  ? 7.708   22.188  0.429   1.00 44.74 ? 71   SER A O   1 
ATOM   491  C CB  . SER A 1 71  ? 5.304   22.167  1.861   1.00 42.36 ? 71   SER A CB  1 
ATOM   492  O OG  . SER A 1 71  ? 5.754   23.358  1.217   1.00 41.53 ? 71   SER A OG  1 
ATOM   493  N N   . GLY A 1 72  ? 8.199   20.151  1.069   1.00 43.04 ? 72   GLY A N   1 
ATOM   494  C CA  . GLY A 1 72  ? 9.549   20.533  0.662   1.00 42.91 ? 72   GLY A CA  1 
ATOM   495  C C   . GLY A 1 72  ? 10.584  20.933  1.697   1.00 42.25 ? 72   GLY A C   1 
ATOM   496  O O   . GLY A 1 72  ? 11.751  20.991  1.383   1.00 41.25 ? 72   GLY A O   1 
ATOM   497  N N   . GLN A 1 73  ? 10.164  21.194  2.930   1.00 43.11 ? 73   GLN A N   1 
ATOM   498  C CA  . GLN A 1 73  ? 11.052  20.983  4.083   1.00 43.30 ? 73   GLN A CA  1 
ATOM   499  C C   . GLN A 1 73  ? 11.153  19.492  4.335   1.00 42.53 ? 73   GLN A C   1 
ATOM   500  O O   . GLN A 1 73  ? 10.196  18.903  4.837   1.00 42.52 ? 73   GLN A O   1 
ATOM   501  C CB  . GLN A 1 73  ? 10.462  21.623  5.330   1.00 44.12 ? 73   GLN A CB  1 
ATOM   502  C CG  . GLN A 1 73  ? 11.453  21.790  6.457   1.00 48.59 ? 73   GLN A CG  1 
ATOM   503  C CD  . GLN A 1 73  ? 12.710  22.556  6.024   1.00 55.78 ? 73   GLN A CD  1 
ATOM   504  O OE1 . GLN A 1 73  ? 13.626  22.729  6.836   1.00 58.01 ? 73   GLN A OE1 1 
ATOM   505  N NE2 . GLN A 1 73  ? 12.759  23.021  4.741   1.00 57.41 ? 73   GLN A NE2 1 
ATOM   506  N N   . TRP A 1 74  ? 12.287  18.885  3.977   1.00 41.87 ? 74   TRP A N   1 
ATOM   507  C CA  . TRP A 1 74  ? 12.489  17.440  4.144   1.00 41.17 ? 74   TRP A CA  1 
ATOM   508  C C   . TRP A 1 74  ? 13.406  17.031  5.299   1.00 41.51 ? 74   TRP A C   1 
ATOM   509  O O   . TRP A 1 74  ? 14.298  17.786  5.671   1.00 42.41 ? 74   TRP A O   1 
ATOM   510  C CB  . TRP A 1 74  ? 13.056  16.826  2.871   1.00 40.85 ? 74   TRP A CB  1 
ATOM   511  C CG  . TRP A 1 74  ? 12.117  16.808  1.684   1.00 39.00 ? 74   TRP A CG  1 
ATOM   512  C CD1 . TRP A 1 74  ? 11.786  17.859  0.900   1.00 37.33 ? 74   TRP A CD1 1 
ATOM   513  C CD2 . TRP A 1 74  ? 11.442  15.676  1.135   1.00 37.48 ? 74   TRP A CD2 1 
ATOM   514  N NE1 . TRP A 1 74  ? 10.943  17.462  -0.108  1.00 37.80 ? 74   TRP A NE1 1 
ATOM   515  C CE2 . TRP A 1 74  ? 10.709  16.121  0.019   1.00 37.55 ? 74   TRP A CE2 1 
ATOM   516  C CE3 . TRP A 1 74  ? 11.367  14.326  1.482   1.00 37.71 ? 74   TRP A CE3 1 
ATOM   517  C CZ2 . TRP A 1 74  ? 9.920   15.264  -0.763  1.00 36.62 ? 74   TRP A CZ2 1 
ATOM   518  C CZ3 . TRP A 1 74  ? 10.583  13.470  0.698   1.00 37.53 ? 74   TRP A CZ3 1 
ATOM   519  C CH2 . TRP A 1 74  ? 9.875   13.947  -0.413  1.00 36.03 ? 74   TRP A CH2 1 
ATOM   520  N N   . ASP A 1 75  ? 13.170  15.834  5.864   1.00 41.56 ? 75   ASP A N   1 
ATOM   521  C CA  . ASP A 1 75  ? 14.105  15.122  6.753   1.00 40.63 ? 75   ASP A CA  1 
ATOM   522  C C   . ASP A 1 75  ? 14.570  13.866  6.017   1.00 40.83 ? 75   ASP A C   1 
ATOM   523  O O   . ASP A 1 75  ? 13.857  12.871  5.965   1.00 41.21 ? 75   ASP A O   1 
ATOM   524  C CB  . ASP A 1 75  ? 13.407  14.761  8.068   1.00 40.20 ? 75   ASP A CB  1 
ATOM   525  C CG  . ASP A 1 75  ? 14.291  13.928  9.024   1.00 40.95 ? 75   ASP A CG  1 
ATOM   526  O OD1 . ASP A 1 75  ? 15.492  13.715  8.739   1.00 40.63 ? 75   ASP A OD1 1 
ATOM   527  O OD2 . ASP A 1 75  ? 13.866  13.451  10.109  1.00 40.60 ? 75   ASP A OD2 1 
ATOM   528  N N   . ASN A 1 76  ? 15.755  13.891  5.428   1.00 41.27 ? 76   ASN A N   1 
ATOM   529  C CA  . ASN A 1 76  ? 16.175  12.728  4.652   1.00 41.89 ? 76   ASN A CA  1 
ATOM   530  C C   . ASN A 1 76  ? 17.480  12.125  5.083   1.00 42.55 ? 76   ASN A C   1 
ATOM   531  O O   . ASN A 1 76  ? 18.211  11.554  4.249   1.00 42.61 ? 76   ASN A O   1 
ATOM   532  C CB  . ASN A 1 76  ? 16.243  13.039  3.154   1.00 42.10 ? 76   ASN A CB  1 
ATOM   533  C CG  . ASN A 1 76  ? 17.123  14.229  2.842   1.00 42.67 ? 76   ASN A CG  1 
ATOM   534  O OD1 . ASN A 1 76  ? 18.042  14.570  3.603   1.00 43.68 ? 76   ASN A OD1 1 
ATOM   535  N ND2 . ASN A 1 76  ? 16.833  14.889  1.730   1.00 41.99 ? 76   ASN A ND2 1 
ATOM   536  N N   . ASN A 1 77  ? 17.784  12.238  6.378   1.00 43.53 ? 77   ASN A N   1 
ATOM   537  C CA  . ASN A 1 77  ? 18.963  11.569  6.924   1.00 43.71 ? 77   ASN A CA  1 
ATOM   538  C C   . ASN A 1 77  ? 20.176  12.022  6.136   1.00 44.85 ? 77   ASN A C   1 
ATOM   539  O O   . ASN A 1 77  ? 20.907  11.178  5.546   1.00 45.21 ? 77   ASN A O   1 
ATOM   540  C CB  . ASN A 1 77  ? 18.833  10.035  6.815   1.00 42.70 ? 77   ASN A CB  1 
ATOM   541  C CG  . ASN A 1 77  ? 19.801  9.316   7.707   1.00 40.84 ? 77   ASN A CG  1 
ATOM   542  O OD1 . ASN A 1 77  ? 20.149  9.822   8.774   1.00 40.43 ? 77   ASN A OD1 1 
ATOM   543  N ND2 . ASN A 1 77  ? 20.270  8.152   7.278   1.00 36.12 ? 77   ASN A ND2 1 
ATOM   544  N N   . GLN A 1 78  ? 20.364  13.347  6.092   1.00 45.44 ? 78   GLN A N   1 
ATOM   545  C CA  . GLN A 1 78  ? 21.478  13.942  5.352   1.00 46.50 ? 78   GLN A CA  1 
ATOM   546  C C   . GLN A 1 78  ? 21.659  13.378  3.945   1.00 45.54 ? 78   GLN A C   1 
ATOM   547  O O   . GLN A 1 78  ? 22.788  13.101  3.538   1.00 45.44 ? 78   GLN A O   1 
ATOM   548  C CB  . GLN A 1 78  ? 22.781  13.739  6.113   1.00 47.40 ? 78   GLN A CB  1 
ATOM   549  C CG  . GLN A 1 78  ? 22.842  14.443  7.460   1.00 53.34 ? 78   GLN A CG  1 
ATOM   550  C CD  . GLN A 1 78  ? 24.144  14.091  8.172   1.00 61.37 ? 78   GLN A CD  1 
ATOM   551  O OE1 . GLN A 1 78  ? 24.198  13.109  8.930   1.00 64.73 ? 78   GLN A OE1 1 
ATOM   552  N NE2 . GLN A 1 78  ? 25.213  14.864  7.898   1.00 63.81 ? 78   GLN A NE2 1 
ATOM   553  N N   . GLY A 1 79  ? 20.557  13.185  3.221   1.00 45.03 ? 79   GLY A N   1 
ATOM   554  C CA  . GLY A 1 79  ? 20.608  12.783  1.826   1.00 44.87 ? 79   GLY A CA  1 
ATOM   555  C C   . GLY A 1 79  ? 20.635  11.281  1.563   1.00 45.11 ? 79   GLY A C   1 
ATOM   556  O O   . GLY A 1 79  ? 20.440  10.835  0.421   1.00 45.04 ? 79   GLY A O   1 
ATOM   557  N N   . ARG A 1 80  ? 20.863  10.494  2.615   1.00 44.98 ? 80   ARG A N   1 
ATOM   558  C CA  . ARG A 1 80  ? 20.986  9.044   2.489   1.00 44.61 ? 80   ARG A CA  1 
ATOM   559  C C   . ARG A 1 80  ? 19.642  8.332   2.610   1.00 44.08 ? 80   ARG A C   1 
ATOM   560  O O   . ARG A 1 80  ? 19.568  7.135   2.303   1.00 44.00 ? 80   ARG A O   1 
ATOM   561  C CB  . ARG A 1 80  ? 21.914  8.489   3.569   1.00 44.79 ? 80   ARG A CB  1 
ATOM   562  C CG  . ARG A 1 80  ? 23.367  8.887   3.466   1.00 47.07 ? 80   ARG A CG  1 
ATOM   563  C CD  . ARG A 1 80  ? 24.157  8.556   4.717   1.00 50.30 ? 80   ARG A CD  1 
ATOM   564  N NE  . ARG A 1 80  ? 23.459  9.049   5.906   1.00 55.12 ? 80   ARG A NE  1 
ATOM   565  C CZ  . ARG A 1 80  ? 24.046  9.247   7.086   1.00 57.87 ? 80   ARG A CZ  1 
ATOM   566  N NH1 . ARG A 1 80  ? 25.337  8.984   7.219   1.00 60.16 ? 80   ARG A NH1 1 
ATOM   567  N NH2 . ARG A 1 80  ? 23.359  9.709   8.133   1.00 57.33 ? 80   ARG A NH2 1 
ATOM   568  N N   . ASP A 1 81  ? 18.611  9.048   3.089   1.00 42.89 ? 81   ASP A N   1 
ATOM   569  C CA  . ASP A 1 81  ? 17.330  8.463   3.455   1.00 42.11 ? 81   ASP A CA  1 
ATOM   570  C C   . ASP A 1 81  ? 17.450  7.504   4.623   1.00 42.58 ? 81   ASP A C   1 
ATOM   571  O O   . ASP A 1 81  ? 18.551  7.056   4.996   1.00 42.71 ? 81   ASP A O   1 
ATOM   572  C CB  . ASP A 1 81  ? 16.722  7.707   2.295   1.00 41.79 ? 81   ASP A CB  1 
ATOM   573  C CG  . ASP A 1 81  ? 16.489  8.579   1.067   1.00 43.10 ? 81   ASP A CG  1 
ATOM   574  O OD1 . ASP A 1 81  ? 16.171  9.790   1.211   1.00 41.03 ? 81   ASP A OD1 1 
ATOM   575  O OD2 . ASP A 1 81  ? 16.594  8.107   -0.096  1.00 44.37 ? 81   ASP A OD2 1 
ATOM   576  N N   . TYR A 1 82  ? 16.299  7.154   5.181   1.00 42.79 ? 82   TYR A N   1 
ATOM   577  C CA  . TYR A 1 82  ? 16.194  6.203   6.288   1.00 42.48 ? 82   TYR A CA  1 
ATOM   578  C C   . TYR A 1 82  ? 15.769  4.820   5.812   1.00 42.61 ? 82   TYR A C   1 
ATOM   579  O O   . TYR A 1 82  ? 14.891  4.702   4.968   1.00 42.74 ? 82   TYR A O   1 
ATOM   580  C CB  . TYR A 1 82  ? 15.141  6.723   7.233   1.00 42.28 ? 82   TYR A CB  1 
ATOM   581  C CG  . TYR A 1 82  ? 15.522  8.025   7.887   1.00 42.77 ? 82   TYR A CG  1 
ATOM   582  C CD1 . TYR A 1 82  ? 16.399  8.029   8.963   1.00 44.56 ? 82   TYR A CD1 1 
ATOM   583  C CD2 . TYR A 1 82  ? 14.998  9.241   7.461   1.00 42.85 ? 82   TYR A CD2 1 
ATOM   584  C CE1 . TYR A 1 82  ? 16.748  9.186   9.601   1.00 44.42 ? 82   TYR A CE1 1 
ATOM   585  C CE2 . TYR A 1 82  ? 15.368  10.431  8.091   1.00 43.50 ? 82   TYR A CE2 1 
ATOM   586  C CZ  . TYR A 1 82  ? 16.252  10.376  9.165   1.00 44.14 ? 82   TYR A CZ  1 
ATOM   587  O OH  . TYR A 1 82  ? 16.663  11.478  9.849   1.00 44.12 ? 82   TYR A OH  1 
ATOM   588  N N   . ASP A 1 83  ? 16.384  3.772   6.355   1.00 42.99 ? 83   ASP A N   1 
ATOM   589  C CA  . ASP A 1 83  ? 15.937  2.394   6.125   1.00 42.91 ? 83   ASP A CA  1 
ATOM   590  C C   . ASP A 1 83  ? 15.131  1.842   7.292   1.00 42.67 ? 83   ASP A C   1 
ATOM   591  O O   . ASP A 1 83  ? 15.530  1.978   8.441   1.00 42.97 ? 83   ASP A O   1 
ATOM   592  C CB  . ASP A 1 83  ? 17.127  1.472   5.895   1.00 43.01 ? 83   ASP A CB  1 
ATOM   593  C CG  . ASP A 1 83  ? 18.008  1.928   4.767   1.00 44.61 ? 83   ASP A CG  1 
ATOM   594  O OD1 . ASP A 1 83  ? 17.501  2.342   3.692   1.00 46.38 ? 83   ASP A OD1 1 
ATOM   595  O OD2 . ASP A 1 83  ? 19.243  1.905   4.874   1.00 46.40 ? 83   ASP A OD2 1 
ATOM   596  N N   . PHE A 1 84  ? 14.017  1.192   6.988   1.00 42.50 ? 84   PHE A N   1 
ATOM   597  C CA  . PHE A 1 84  ? 13.226  0.503   7.993   1.00 42.46 ? 84   PHE A CA  1 
ATOM   598  C C   . PHE A 1 84  ? 12.925  -0.934  7.566   1.00 43.39 ? 84   PHE A C   1 
ATOM   599  O O   . PHE A 1 84  ? 12.761  -1.220  6.387   1.00 43.59 ? 84   PHE A O   1 
ATOM   600  C CB  . PHE A 1 84  ? 11.900  1.215   8.194   1.00 41.95 ? 84   PHE A CB  1 
ATOM   601  C CG  . PHE A 1 84  ? 12.012  2.598   8.778   1.00 40.05 ? 84   PHE A CG  1 
ATOM   602  C CD1 . PHE A 1 84  ? 11.872  2.801   10.145  1.00 36.71 ? 84   PHE A CD1 1 
ATOM   603  C CD2 . PHE A 1 84  ? 12.183  3.705   7.955   1.00 39.12 ? 84   PHE A CD2 1 
ATOM   604  C CE1 . PHE A 1 84  ? 11.936  4.069   10.692  1.00 35.04 ? 84   PHE A CE1 1 
ATOM   605  C CE2 . PHE A 1 84  ? 12.238  4.995   8.509   1.00 38.86 ? 84   PHE A CE2 1 
ATOM   606  C CZ  . PHE A 1 84  ? 12.123  5.169   9.879   1.00 35.18 ? 84   PHE A CZ  1 
ATOM   607  N N   . SER A 1 85  ? 12.853  -1.829  8.546   1.00 44.64 ? 85   SER A N   1 
ATOM   608  C CA  . SER A 1 85  ? 12.438  -3.226  8.344   1.00 45.48 ? 85   SER A CA  1 
ATOM   609  C C   . SER A 1 85  ? 11.090  -3.466  8.983   1.00 45.33 ? 85   SER A C   1 
ATOM   610  O O   . SER A 1 85  ? 10.679  -2.721  9.868   1.00 44.98 ? 85   SER A O   1 
ATOM   611  C CB  . SER A 1 85  ? 13.408  -4.184  9.037   1.00 45.50 ? 85   SER A CB  1 
ATOM   612  O OG  . SER A 1 85  ? 14.660  -4.194  8.377   1.00 47.83 ? 85   SER A OG  1 
ATOM   613  N N   . SER A 1 86  ? 10.420  -4.526  8.546   1.00 45.47 ? 86   SER A N   1 
ATOM   614  C CA  . SER A 1 86  ? 9.239   -5.051  9.236   1.00 45.50 ? 86   SER A CA  1 
ATOM   615  C C   . SER A 1 86  ? 9.330   -4.929  10.768  1.00 44.95 ? 86   SER A C   1 
ATOM   616  O O   . SER A 1 86  ? 10.391  -5.192  11.360  1.00 45.05 ? 86   SER A O   1 
ATOM   617  C CB  . SER A 1 86  ? 9.050   -6.502  8.835   1.00 45.61 ? 86   SER A CB  1 
ATOM   618  O OG  . SER A 1 86  ? 8.755   -6.578  7.453   1.00 46.64 ? 86   SER A OG  1 
ATOM   619  N N   . GLY A 1 87  ? 8.229   -4.509  11.393  1.00 44.19 ? 87   GLY A N   1 
ATOM   620  C CA  . GLY A 1 87  ? 8.214   -4.287  12.828  1.00 43.98 ? 87   GLY A CA  1 
ATOM   621  C C   . GLY A 1 87  ? 7.943   -2.844  13.191  1.00 44.06 ? 87   GLY A C   1 
ATOM   622  O O   . GLY A 1 87  ? 7.784   -2.011  12.281  1.00 44.83 ? 87   GLY A O   1 
ATOM   623  N N   . VAL A 1 88  ? 7.862   -2.556  14.500  1.00 43.67 ? 88   VAL A N   1 
ATOM   624  C CA  . VAL A 1 88  ? 7.745   -1.177  15.034  1.00 43.41 ? 88   VAL A CA  1 
ATOM   625  C C   . VAL A 1 88  ? 9.109   -0.474  15.214  1.00 43.00 ? 88   VAL A C   1 
ATOM   626  O O   . VAL A 1 88  ? 10.120  -1.123  15.541  1.00 43.67 ? 88   VAL A O   1 
ATOM   627  C CB  . VAL A 1 88  ? 6.974   -1.089  16.400  1.00 43.60 ? 88   VAL A CB  1 
ATOM   628  C CG1 . VAL A 1 88  ? 6.086   0.138   16.448  1.00 42.31 ? 88   VAL A CG1 1 
ATOM   629  C CG2 . VAL A 1 88  ? 6.160   -2.355  16.690  1.00 44.33 ? 88   VAL A CG2 1 
ATOM   630  N N   . HIS A 1 89  ? 9.119   0.844   14.962  1.00 42.13 ? 89   HIS A N   1 
ATOM   631  C CA  . HIS A 1 89  ? 10.289  1.731   15.125  1.00 40.68 ? 89   HIS A CA  1 
ATOM   632  C C   . HIS A 1 89  ? 9.895   3.160   15.421  1.00 39.90 ? 89   HIS A C   1 
ATOM   633  O O   . HIS A 1 89  ? 8.844   3.644   14.957  1.00 39.53 ? 89   HIS A O   1 
ATOM   634  C CB  . HIS A 1 89  ? 11.080  1.833   13.855  1.00 39.92 ? 89   HIS A CB  1 
ATOM   635  C CG  . HIS A 1 89  ? 11.263  0.538   13.183  1.00 41.07 ? 89   HIS A CG  1 
ATOM   636  N ND1 . HIS A 1 89  ? 12.311  -0.301  13.482  1.00 43.07 ? 89   HIS A ND1 1 
ATOM   637  C CD2 . HIS A 1 89  ? 10.526  -0.082  12.238  1.00 42.22 ? 89   HIS A CD2 1 
ATOM   638  C CE1 . HIS A 1 89  ? 12.230  -1.375  12.721  1.00 45.04 ? 89   HIS A CE1 1 
ATOM   639  N NE2 . HIS A 1 89  ? 11.156  -1.264  11.957  1.00 45.32 ? 89   HIS A NE2 1 
ATOM   640  N N   . THR A 1 90  ? 10.779  3.843   16.137  1.00 38.37 ? 90   THR A N   1 
ATOM   641  C CA  . THR A 1 90  ? 10.621  5.249   16.364  1.00 37.36 ? 90   THR A CA  1 
ATOM   642  C C   . THR A 1 90  ? 11.800  5.965   15.760  1.00 37.31 ? 90   THR A C   1 
ATOM   643  O O   . THR A 1 90  ? 12.931  5.564   15.964  1.00 37.72 ? 90   THR A O   1 
ATOM   644  C CB  . THR A 1 90  ? 10.481  5.528   17.859  1.00 37.24 ? 90   THR A CB  1 
ATOM   645  O OG1 . THR A 1 90  ? 9.291   4.897   18.342  1.00 36.51 ? 90   THR A OG1 1 
ATOM   646  C CG2 . THR A 1 90  ? 10.192  6.985   18.098  1.00 36.45 ? 90   THR A CG2 1 
ATOM   647  N N   . LEU A 1 91  ? 11.526  6.998   14.971  1.00 37.58 ? 91   LEU A N   1 
ATOM   648  C CA  . LEU A 1 91  ? 12.564  7.882   14.459  1.00 38.03 ? 91   LEU A CA  1 
ATOM   649  C C   . LEU A 1 91  ? 12.489  9.181   15.233  1.00 38.30 ? 91   LEU A C   1 
ATOM   650  O O   . LEU A 1 91  ? 11.506  9.930   15.126  1.00 38.62 ? 91   LEU A O   1 
ATOM   651  C CB  . LEU A 1 91  ? 12.418  8.137   12.953  1.00 37.73 ? 91   LEU A CB  1 
ATOM   652  C CG  . LEU A 1 91  ? 13.210  9.298   12.345  1.00 37.15 ? 91   LEU A CG  1 
ATOM   653  C CD1 . LEU A 1 91  ? 14.686  9.244   12.691  1.00 37.64 ? 91   LEU A CD1 1 
ATOM   654  C CD2 . LEU A 1 91  ? 13.056  9.264   10.852  1.00 37.75 ? 91   LEU A CD2 1 
ATOM   655  N N   . ALA A 1 92  ? 13.529  9.431   16.020  1.00 38.65 ? 92   ALA A N   1 
ATOM   656  C CA  . ALA A 1 92  ? 13.610  10.634  16.835  1.00 39.35 ? 92   ALA A CA  1 
ATOM   657  C C   . ALA A 1 92  ? 14.938  11.287  16.545  1.00 39.91 ? 92   ALA A C   1 
ATOM   658  O O   . ALA A 1 92  ? 15.978  10.650  16.690  1.00 39.61 ? 92   ALA A O   1 
ATOM   659  C CB  . ALA A 1 92  ? 13.482  10.287  18.324  1.00 39.41 ? 92   ALA A CB  1 
ATOM   660  N N   . ASP A 1 93  ? 14.885  12.537  16.083  1.00 40.87 ? 93   ASP A N   1 
ATOM   661  C CA  . ASP A 1 93  ? 16.069  13.362  15.887  1.00 42.25 ? 93   ASP A CA  1 
ATOM   662  C C   . ASP A 1 93  ? 17.219  12.599  15.240  1.00 42.76 ? 93   ASP A C   1 
ATOM   663  O O   . ASP A 1 93  ? 18.315  12.533  15.797  1.00 43.39 ? 93   ASP A O   1 
ATOM   664  C CB  . ASP A 1 93  ? 16.533  13.978  17.228  1.00 42.87 ? 93   ASP A CB  1 
ATOM   665  C CG  . ASP A 1 93  ? 15.383  14.691  18.011  1.00 45.55 ? 93   ASP A CG  1 
ATOM   666  O OD1 . ASP A 1 93  ? 14.500  15.377  17.423  1.00 48.53 ? 93   ASP A OD1 1 
ATOM   667  O OD2 . ASP A 1 93  ? 15.284  14.612  19.248  1.00 47.57 ? 93   ASP A OD2 1 
ATOM   668  N N   . GLY A 1 94  ? 16.972  12.010  14.071  1.00 43.17 ? 94   GLY A N   1 
ATOM   669  C CA  . GLY A 1 94  ? 18.025  11.397  13.285  1.00 43.17 ? 94   GLY A CA  1 
ATOM   670  C C   . GLY A 1 94  ? 18.202  9.928   13.566  1.00 43.67 ? 94   GLY A C   1 
ATOM   671  O O   . GLY A 1 94  ? 18.871  9.233   12.798  1.00 43.78 ? 94   GLY A O   1 
ATOM   672  N N   . ARG A 1 95  ? 17.563  9.441   14.627  1.00 43.80 ? 95   ARG A N   1 
ATOM   673  C CA  . ARG A 1 95  ? 17.863  8.122   15.168  1.00 44.56 ? 95   ARG A CA  1 
ATOM   674  C C   . ARG A 1 95  ? 16.672  7.112   15.226  1.00 43.75 ? 95   ARG A C   1 
ATOM   675  O O   . ARG A 1 95  ? 15.618  7.374   15.824  1.00 43.42 ? 95   ARG A O   1 
ATOM   676  C CB  . ARG A 1 95  ? 18.464  8.321   16.562  1.00 45.46 ? 95   ARG A CB  1 
ATOM   677  C CG  . ARG A 1 95  ? 19.826  7.684   16.839  1.00 50.74 ? 95   ARG A CG  1 
ATOM   678  C CD  . ARG A 1 95  ? 20.100  7.453   18.385  1.00 61.32 ? 95   ARG A CD  1 
ATOM   679  N NE  . ARG A 1 95  ? 20.609  6.102   18.713  1.00 66.61 ? 95   ARG A NE  1 
ATOM   680  C CZ  . ARG A 1 95  ? 21.878  5.807   19.070  1.00 68.66 ? 95   ARG A CZ  1 
ATOM   681  N NH1 . ARG A 1 95  ? 22.817  6.756   19.173  1.00 68.24 ? 95   ARG A NH1 1 
ATOM   682  N NH2 . ARG A 1 95  ? 22.210  4.540   19.321  1.00 69.15 ? 95   ARG A NH2 1 
ATOM   683  N N   . ILE A 1 96  ? 16.868  5.937   14.627  1.00 42.95 ? 96   ILE A N   1 
ATOM   684  C CA  . ILE A 1 96  ? 15.880  4.871   14.688  1.00 41.66 ? 96   ILE A CA  1 
ATOM   685  C C   . ILE A 1 96  ? 16.117  3.957   15.867  1.00 41.95 ? 96   ILE A C   1 
ATOM   686  O O   . ILE A 1 96  ? 17.236  3.535   16.135  1.00 41.93 ? 96   ILE A O   1 
ATOM   687  C CB  . ILE A 1 96  ? 15.890  4.067   13.398  1.00 41.13 ? 96   ILE A CB  1 
ATOM   688  C CG1 . ILE A 1 96  ? 15.693  5.007   12.212  1.00 39.87 ? 96   ILE A CG1 1 
ATOM   689  C CG2 . ILE A 1 96  ? 14.790  3.029   13.435  1.00 40.71 ? 96   ILE A CG2 1 
ATOM   690  C CD1 . ILE A 1 96  ? 16.164  4.475   10.909  1.00 39.70 ? 96   ILE A CD1 1 
ATOM   691  N N   . LEU A 1 97  ? 15.052  3.648   16.580  1.00 42.30 ? 97   LEU A N   1 
ATOM   692  C CA  . LEU A 1 97  ? 15.105  2.661   17.660  1.00 43.30 ? 97   LEU A CA  1 
ATOM   693  C C   . LEU A 1 97  ? 13.880  1.775   17.512  1.00 43.32 ? 97   LEU A C   1 
ATOM   694  O O   . LEU A 1 97  ? 12.866  2.224   16.946  1.00 44.52 ? 97   LEU A O   1 
ATOM   695  C CB  . LEU A 1 97  ? 15.109  3.340   19.041  1.00 43.50 ? 97   LEU A CB  1 
ATOM   696  C CG  . LEU A 1 97  ? 16.465  3.883   19.542  1.00 45.30 ? 97   LEU A CG  1 
ATOM   697  C CD1 . LEU A 1 97  ? 16.296  4.838   20.749  1.00 46.08 ? 97   LEU A CD1 1 
ATOM   698  C CD2 . LEU A 1 97  ? 17.483  2.763   19.852  1.00 47.47 ? 97   LEU A CD2 1 
ATOM   699  N N   . SER A 1 98  ? 13.935  0.536   17.990  1.00 42.24 ? 98   SER A N   1 
ATOM   700  C CA  . SER A 1 98  ? 12.780  -0.344  17.800  1.00 41.66 ? 98   SER A CA  1 
ATOM   701  C C   . SER A 1 98  ? 11.743  -0.082  18.832  1.00 39.90 ? 98   SER A C   1 
ATOM   702  O O   . SER A 1 98  ? 12.023  0.491   19.874  1.00 40.16 ? 98   SER A O   1 
ATOM   703  C CB  . SER A 1 98  ? 13.170  -1.793  17.883  1.00 42.15 ? 98   SER A CB  1 
ATOM   704  O OG  . SER A 1 98  ? 14.505  -1.838  18.324  1.00 47.06 ? 98   SER A OG  1 
ATOM   705  N N   . GLY A 1 99  ? 10.535  -0.515  18.527  1.00 38.43 ? 99   GLY A N   1 
ATOM   706  C CA  . GLY A 1 99  ? 9.423   -0.295  19.402  1.00 36.67 ? 99   GLY A CA  1 
ATOM   707  C C   . GLY A 1 99  ? 8.916   1.114   19.294  1.00 35.88 ? 99   GLY A C   1 
ATOM   708  O O   . GLY A 1 99  ? 9.303   1.914   18.430  1.00 35.04 ? 99   GLY A O   1 
ATOM   709  N N   . THR A 1 100 ? 8.020   1.391   20.218  1.00 35.66 ? 100  THR A N   1 
ATOM   710  C CA  . THR A 1 100 ? 7.314   2.636   20.294  1.00 36.29 ? 100  THR A CA  1 
ATOM   711  C C   . THR A 1 100 ? 8.147   3.659   21.050  1.00 36.79 ? 100  THR A C   1 
ATOM   712  O O   . THR A 1 100 ? 9.147   3.276   21.697  1.00 38.25 ? 100  THR A O   1 
ATOM   713  C CB  . THR A 1 100 ? 5.988   2.396   21.002  1.00 36.53 ? 100  THR A CB  1 
ATOM   714  O OG1 . THR A 1 100 ? 6.204   1.637   22.192  1.00 35.81 ? 100  THR A OG1 1 
ATOM   715  C CG2 . THR A 1 100 ? 5.112   1.508   20.146  1.00 37.07 ? 100  THR A CG2 1 
ATOM   716  N N   . PRO A 1 101 ? 7.771   4.940   20.959  1.00 35.94 ? 101  PRO A N   1 
ATOM   717  C CA  . PRO A 1 101 ? 8.526   6.024   21.579  1.00 36.03 ? 101  PRO A CA  1 
ATOM   718  C C   . PRO A 1 101 ? 8.881   5.799   23.049  1.00 36.50 ? 101  PRO A C   1 
ATOM   719  O O   . PRO A 1 101 ? 8.116   5.193   23.801  1.00 36.41 ? 101  PRO A O   1 
ATOM   720  C CB  . PRO A 1 101 ? 7.583   7.210   21.418  1.00 36.09 ? 101  PRO A CB  1 
ATOM   721  C CG  . PRO A 1 101 ? 6.895   6.902   20.123  1.00 35.39 ? 101  PRO A CG  1 
ATOM   722  C CD  . PRO A 1 101 ? 6.595   5.457   20.242  1.00 35.59 ? 101  PRO A CD  1 
ATOM   723  N N   . LYS A 1 102 ? 10.073  6.276   23.415  1.00 37.32 ? 102  LYS A N   1 
ATOM   724  C CA  . LYS A 1 102 ? 10.680  6.123   24.746  1.00 37.51 ? 102  LYS A CA  1 
ATOM   725  C C   . LYS A 1 102 ? 10.486  7.413   25.542  1.00 37.16 ? 102  LYS A C   1 
ATOM   726  O O   . LYS A 1 102 ? 10.555  7.419   26.777  1.00 36.77 ? 102  LYS A O   1 
ATOM   727  C CB  . LYS A 1 102 ? 12.175  5.896   24.606  1.00 37.24 ? 102  LYS A CB  1 
ATOM   728  C CG  . LYS A 1 102 ? 12.656  4.483   24.330  1.00 40.30 ? 102  LYS A CG  1 
ATOM   729  C CD  . LYS A 1 102 ? 11.578  3.476   23.911  1.00 45.85 ? 102  LYS A CD  1 
ATOM   730  C CE  . LYS A 1 102 ? 11.968  2.031   24.351  1.00 47.15 ? 102  LYS A CE  1 
ATOM   731  N NZ  . LYS A 1 102 ? 11.690  0.954   23.363  1.00 48.15 ? 102  LYS A NZ  1 
ATOM   732  O OXT . LYS A 1 102 ? 10.246  8.460   24.934  1.00 37.01 ? 102  LYS A OXT 1 
ATOM   733  N N   . ALA B 1 9   ? 1.079   -15.868 4.825   1.00 49.01 ? 9    ALA B N   1 
ATOM   734  C CA  . ALA B 1 9   ? 0.415   -14.984 3.762   1.00 49.56 ? 9    ALA B CA  1 
ATOM   735  C C   . ALA B 1 9   ? -1.113  -15.148 3.732   1.00 49.12 ? 9    ALA B C   1 
ATOM   736  O O   . ALA B 1 9   ? -1.640  -16.290 3.631   1.00 49.14 ? 9    ALA B O   1 
ATOM   737  C CB  . ALA B 1 9   ? 1.032   -15.242 2.324   1.00 50.02 ? 9    ALA B CB  1 
ATOM   738  N N   . THR B 1 10  ? -1.841  -14.033 3.829   1.00 48.16 ? 10   THR B N   1 
ATOM   739  C CA  . THR B 1 10  ? -3.269  -14.188 4.162   1.00 46.63 ? 10   THR B CA  1 
ATOM   740  C C   . THR B 1 10  ? -4.329  -13.486 3.287   1.00 45.20 ? 10   THR B C   1 
ATOM   741  O O   . THR B 1 10  ? -4.934  -14.120 2.426   1.00 44.60 ? 10   THR B O   1 
ATOM   742  C CB  . THR B 1 10  ? -3.471  -14.117 5.728   1.00 46.72 ? 10   THR B CB  1 
ATOM   743  O OG1 . THR B 1 10  ? -4.081  -15.333 6.157   1.00 46.69 ? 10   THR B OG1 1 
ATOM   744  C CG2 . THR B 1 10  ? -4.443  -13.016 6.220   1.00 47.70 ? 10   THR B CG2 1 
ATOM   745  N N   . ASP B 1 11  ? -4.548  -12.197 3.478   1.00 44.05 ? 11   ASP B N   1 
ATOM   746  C CA  . ASP B 1 11  ? -5.541  -11.517 2.667   1.00 43.15 ? 11   ASP B CA  1 
ATOM   747  C C   . ASP B 1 11  ? -5.050  -11.419 1.233   1.00 42.36 ? 11   ASP B C   1 
ATOM   748  O O   . ASP B 1 11  ? -3.876  -11.671 0.942   1.00 42.50 ? 11   ASP B O   1 
ATOM   749  C CB  . ASP B 1 11  ? -5.827  -10.135 3.219   1.00 43.38 ? 11   ASP B CB  1 
ATOM   750  C CG  . ASP B 1 11  ? -6.258  -10.170 4.652   1.00 45.08 ? 11   ASP B CG  1 
ATOM   751  O OD1 . ASP B 1 11  ? -6.019  -9.174  5.365   1.00 47.25 ? 11   ASP B OD1 1 
ATOM   752  O OD2 . ASP B 1 11  ? -6.845  -11.148 5.163   1.00 47.40 ? 11   ASP B OD2 1 
ATOM   753  N N   . ILE B 1 12  ? -5.948  -11.062 0.332   1.00 41.12 ? 12   ILE B N   1 
ATOM   754  C CA  . ILE B 1 12  ? -5.568  -10.858 -1.044  1.00 39.74 ? 12   ILE B CA  1 
ATOM   755  C C   . ILE B 1 12  ? -5.633  -9.372  -1.277  1.00 39.62 ? 12   ILE B C   1 
ATOM   756  O O   . ILE B 1 12  ? -6.707  -8.783  -1.229  1.00 39.38 ? 12   ILE B O   1 
ATOM   757  C CB  . ILE B 1 12  ? -6.519  -11.620 -1.960  1.00 39.20 ? 12   ILE B CB  1 
ATOM   758  C CG1 . ILE B 1 12  ? -6.353  -13.116 -1.730  1.00 37.72 ? 12   ILE B CG1 1 
ATOM   759  C CG2 . ILE B 1 12  ? -6.214  -11.306 -3.401  1.00 40.09 ? 12   ILE B CG2 1 
ATOM   760  C CD1 . ILE B 1 12  ? -7.477  -13.967 -2.222  1.00 35.53 ? 12   ILE B CD1 1 
ATOM   761  N N   . THR B 1 13  ? -4.481  -8.759  -1.505  1.00 39.24 ? 13   THR B N   1 
ATOM   762  C CA  . THR B 1 13  ? -4.422  -7.318  -1.748  1.00 39.32 ? 13   THR B CA  1 
ATOM   763  C C   . THR B 1 13  ? -3.997  -7.121  -3.191  1.00 38.91 ? 13   THR B C   1 
ATOM   764  O O   . THR B 1 13  ? -3.024  -7.699  -3.623  1.00 39.29 ? 13   THR B O   1 
ATOM   765  C CB  . THR B 1 13  ? -3.401  -6.649  -0.775  1.00 39.75 ? 13   THR B CB  1 
ATOM   766  O OG1 . THR B 1 13  ? -3.786  -6.921  0.583   1.00 41.31 ? 13   THR B OG1 1 
ATOM   767  C CG2 . THR B 1 13  ? -3.436  -5.134  -0.874  1.00 37.62 ? 13   THR B CG2 1 
ATOM   768  N N   . ILE B 1 14  ? -4.742  -6.330  -3.947  1.00 38.94 ? 14   ILE B N   1 
ATOM   769  C CA  . ILE B 1 14  ? -4.457  -6.126  -5.363  1.00 38.66 ? 14   ILE B CA  1 
ATOM   770  C C   . ILE B 1 14  ? -4.280  -4.631  -5.632  1.00 39.25 ? 14   ILE B C   1 
ATOM   771  O O   . ILE B 1 14  ? -5.105  -3.813  -5.175  1.00 39.20 ? 14   ILE B O   1 
ATOM   772  C CB  . ILE B 1 14  ? -5.579  -6.712  -6.236  1.00 38.48 ? 14   ILE B CB  1 
ATOM   773  C CG1 . ILE B 1 14  ? -5.724  -8.212  -5.968  1.00 39.62 ? 14   ILE B CG1 1 
ATOM   774  C CG2 . ILE B 1 14  ? -5.290  -6.495  -7.724  1.00 38.00 ? 14   ILE B CG2 1 
ATOM   775  C CD1 . ILE B 1 14  ? -7.126  -8.793  -6.107  1.00 40.25 ? 14   ILE B CD1 1 
ATOM   776  N N   . TYR B 1 15  ? -3.181  -4.298  -6.322  1.00 38.79 ? 15   TYR B N   1 
ATOM   777  C CA  . TYR B 1 15  ? -2.917  -2.967  -6.805  1.00 39.25 ? 15   TYR B CA  1 
ATOM   778  C C   . TYR B 1 15  ? -3.261  -3.065  -8.261  1.00 40.13 ? 15   TYR B C   1 
ATOM   779  O O   . TYR B 1 15  ? -2.810  -3.999  -8.919  1.00 41.50 ? 15   TYR B O   1 
ATOM   780  C CB  . TYR B 1 15  ? -1.431  -2.606  -6.620  1.00 39.47 ? 15   TYR B CB  1 
ATOM   781  C CG  . TYR B 1 15  ? -1.129  -2.136  -5.221  1.00 38.63 ? 15   TYR B CG  1 
ATOM   782  C CD1 . TYR B 1 15  ? -1.319  -0.805  -4.848  1.00 37.99 ? 15   TYR B CD1 1 
ATOM   783  C CD2 . TYR B 1 15  ? -0.730  -3.047  -4.244  1.00 38.89 ? 15   TYR B CD2 1 
ATOM   784  C CE1 . TYR B 1 15  ? -1.085  -0.379  -3.535  1.00 38.42 ? 15   TYR B CE1 1 
ATOM   785  C CE2 . TYR B 1 15  ? -0.489  -2.644  -2.926  1.00 38.88 ? 15   TYR B CE2 1 
ATOM   786  C CZ  . TYR B 1 15  ? -0.667  -1.318  -2.573  1.00 39.95 ? 15   TYR B CZ  1 
ATOM   787  O OH  . TYR B 1 15  ? -0.418  -0.961  -1.265  1.00 40.01 ? 15   TYR B OH  1 
ATOM   788  N N   . TYR B 1 16  ? -4.066  -2.138  -8.775  1.00 40.42 ? 16   TYR B N   1 
ATOM   789  C CA  . TYR B 1 16  ? -4.533  -2.205  -10.159 1.00 40.65 ? 16   TYR B CA  1 
ATOM   790  C C   . TYR B 1 16  ? -4.177  -0.900  -10.832 1.00 41.61 ? 16   TYR B C   1 
ATOM   791  O O   . TYR B 1 16  ? -4.412  0.178   -10.265 1.00 41.17 ? 16   TYR B O   1 
ATOM   792  C CB  . TYR B 1 16  ? -6.044  -2.423  -10.164 1.00 40.50 ? 16   TYR B CB  1 
ATOM   793  C CG  . TYR B 1 16  ? -6.734  -2.485  -11.509 1.00 39.55 ? 16   TYR B CG  1 
ATOM   794  C CD1 . TYR B 1 16  ? -6.348  -3.414  -12.478 1.00 39.83 ? 16   TYR B CD1 1 
ATOM   795  C CD2 . TYR B 1 16  ? -7.821  -1.663  -11.790 1.00 39.27 ? 16   TYR B CD2 1 
ATOM   796  C CE1 . TYR B 1 16  ? -6.995  -3.500  -13.718 1.00 37.75 ? 16   TYR B CE1 1 
ATOM   797  C CE2 . TYR B 1 16  ? -8.475  -1.733  -13.029 1.00 39.94 ? 16   TYR B CE2 1 
ATOM   798  C CZ  . TYR B 1 16  ? -8.043  -2.653  -13.986 1.00 39.58 ? 16   TYR B CZ  1 
ATOM   799  O OH  . TYR B 1 16  ? -8.670  -2.732  -15.201 1.00 40.66 ? 16   TYR B OH  1 
ATOM   800  N N   . LYS B 1 17  ? -3.572  -0.998  -12.013 1.00 42.76 ? 17   LYS B N   1 
ATOM   801  C CA  . LYS B 1 17  ? -3.206  0.174   -12.810 1.00 44.60 ? 17   LYS B CA  1 
ATOM   802  C C   . LYS B 1 17  ? -4.369  0.553   -13.691 1.00 45.57 ? 17   LYS B C   1 
ATOM   803  O O   . LYS B 1 17  ? -4.809  -0.256  -14.532 1.00 46.20 ? 17   LYS B O   1 
ATOM   804  C CB  . LYS B 1 17  ? -1.992  -0.110  -13.705 1.00 45.15 ? 17   LYS B CB  1 
ATOM   805  C CG  . LYS B 1 17  ? -1.203  1.136   -14.114 1.00 46.69 ? 17   LYS B CG  1 
ATOM   806  C CD  . LYS B 1 17  ? -0.418  0.915   -15.411 1.00 51.28 ? 17   LYS B CD  1 
ATOM   807  C CE  . LYS B 1 17  ? 0.156   2.250   -15.970 1.00 54.46 ? 17   LYS B CE  1 
ATOM   808  N NZ  . LYS B 1 17  ? -0.216  2.506   -17.418 1.00 55.66 ? 17   LYS B NZ  1 
ATOM   809  N N   . THR B 1 18  ? -4.860  1.783   -13.522 1.00 46.54 ? 18   THR B N   1 
ATOM   810  C CA  . THR B 1 18  ? -6.068  2.219   -14.217 1.00 47.10 ? 18   THR B CA  1 
ATOM   811  C C   . THR B 1 18  ? -6.248  3.731   -14.313 1.00 47.99 ? 18   THR B C   1 
ATOM   812  O O   . THR B 1 18  ? -5.851  4.474   -13.428 1.00 48.02 ? 18   THR B O   1 
ATOM   813  C CB  . THR B 1 18  ? -7.312  1.553   -13.579 1.00 46.66 ? 18   THR B CB  1 
ATOM   814  O OG1 . THR B 1 18  ? -8.303  1.349   -14.586 1.00 47.89 ? 18   THR B OG1 1 
ATOM   815  C CG2 . THR B 1 18  ? -8.002  2.445   -12.573 1.00 46.36 ? 18   THR B CG2 1 
ATOM   816  N N   . GLY B 1 19  ? -6.854  4.166   -15.411 1.00 49.05 ? 19   GLY B N   1 
ATOM   817  C CA  . GLY B 1 19  ? -7.360  5.516   -15.521 1.00 50.13 ? 19   GLY B CA  1 
ATOM   818  C C   . GLY B 1 19  ? -8.761  5.708   -14.945 1.00 51.10 ? 19   GLY B C   1 
ATOM   819  O O   . GLY B 1 19  ? -9.133  6.861   -14.723 1.00 51.46 ? 19   GLY B O   1 
ATOM   820  N N   . TRP B 1 20  ? -9.514  4.623   -14.681 1.00 51.49 ? 20   TRP B N   1 
ATOM   821  C CA  . TRP B 1 20  ? -10.924 4.708   -14.230 1.00 52.13 ? 20   TRP B CA  1 
ATOM   822  C C   . TRP B 1 20  ? -11.117 5.501   -12.937 1.00 52.34 ? 20   TRP B C   1 
ATOM   823  O O   . TRP B 1 20  ? -10.290 5.439   -12.027 1.00 52.04 ? 20   TRP B O   1 
ATOM   824  C CB  . TRP B 1 20  ? -11.601 3.313   -14.122 1.00 52.45 ? 20   TRP B CB  1 
ATOM   825  C CG  . TRP B 1 20  ? -11.763 2.595   -15.467 1.00 53.08 ? 20   TRP B CG  1 
ATOM   826  C CD1 . TRP B 1 20  ? -11.908 3.184   -16.684 1.00 53.76 ? 20   TRP B CD1 1 
ATOM   827  C CD2 . TRP B 1 20  ? -11.768 1.173   -15.717 1.00 53.97 ? 20   TRP B CD2 1 
ATOM   828  N NE1 . TRP B 1 20  ? -12.004 2.234   -17.674 1.00 55.52 ? 20   TRP B NE1 1 
ATOM   829  C CE2 . TRP B 1 20  ? -11.919 0.990   -17.112 1.00 55.15 ? 20   TRP B CE2 1 
ATOM   830  C CE3 . TRP B 1 20  ? -11.664 0.039   -14.913 1.00 54.08 ? 20   TRP B CE3 1 
ATOM   831  C CZ2 . TRP B 1 20  ? -11.948 -0.281  -17.718 1.00 54.84 ? 20   TRP B CZ2 1 
ATOM   832  C CZ3 . TRP B 1 20  ? -11.704 -1.230  -15.523 1.00 55.07 ? 20   TRP B CZ3 1 
ATOM   833  C CH2 . TRP B 1 20  ? -11.845 -1.373  -16.907 1.00 53.56 ? 20   TRP B CH2 1 
ATOM   834  N N   . THR B 1 21  ? -12.206 6.259   -12.875 1.00 52.89 ? 21   THR B N   1 
ATOM   835  C CA  . THR B 1 21  ? -12.514 7.050   -11.683 1.00 53.66 ? 21   THR B CA  1 
ATOM   836  C C   . THR B 1 21  ? -13.345 6.289   -10.664 1.00 52.98 ? 21   THR B C   1 
ATOM   837  O O   . THR B 1 21  ? -13.366 6.638   -9.499  1.00 52.96 ? 21   THR B O   1 
ATOM   838  C CB  . THR B 1 21  ? -13.247 8.360   -12.030 1.00 54.27 ? 21   THR B CB  1 
ATOM   839  O OG1 . THR B 1 21  ? -12.952 8.747   -13.376 1.00 56.20 ? 21   THR B OG1 1 
ATOM   840  C CG2 . THR B 1 21  ? -12.682 9.528   -11.178 1.00 55.58 ? 21   THR B CG2 1 
ATOM   841  N N   . HIS B 1 22  ? -14.046 5.256   -11.092 1.00 52.19 ? 22   HIS B N   1 
ATOM   842  C CA  . HIS B 1 22  ? -14.729 4.437   -10.118 1.00 51.32 ? 22   HIS B CA  1 
ATOM   843  C C   . HIS B 1 22  ? -14.464 2.940   -10.330 1.00 49.49 ? 22   HIS B C   1 
ATOM   844  O O   . HIS B 1 22  ? -15.402 2.162   -10.506 1.00 49.59 ? 22   HIS B O   1 
ATOM   845  C CB  . HIS B 1 22  ? -16.226 4.731   -10.175 1.00 52.48 ? 22   HIS B CB  1 
ATOM   846  C CG  . HIS B 1 22  ? -16.590 6.155   -9.857  1.00 55.87 ? 22   HIS B CG  1 
ATOM   847  N ND1 . HIS B 1 22  ? -16.531 6.677   -8.576  1.00 58.55 ? 22   HIS B ND1 1 
ATOM   848  C CD2 . HIS B 1 22  ? -17.054 7.152   -10.651 1.00 56.62 ? 22   HIS B CD2 1 
ATOM   849  C CE1 . HIS B 1 22  ? -16.943 7.932   -8.600  1.00 58.88 ? 22   HIS B CE1 1 
ATOM   850  N NE2 . HIS B 1 22  ? -17.269 8.242   -9.846  1.00 58.66 ? 22   HIS B NE2 1 
ATOM   851  N N   . PRO B 1 23  ? -13.212 2.510   -10.271 1.00 47.42 ? 23   PRO B N   1 
ATOM   852  C CA  . PRO B 1 23  ? -12.882 1.126   -10.618 1.00 46.14 ? 23   PRO B CA  1 
ATOM   853  C C   . PRO B 1 23  ? -13.464 0.125   -9.589  1.00 45.07 ? 23   PRO B C   1 
ATOM   854  O O   . PRO B 1 23  ? -13.452 0.357   -8.354  1.00 44.86 ? 23   PRO B O   1 
ATOM   855  C CB  . PRO B 1 23  ? -11.351 1.115   -10.586 1.00 46.29 ? 23   PRO B CB  1 
ATOM   856  C CG  . PRO B 1 23  ? -10.992 2.176   -9.607  1.00 46.88 ? 23   PRO B CG  1 
ATOM   857  C CD  . PRO B 1 23  ? -12.038 3.255   -9.790  1.00 47.54 ? 23   PRO B CD  1 
ATOM   858  N N   . HIS B 1 24  ? -14.009 -0.981  -10.089 1.00 42.96 ? 24   HIS B N   1 
ATOM   859  C CA  . HIS B 1 24  ? -14.517 -1.993  -9.177  1.00 40.77 ? 24   HIS B CA  1 
ATOM   860  C C   . HIS B 1 24  ? -13.851 -3.320  -9.502  1.00 39.51 ? 24   HIS B C   1 
ATOM   861  O O   . HIS B 1 24  ? -13.440 -3.540  -10.662 1.00 38.93 ? 24   HIS B O   1 
ATOM   862  C CB  . HIS B 1 24  ? -16.021 -2.108  -9.289  1.00 40.69 ? 24   HIS B CB  1 
ATOM   863  C CG  . HIS B 1 24  ? -16.761 -0.960  -8.698  1.00 39.91 ? 24   HIS B CG  1 
ATOM   864  N ND1 . HIS B 1 24  ? -16.796 0.283   -9.287  1.00 39.25 ? 24   HIS B ND1 1 
ATOM   865  C CD2 . HIS B 1 24  ? -17.520 -0.870  -7.578  1.00 40.99 ? 24   HIS B CD2 1 
ATOM   866  C CE1 . HIS B 1 24  ? -17.534 1.097   -8.548  1.00 40.25 ? 24   HIS B CE1 1 
ATOM   867  N NE2 . HIS B 1 24  ? -17.988 0.422   -7.504  1.00 39.15 ? 24   HIS B NE2 1 
ATOM   868  N N   . ILE B 1 25  ? -13.682 -4.155  -8.471  1.00 37.24 ? 25   ILE B N   1 
ATOM   869  C CA  . ILE B 1 25  ? -13.292 -5.538  -8.665  1.00 35.83 ? 25   ILE B CA  1 
ATOM   870  C C   . ILE B 1 25  ? -14.513 -6.414  -8.414  1.00 35.53 ? 25   ILE B C   1 
ATOM   871  O O   . ILE B 1 25  ? -15.193 -6.318  -7.378  1.00 35.40 ? 25   ILE B O   1 
ATOM   872  C CB  . ILE B 1 25  ? -12.084 -5.946  -7.786  1.00 35.75 ? 25   ILE B CB  1 
ATOM   873  C CG1 . ILE B 1 25  ? -11.572 -7.339  -8.188  1.00 35.12 ? 25   ILE B CG1 1 
ATOM   874  C CG2 . ILE B 1 25  ? -12.419 -5.887  -6.273  1.00 35.43 ? 25   ILE B CG2 1 
ATOM   875  C CD1 . ILE B 1 25  ? -10.341 -7.847  -7.437  1.00 31.22 ? 25   ILE B CD1 1 
ATOM   876  N N   . HIS B 1 26  ? -14.796 -7.250  -9.400  1.00 34.77 ? 26   HIS B N   1 
ATOM   877  C CA  . HIS B 1 26  ? -15.896 -8.190  -9.350  1.00 34.30 ? 26   HIS B CA  1 
ATOM   878  C C   . HIS B 1 26  ? -15.247 -9.570  -9.382  1.00 33.86 ? 26   HIS B C   1 
ATOM   879  O O   . HIS B 1 26  ? -14.451 -9.858  -10.291 1.00 33.98 ? 26   HIS B O   1 
ATOM   880  C CB  . HIS B 1 26  ? -16.798 -7.951  -10.554 1.00 34.29 ? 26   HIS B CB  1 
ATOM   881  C CG  . HIS B 1 26  ? -17.901 -8.949  -10.698 1.00 36.49 ? 26   HIS B CG  1 
ATOM   882  N ND1 . HIS B 1 26  ? -18.833 -9.192  -9.707  1.00 37.27 ? 26   HIS B ND1 1 
ATOM   883  C CD2 . HIS B 1 26  ? -18.232 -9.761  -11.729 1.00 38.55 ? 26   HIS B CD2 1 
ATOM   884  C CE1 . HIS B 1 26  ? -19.685 -10.113 -10.118 1.00 36.79 ? 26   HIS B CE1 1 
ATOM   885  N NE2 . HIS B 1 26  ? -19.345 -10.473 -11.342 1.00 39.19 ? 26   HIS B NE2 1 
ATOM   886  N N   . TYR B 1 27  ? -15.507 -10.392 -8.364  1.00 32.83 ? 27   TYR B N   1 
ATOM   887  C CA  . TYR B 1 27  ? -14.729 -11.619 -8.181  1.00 32.42 ? 27   TYR B CA  1 
ATOM   888  C C   . TYR B 1 27  ? -15.497 -12.770 -7.536  1.00 32.68 ? 27   TYR B C   1 
ATOM   889  O O   . TYR B 1 27  ? -16.580 -12.568 -6.974  1.00 32.95 ? 27   TYR B O   1 
ATOM   890  C CB  . TYR B 1 27  ? -13.476 -11.347 -7.341  1.00 32.25 ? 27   TYR B CB  1 
ATOM   891  C CG  . TYR B 1 27  ? -13.793 -10.913 -5.933  1.00 31.49 ? 27   TYR B CG  1 
ATOM   892  C CD1 . TYR B 1 27  ? -14.062 -11.842 -4.934  1.00 29.49 ? 27   TYR B CD1 1 
ATOM   893  C CD2 . TYR B 1 27  ? -13.846 -9.560  -5.611  1.00 30.34 ? 27   TYR B CD2 1 
ATOM   894  C CE1 . TYR B 1 27  ? -14.381 -11.430 -3.657  1.00 30.21 ? 27   TYR B CE1 1 
ATOM   895  C CE2 . TYR B 1 27  ? -14.134 -9.145  -4.340  1.00 29.88 ? 27   TYR B CE2 1 
ATOM   896  C CZ  . TYR B 1 27  ? -14.408 -10.067 -3.357  1.00 30.33 ? 27   TYR B CZ  1 
ATOM   897  O OH  . TYR B 1 27  ? -14.717 -9.608  -2.071  1.00 30.43 ? 27   TYR B OH  1 
ATOM   898  N N   . SER B 1 28  ? -14.924 -13.971 -7.628  1.00 32.53 ? 28   SER B N   1 
ATOM   899  C CA  . SER B 1 28  ? -15.360 -15.107 -6.838  1.00 33.03 ? 28   SER B CA  1 
ATOM   900  C C   . SER B 1 28  ? -14.209 -15.500 -5.907  1.00 33.27 ? 28   SER B C   1 
ATOM   901  O O   . SER B 1 28  ? -13.107 -15.801 -6.395  1.00 33.85 ? 28   SER B O   1 
ATOM   902  C CB  . SER B 1 28  ? -15.746 -16.270 -7.769  1.00 33.31 ? 28   SER B CB  1 
ATOM   903  O OG  . SER B 1 28  ? -15.698 -17.552 -7.134  1.00 32.20 ? 28   SER B OG  1 
ATOM   904  N N   . LEU B 1 29  ? -14.439 -15.490 -4.587  1.00 33.19 ? 29   LEU B N   1 
ATOM   905  C CA  . LEU B 1 29  ? -13.379 -15.892 -3.630  1.00 32.92 ? 29   LEU B CA  1 
ATOM   906  C C   . LEU B 1 29  ? -13.502 -17.353 -3.242  1.00 33.48 ? 29   LEU B C   1 
ATOM   907  O O   . LEU B 1 29  ? -14.563 -17.822 -2.824  1.00 34.18 ? 29   LEU B O   1 
ATOM   908  C CB  . LEU B 1 29  ? -13.381 -15.020 -2.372  1.00 32.36 ? 29   LEU B CB  1 
ATOM   909  C CG  . LEU B 1 29  ? -12.526 -15.390 -1.151  1.00 30.90 ? 29   LEU B CG  1 
ATOM   910  C CD1 . LEU B 1 29  ? -11.087 -15.221 -1.493  1.00 28.26 ? 29   LEU B CD1 1 
ATOM   911  C CD2 . LEU B 1 29  ? -12.869 -14.484 0.005   1.00 26.89 ? 29   LEU B CD2 1 
ATOM   912  N N   . ASN B 1 30  ? -12.404 -18.075 -3.385  1.00 34.18 ? 30   ASN B N   1 
ATOM   913  C CA  . ASN B 1 30  ? -12.319 -19.481 -2.979  1.00 34.18 ? 30   ASN B CA  1 
ATOM   914  C C   . ASN B 1 30  ? -13.437 -20.340 -3.511  1.00 34.87 ? 30   ASN B C   1 
ATOM   915  O O   . ASN B 1 30  ? -13.987 -21.151 -2.784  1.00 35.71 ? 30   ASN B O   1 
ATOM   916  C CB  . ASN B 1 30  ? -12.242 -19.608 -1.460  1.00 33.61 ? 30   ASN B CB  1 
ATOM   917  C CG  . ASN B 1 30  ? -10.870 -19.287 -0.927  1.00 33.55 ? 30   ASN B CG  1 
ATOM   918  O OD1 . ASN B 1 30  ? -9.891  -19.256 -1.671  1.00 32.39 ? 30   ASN B OD1 1 
ATOM   919  N ND2 . ASN B 1 30  ? -10.786 -19.027 0.367   1.00 34.64 ? 30   ASN B ND2 1 
ATOM   920  N N   . GLN B 1 31  ? -13.780 -20.146 -4.783  1.00 35.64 ? 31   GLN B N   1 
ATOM   921  C CA  . GLN B 1 31  ? -14.632 -21.079 -5.524  1.00 35.71 ? 31   GLN B CA  1 
ATOM   922  C C   . GLN B 1 31  ? -16.078 -20.871 -5.108  1.00 34.88 ? 31   GLN B C   1 
ATOM   923  O O   . GLN B 1 31  ? -16.932 -21.726 -5.344  1.00 35.38 ? 31   GLN B O   1 
ATOM   924  C CB  . GLN B 1 31  ? -14.197 -22.567 -5.311  1.00 36.62 ? 31   GLN B CB  1 
ATOM   925  C CG  . GLN B 1 31  ? -12.747 -23.019 -5.738  1.00 39.45 ? 31   GLN B CG  1 
ATOM   926  C CD  . GLN B 1 31  ? -11.658 -22.818 -4.604  1.00 46.31 ? 31   GLN B CD  1 
ATOM   927  O OE1 . GLN B 1 31  ? -10.753 -21.958 -4.745  1.00 50.04 ? 31   GLN B OE1 1 
ATOM   928  N NE2 . GLN B 1 31  ? -11.738 -23.610 -3.514  1.00 44.92 ? 31   GLN B NE2 1 
ATOM   929  N N   . GLY B 1 32  ? -16.366 -19.731 -4.489  1.00 34.38 ? 32   GLY B N   1 
ATOM   930  C CA  . GLY B 1 32  ? -17.722 -19.443 -4.003  1.00 33.41 ? 32   GLY B CA  1 
ATOM   931  C C   . GLY B 1 32  ? -18.427 -18.386 -4.825  1.00 32.92 ? 32   GLY B C   1 
ATOM   932  O O   . GLY B 1 32  ? -18.035 -18.107 -5.973  1.00 32.51 ? 32   GLY B O   1 
ATOM   933  N N   . ALA B 1 33  ? -19.461 -17.789 -4.240  1.00 32.83 ? 33   ALA B N   1 
ATOM   934  C CA  . ALA B 1 33  ? -20.335 -16.856 -4.948  1.00 33.03 ? 33   ALA B CA  1 
ATOM   935  C C   . ALA B 1 33  ? -19.568 -15.713 -5.552  1.00 33.07 ? 33   ALA B C   1 
ATOM   936  O O   . ALA B 1 33  ? -18.608 -15.260 -4.941  1.00 33.26 ? 33   ALA B O   1 
ATOM   937  C CB  . ALA B 1 33  ? -21.384 -16.321 -4.002  1.00 33.20 ? 33   ALA B CB  1 
ATOM   938  N N   . TRP B 1 34  ? -19.979 -15.260 -6.744  1.00 33.59 ? 34   TRP B N   1 
ATOM   939  C CA  . TRP B 1 34  ? -19.495 -13.974 -7.300  1.00 34.21 ? 34   TRP B CA  1 
ATOM   940  C C   . TRP B 1 34  ? -20.131 -12.756 -6.643  1.00 34.64 ? 34   TRP B C   1 
ATOM   941  O O   . TRP B 1 34  ? -21.327 -12.772 -6.311  1.00 33.84 ? 34   TRP B O   1 
ATOM   942  C CB  . TRP B 1 34  ? -19.736 -13.868 -8.796  1.00 33.91 ? 34   TRP B CB  1 
ATOM   943  C CG  . TRP B 1 34  ? -18.786 -14.678 -9.603  1.00 34.08 ? 34   TRP B CG  1 
ATOM   944  C CD1 . TRP B 1 34  ? -18.837 -16.021 -9.795  1.00 32.28 ? 34   TRP B CD1 1 
ATOM   945  C CD2 . TRP B 1 34  ? -17.647 -14.202 -10.350 1.00 33.15 ? 34   TRP B CD2 1 
ATOM   946  N NE1 . TRP B 1 34  ? -17.815 -16.419 -10.621 1.00 32.18 ? 34   TRP B NE1 1 
ATOM   947  C CE2 . TRP B 1 34  ? -17.058 -15.333 -10.971 1.00 33.42 ? 34   TRP B CE2 1 
ATOM   948  C CE3 . TRP B 1 34  ? -17.072 -12.938 -10.564 1.00 31.22 ? 34   TRP B CE3 1 
ATOM   949  C CZ2 . TRP B 1 34  ? -15.903 -15.248 -11.785 1.00 32.68 ? 34   TRP B CZ2 1 
ATOM   950  C CZ3 . TRP B 1 34  ? -15.938 -12.848 -11.366 1.00 32.48 ? 34   TRP B CZ3 1 
ATOM   951  C CH2 . TRP B 1 34  ? -15.366 -14.005 -11.978 1.00 32.73 ? 34   TRP B CH2 1 
ATOM   952  N N   . THR B 1 35  ? -19.324 -11.698 -6.465  1.00 35.96 ? 35   THR B N   1 
ATOM   953  C CA  . THR B 1 35  ? -19.768 -10.509 -5.706  1.00 36.74 ? 35   THR B CA  1 
ATOM   954  C C   . THR B 1 35  ? -21.001 -9.914  -6.350  1.00 38.01 ? 35   THR B C   1 
ATOM   955  O O   . THR B 1 35  ? -21.155 -9.950  -7.580  1.00 37.77 ? 35   THR B O   1 
ATOM   956  C CB  . THR B 1 35  ? -18.694 -9.440  -5.615  1.00 35.80 ? 35   THR B CB  1 
ATOM   957  O OG1 . THR B 1 35  ? -17.973 -9.419  -6.836  1.00 34.53 ? 35   THR B OG1 1 
ATOM   958  C CG2 . THR B 1 35  ? -17.657 -9.843  -4.634  1.00 35.62 ? 35   THR B CG2 1 
ATOM   959  N N   . THR B 1 36  ? -21.891 -9.373  -5.520  1.00 39.58 ? 36   THR B N   1 
ATOM   960  C CA  . THR B 1 36  ? -23.007 -8.636  -6.094  1.00 40.68 ? 36   THR B CA  1 
ATOM   961  C C   . THR B 1 36  ? -22.405 -7.508  -6.930  1.00 41.18 ? 36   THR B C   1 
ATOM   962  O O   . THR B 1 36  ? -21.617 -6.711  -6.424  1.00 41.64 ? 36   THR B O   1 
ATOM   963  C CB  . THR B 1 36  ? -23.980 -8.085  -5.066  1.00 40.34 ? 36   THR B CB  1 
ATOM   964  O OG1 . THR B 1 36  ? -24.407 -6.813  -5.555  1.00 40.63 ? 36   THR B OG1 1 
ATOM   965  C CG2 . THR B 1 36  ? -23.318 -7.736  -3.744  1.00 40.03 ? 36   THR B CG2 1 
ATOM   966  N N   . LEU B 1 37  ? -22.737 -7.468  -8.213  1.00 41.60 ? 37   LEU B N   1 
ATOM   967  C CA  . LEU B 1 37  ? -22.028 -6.554  -9.105  1.00 42.68 ? 37   LEU B CA  1 
ATOM   968  C C   . LEU B 1 37  ? -22.554 -5.108  -9.006  1.00 42.08 ? 37   LEU B C   1 
ATOM   969  O O   . LEU B 1 37  ? -23.724 -4.940  -8.737  1.00 42.20 ? 37   LEU B O   1 
ATOM   970  C CB  . LEU B 1 37  ? -21.976 -7.125  -10.538 1.00 43.31 ? 37   LEU B CB  1 
ATOM   971  C CG  . LEU B 1 37  ? -23.176 -7.023  -11.472 1.00 46.16 ? 37   LEU B CG  1 
ATOM   972  C CD1 . LEU B 1 37  ? -23.143 -5.670  -12.237 1.00 50.32 ? 37   LEU B CD1 1 
ATOM   973  C CD2 . LEU B 1 37  ? -23.266 -8.219  -12.436 1.00 45.36 ? 37   LEU B CD2 1 
ATOM   974  N N   . PRO B 1 38  ? -21.735 -4.067  -9.239  1.00 42.05 ? 38   PRO B N   1 
ATOM   975  C CA  . PRO B 1 38  ? -20.458 -4.133  -9.985  1.00 41.61 ? 38   PRO B CA  1 
ATOM   976  C C   . PRO B 1 38  ? -19.242 -4.610  -9.198  1.00 41.40 ? 38   PRO B C   1 
ATOM   977  O O   . PRO B 1 38  ? -18.137 -4.584  -9.726  1.00 41.76 ? 38   PRO B O   1 
ATOM   978  C CB  . PRO B 1 38  ? -20.249 -2.683  -10.459 1.00 41.35 ? 38   PRO B CB  1 
ATOM   979  C CG  . PRO B 1 38  ? -20.996 -1.813  -9.459  1.00 40.67 ? 38   PRO B CG  1 
ATOM   980  C CD  . PRO B 1 38  ? -22.006 -2.698  -8.748  1.00 42.09 ? 38   PRO B CD  1 
ATOM   981  N N   . GLY B 1 39  ? -19.438 -5.068  -7.972  1.00 41.40 ? 39   GLY B N   1 
ATOM   982  C CA  . GLY B 1 39  ? -18.327 -5.603  -7.207  1.00 41.43 ? 39   GLY B CA  1 
ATOM   983  C C   . GLY B 1 39  ? -17.827 -4.611  -6.185  1.00 41.19 ? 39   GLY B C   1 
ATOM   984  O O   . GLY B 1 39  ? -18.527 -3.655  -5.857  1.00 41.54 ? 39   GLY B O   1 
ATOM   985  N N   . VAL B 1 40  ? -16.616 -4.842  -5.693  1.00 40.69 ? 40   VAL B N   1 
ATOM   986  C CA  . VAL B 1 40  ? -16.054 -4.049  -4.618  1.00 40.29 ? 40   VAL B CA  1 
ATOM   987  C C   . VAL B 1 40  ? -15.223 -2.870  -5.165  1.00 40.81 ? 40   VAL B C   1 
ATOM   988  O O   . VAL B 1 40  ? -14.355 -3.041  -6.037  1.00 40.90 ? 40   VAL B O   1 
ATOM   989  C CB  . VAL B 1 40  ? -15.242 -4.948  -3.654  1.00 40.32 ? 40   VAL B CB  1 
ATOM   990  C CG1 . VAL B 1 40  ? -14.513 -4.139  -2.580  1.00 39.34 ? 40   VAL B CG1 1 
ATOM   991  C CG2 . VAL B 1 40  ? -16.151 -5.956  -2.995  1.00 39.51 ? 40   VAL B CG2 1 
ATOM   992  N N   . PRO B 1 41  ? -15.518 -1.667  -4.676  1.00 41.28 ? 41   PRO B N   1 
ATOM   993  C CA  . PRO B 1 41  ? -14.772 -0.461  -5.073  1.00 41.78 ? 41   PRO B CA  1 
ATOM   994  C C   . PRO B 1 41  ? -13.306 -0.542  -4.659  1.00 42.55 ? 41   PRO B C   1 
ATOM   995  O O   . PRO B 1 41  ? -13.000 -0.849  -3.493  1.00 42.92 ? 41   PRO B O   1 
ATOM   996  C CB  . PRO B 1 41  ? -15.448 0.646   -4.273  1.00 41.48 ? 41   PRO B CB  1 
ATOM   997  C CG  . PRO B 1 41  ? -16.750 0.075   -3.819  1.00 41.17 ? 41   PRO B CG  1 
ATOM   998  C CD  . PRO B 1 41  ? -16.598 -1.375  -3.713  1.00 41.03 ? 41   PRO B CD  1 
ATOM   999  N N   . LEU B 1 42  ? -12.410 -0.296  -5.607  1.00 43.18 ? 42   LEU B N   1 
ATOM   1000 C CA  . LEU B 1 42  ? -11.001 -0.159  -5.310  1.00 43.82 ? 42   LEU B CA  1 
ATOM   1001 C C   . LEU B 1 42  ? -10.804 1.280   -4.829  1.00 45.29 ? 42   LEU B C   1 
ATOM   1002 O O   . LEU B 1 42  ? -11.621 2.152   -5.140  1.00 45.72 ? 42   LEU B O   1 
ATOM   1003 C CB  . LEU B 1 42  ? -10.184 -0.373  -6.578  1.00 43.76 ? 42   LEU B CB  1 
ATOM   1004 C CG  . LEU B 1 42  ? -9.937  -1.680  -7.370  1.00 42.88 ? 42   LEU B CG  1 
ATOM   1005 C CD1 . LEU B 1 42  ? -8.835  -2.552  -6.801  1.00 43.07 ? 42   LEU B CD1 1 
ATOM   1006 C CD2 . LEU B 1 42  ? -11.166 -2.476  -7.602  1.00 42.58 ? 42   LEU B CD2 1 
ATOM   1007 N N   . THR B 1 43  ? -9.737  1.539   -4.072  1.00 46.72 ? 43   THR B N   1 
ATOM   1008 C CA  . THR B 1 43  ? -9.418  2.897   -3.615  1.00 48.25 ? 43   THR B CA  1 
ATOM   1009 C C   . THR B 1 43  ? -8.132  3.437   -4.202  1.00 48.59 ? 43   THR B C   1 
ATOM   1010 O O   . THR B 1 43  ? -7.280  2.682   -4.682  1.00 49.39 ? 43   THR B O   1 
ATOM   1011 C CB  . THR B 1 43  ? -9.348  2.988   -2.079  1.00 48.54 ? 43   THR B CB  1 
ATOM   1012 O OG1 . THR B 1 43  ? -9.843  1.773   -1.493  1.00 50.51 ? 43   THR B OG1 1 
ATOM   1013 C CG2 . THR B 1 43  ? -10.350 4.065   -1.564  1.00 51.04 ? 43   THR B CG2 1 
ATOM   1014 N N   . LYS B 1 44  ? -8.016  4.763   -4.165  1.00 49.19 ? 44   LYS B N   1 
ATOM   1015 C CA  . LYS B 1 44  ? -6.800  5.515   -4.498  1.00 49.24 ? 44   LYS B CA  1 
ATOM   1016 C C   . LYS B 1 44  ? -5.634  4.909   -3.703  1.00 48.04 ? 44   LYS B C   1 
ATOM   1017 O O   . LYS B 1 44  ? -5.780  4.663   -2.494  1.00 48.05 ? 44   LYS B O   1 
ATOM   1018 C CB  . LYS B 1 44  ? -7.047  6.980   -4.083  1.00 49.89 ? 44   LYS B CB  1 
ATOM   1019 C CG  . LYS B 1 44  ? -5.894  7.981   -4.301  1.00 54.69 ? 44   LYS B CG  1 
ATOM   1020 C CD  . LYS B 1 44  ? -6.043  8.795   -5.621  1.00 61.10 ? 44   LYS B CD  1 
ATOM   1021 C CE  . LYS B 1 44  ? -5.750  7.920   -6.878  1.00 63.54 ? 44   LYS B CE  1 
ATOM   1022 N NZ  . LYS B 1 44  ? -6.458  8.396   -8.119  1.00 65.07 ? 44   LYS B NZ  1 
ATOM   1023 N N   . SER B 1 45  ? -4.504  4.641   -4.363  1.00 46.54 ? 45   SER B N   1 
ATOM   1024 C CA  . SER B 1 45  ? -3.332  4.128   -3.646  1.00 45.21 ? 45   SER B CA  1 
ATOM   1025 C C   . SER B 1 45  ? -2.207  5.155   -3.409  1.00 45.42 ? 45   SER B C   1 
ATOM   1026 O O   . SER B 1 45  ? -2.295  6.286   -3.895  1.00 45.36 ? 45   SER B O   1 
ATOM   1027 C CB  . SER B 1 45  ? -2.777  2.903   -4.339  1.00 44.54 ? 45   SER B CB  1 
ATOM   1028 O OG  . SER B 1 45  ? -1.983  3.275   -5.430  1.00 42.43 ? 45   SER B OG  1 
ATOM   1029 N N   . GLU B 1 46  ? -1.164  4.741   -2.663  1.00 45.01 ? 46   GLU B N   1 
ATOM   1030 C CA  . GLU B 1 46  ? 0.069   5.511   -2.442  1.00 44.48 ? 46   GLU B CA  1 
ATOM   1031 C C   . GLU B 1 46  ? 0.815   5.735   -3.739  1.00 44.95 ? 46   GLU B C   1 
ATOM   1032 O O   . GLU B 1 46  ? 1.789   6.492   -3.779  1.00 45.54 ? 46   GLU B O   1 
ATOM   1033 C CB  . GLU B 1 46  ? 1.048   4.730   -1.582  1.00 43.85 ? 46   GLU B CB  1 
ATOM   1034 C CG  . GLU B 1 46  ? 0.442   3.879   -0.509  1.00 43.95 ? 46   GLU B CG  1 
ATOM   1035 C CD  . GLU B 1 46  ? 0.037   2.487   -0.955  1.00 41.02 ? 46   GLU B CD  1 
ATOM   1036 O OE1 . GLU B 1 46  ? 0.917   1.658   -1.221  1.00 39.48 ? 46   GLU B OE1 1 
ATOM   1037 O OE2 . GLU B 1 46  ? -1.175  2.215   -0.964  1.00 38.23 ? 46   GLU B OE2 1 
ATOM   1038 N N   . TYR B 1 47  ? 0.424   5.013   -4.778  1.00 45.06 ? 47   TYR B N   1 
ATOM   1039 C CA  . TYR B 1 47  ? 1.162   5.040   -6.012  1.00 45.43 ? 47   TYR B CA  1 
ATOM   1040 C C   . TYR B 1 47  ? 0.332   5.614   -7.133  1.00 46.64 ? 47   TYR B C   1 
ATOM   1041 O O   . TYR B 1 47  ? -0.884  5.563   -7.105  1.00 47.29 ? 47   TYR B O   1 
ATOM   1042 C CB  . TYR B 1 47  ? 1.622   3.647   -6.343  1.00 44.81 ? 47   TYR B CB  1 
ATOM   1043 C CG  . TYR B 1 47  ? 2.422   3.021   -5.243  1.00 43.39 ? 47   TYR B CG  1 
ATOM   1044 C CD1 . TYR B 1 47  ? 3.731   3.458   -4.948  1.00 41.14 ? 47   TYR B CD1 1 
ATOM   1045 C CD2 . TYR B 1 47  ? 1.886   1.980   -4.488  1.00 41.58 ? 47   TYR B CD2 1 
ATOM   1046 C CE1 . TYR B 1 47  ? 4.474   2.858   -3.924  1.00 38.67 ? 47   TYR B CE1 1 
ATOM   1047 C CE2 . TYR B 1 47  ? 2.637   1.367   -3.489  1.00 39.44 ? 47   TYR B CE2 1 
ATOM   1048 C CZ  . TYR B 1 47  ? 3.905   1.811   -3.212  1.00 37.66 ? 47   TYR B CZ  1 
ATOM   1049 O OH  . TYR B 1 47  ? 4.573   1.198   -2.204  1.00 38.12 ? 47   TYR B OH  1 
ATOM   1050 N N   . GLU B 1 48  ? 1.011   6.155   -8.131  1.00 48.04 ? 48   GLU B N   1 
ATOM   1051 C CA  . GLU B 1 48  ? 0.395   7.039   -9.105  1.00 49.29 ? 48   GLU B CA  1 
ATOM   1052 C C   . GLU B 1 48  ? -0.217  6.164   -10.127 1.00 48.71 ? 48   GLU B C   1 
ATOM   1053 O O   . GLU B 1 48  ? 0.458   5.278   -10.640 1.00 49.90 ? 48   GLU B O   1 
ATOM   1054 C CB  . GLU B 1 48  ? 1.490   7.904   -9.753  1.00 50.64 ? 48   GLU B CB  1 
ATOM   1055 C CG  . GLU B 1 48  ? 1.145   8.608   -11.068 1.00 54.32 ? 48   GLU B CG  1 
ATOM   1056 C CD  . GLU B 1 48  ? 0.866   10.086  -10.852 1.00 58.83 ? 48   GLU B CD  1 
ATOM   1057 O OE1 . GLU B 1 48  ? 1.410   10.662  -9.878  1.00 61.23 ? 48   GLU B OE1 1 
ATOM   1058 O OE2 . GLU B 1 48  ? 0.086   10.669  -11.636 1.00 60.23 ? 48   GLU B OE2 1 
ATOM   1059 N N   . GLY B 1 49  ? -1.492  6.389   -10.419 1.00 47.94 ? 49   GLY B N   1 
ATOM   1060 C CA  . GLY B 1 49  ? -2.173  5.637   -11.469 1.00 46.27 ? 49   GLY B CA  1 
ATOM   1061 C C   . GLY B 1 49  ? -2.560  4.215   -11.078 1.00 45.06 ? 49   GLY B C   1 
ATOM   1062 O O   . GLY B 1 49  ? -3.026  3.439   -11.927 1.00 44.71 ? 49   GLY B O   1 
ATOM   1063 N N   . TYR B 1 50  ? -2.360  3.887   -9.797  1.00 43.47 ? 50   TYR B N   1 
ATOM   1064 C CA  . TYR B 1 50  ? -2.782  2.622   -9.239  1.00 42.20 ? 50   TYR B CA  1 
ATOM   1065 C C   . TYR B 1 50  ? -3.929  2.830   -8.288  1.00 41.64 ? 50   TYR B C   1 
ATOM   1066 O O   . TYR B 1 50  ? -4.015  3.840   -7.611  1.00 41.69 ? 50   TYR B O   1 
ATOM   1067 C CB  . TYR B 1 50  ? -1.630  1.946   -8.516  1.00 42.09 ? 50   TYR B CB  1 
ATOM   1068 C CG  . TYR B 1 50  ? -0.651  1.335   -9.481  1.00 42.78 ? 50   TYR B CG  1 
ATOM   1069 C CD1 . TYR B 1 50  ? 0.447   2.068   -9.972  1.00 43.88 ? 50   TYR B CD1 1 
ATOM   1070 C CD2 . TYR B 1 50  ? -0.828  0.039   -9.938  1.00 41.79 ? 50   TYR B CD2 1 
ATOM   1071 C CE1 . TYR B 1 50  ? 1.342   1.497   -10.880 1.00 43.63 ? 50   TYR B CE1 1 
ATOM   1072 C CE2 . TYR B 1 50  ? 0.049   -0.527  -10.832 1.00 42.57 ? 50   TYR B CE2 1 
ATOM   1073 C CZ  . TYR B 1 50  ? 1.125   0.193   -11.293 1.00 44.11 ? 50   TYR B CZ  1 
ATOM   1074 O OH  . TYR B 1 50  ? 1.965   -0.408  -12.186 1.00 46.99 ? 50   TYR B OH  1 
ATOM   1075 N N   . VAL B 1 51  ? -4.841  1.875   -8.273  1.00 41.13 ? 51   VAL B N   1 
ATOM   1076 C CA  . VAL B 1 51  ? -5.794  1.772   -7.178  1.00 40.66 ? 51   VAL B CA  1 
ATOM   1077 C C   . VAL B 1 51  ? -5.510  0.474   -6.398  1.00 40.34 ? 51   VAL B C   1 
ATOM   1078 O O   . VAL B 1 51  ? -4.677  -0.343  -6.802  1.00 40.08 ? 51   VAL B O   1 
ATOM   1079 C CB  . VAL B 1 51  ? -7.276  1.869   -7.654  1.00 40.69 ? 51   VAL B CB  1 
ATOM   1080 C CG1 . VAL B 1 51  ? -7.573  3.278   -8.140  1.00 40.15 ? 51   VAL B CG1 1 
ATOM   1081 C CG2 . VAL B 1 51  ? -7.602  0.825   -8.725  1.00 40.06 ? 51   VAL B CG2 1 
ATOM   1082 N N   . LYS B 1 52  ? -6.179  0.286   -5.279  1.00 39.78 ? 52   LYS B N   1 
ATOM   1083 C CA  . LYS B 1 52  ? -5.870  -0.868  -4.466  1.00 40.02 ? 52   LYS B CA  1 
ATOM   1084 C C   . LYS B 1 52  ? -7.106  -1.405  -3.768  1.00 39.58 ? 52   LYS B C   1 
ATOM   1085 O O   . LYS B 1 52  ? -8.064  -0.676  -3.542  1.00 39.66 ? 52   LYS B O   1 
ATOM   1086 C CB  . LYS B 1 52  ? -4.795  -0.496  -3.422  1.00 40.37 ? 52   LYS B CB  1 
ATOM   1087 C CG  . LYS B 1 52  ? -5.356  0.215   -2.167  1.00 41.11 ? 52   LYS B CG  1 
ATOM   1088 C CD  . LYS B 1 52  ? -4.402  1.221   -1.544  1.00 41.72 ? 52   LYS B CD  1 
ATOM   1089 C CE  . LYS B 1 52  ? -3.435  0.513   -0.619  1.00 41.41 ? 52   LYS B CE  1 
ATOM   1090 N NZ  . LYS B 1 52  ? -3.435  1.204   0.673   1.00 41.93 ? 52   LYS B NZ  1 
ATOM   1091 N N   . VAL B 1 53  ? -7.063  -2.672  -3.386  1.00 39.24 ? 53   VAL B N   1 
ATOM   1092 C CA  . VAL B 1 53  ? -8.039  -3.193  -2.448  1.00 38.68 ? 53   VAL B CA  1 
ATOM   1093 C C   . VAL B 1 53  ? -7.507  -4.443  -1.769  1.00 38.39 ? 53   VAL B C   1 
ATOM   1094 O O   . VAL B 1 53  ? -6.656  -5.140  -2.302  1.00 38.30 ? 53   VAL B O   1 
ATOM   1095 C CB  . VAL B 1 53  ? -9.379  -3.444  -3.150  1.00 38.91 ? 53   VAL B CB  1 
ATOM   1096 C CG1 . VAL B 1 53  ? -9.227  -4.530  -4.243  1.00 39.41 ? 53   VAL B CG1 1 
ATOM   1097 C CG2 . VAL B 1 53  ? -10.486 -3.744  -2.132  1.00 38.37 ? 53   VAL B CG2 1 
ATOM   1098 N N   . THR B 1 54  ? -7.995  -4.703  -0.570  1.00 38.47 ? 54   THR B N   1 
ATOM   1099 C CA  . THR B 1 54  ? -7.643  -5.902  0.161   1.00 38.42 ? 54   THR B CA  1 
ATOM   1100 C C   . THR B 1 54  ? -8.921  -6.657  0.350   1.00 38.28 ? 54   THR B C   1 
ATOM   1101 O O   . THR B 1 54  ? -9.825  -6.121  0.954   1.00 39.42 ? 54   THR B O   1 
ATOM   1102 C CB  . THR B 1 54  ? -7.083  -5.531  1.538   1.00 38.41 ? 54   THR B CB  1 
ATOM   1103 O OG1 . THR B 1 54  ? -5.848  -4.831  1.370   1.00 39.45 ? 54   THR B OG1 1 
ATOM   1104 C CG2 . THR B 1 54  ? -6.658  -6.772  2.313   1.00 38.14 ? 54   THR B CG2 1 
ATOM   1105 N N   . ILE B 1 55  ? -9.008  -7.875  -0.188  1.00 38.19 ? 55   ILE B N   1 
ATOM   1106 C CA  . ILE B 1 55  ? -10.084 -8.830  0.113   1.00 37.81 ? 55   ILE B CA  1 
ATOM   1107 C C   . ILE B 1 55  ? -9.649  -9.783  1.238   1.00 38.37 ? 55   ILE B C   1 
ATOM   1108 O O   . ILE B 1 55  ? -8.609  -10.423 1.166   1.00 37.95 ? 55   ILE B O   1 
ATOM   1109 C CB  . ILE B 1 55  ? -10.480 -9.584  -1.174  1.00 37.38 ? 55   ILE B CB  1 
ATOM   1110 C CG1 . ILE B 1 55  ? -11.085 -8.581  -2.136  1.00 36.82 ? 55   ILE B CG1 1 
ATOM   1111 C CG2 . ILE B 1 55  ? -11.458 -10.739 -0.878  1.00 35.31 ? 55   ILE B CG2 1 
ATOM   1112 C CD1 . ILE B 1 55  ? -10.335 -8.433  -3.352  1.00 38.34 ? 55   ILE B CD1 1 
ATOM   1113 N N   . GLU B 1 56  ? -10.418 -9.860  2.303   1.00 39.83 ? 56   GLU B N   1 
ATOM   1114 C CA  . GLU B 1 56  ? -9.977  -10.677 3.419   1.00 41.83 ? 56   GLU B CA  1 
ATOM   1115 C C   . GLU B 1 56  ? -10.109 -12.125 2.987   1.00 42.37 ? 56   GLU B C   1 
ATOM   1116 O O   . GLU B 1 56  ? -11.075 -12.472 2.302   1.00 43.21 ? 56   GLU B O   1 
ATOM   1117 C CB  . GLU B 1 56  ? -10.832 -10.421 4.635   1.00 41.88 ? 56   GLU B CB  1 
ATOM   1118 C CG  . GLU B 1 56  ? -11.041 -8.961  4.948   1.00 45.62 ? 56   GLU B CG  1 
ATOM   1119 C CD  . GLU B 1 56  ? -11.121 -8.725  6.446   1.00 51.56 ? 56   GLU B CD  1 
ATOM   1120 O OE1 . GLU B 1 56  ? -11.863 -9.492  7.150   1.00 52.51 ? 56   GLU B OE1 1 
ATOM   1121 O OE2 . GLU B 1 56  ? -10.417 -7.780  6.915   1.00 54.00 ? 56   GLU B OE2 1 
ATOM   1122 N N   . ALA B 1 57  ? -9.141  -12.957 3.349   1.00 42.48 ? 57   ALA B N   1 
ATOM   1123 C CA  . ALA B 1 57  ? -9.158  -14.353 2.962   1.00 43.49 ? 57   ALA B CA  1 
ATOM   1124 C C   . ALA B 1 57  ? -8.312  -15.140 3.922   1.00 44.95 ? 57   ALA B C   1 
ATOM   1125 O O   . ALA B 1 57  ? -7.377  -14.603 4.508   1.00 45.06 ? 57   ALA B O   1 
ATOM   1126 C CB  . ALA B 1 57  ? -8.643  -14.528 1.565   1.00 42.84 ? 57   ALA B CB  1 
ATOM   1127 N N   . GLU B 1 58  ? -8.640  -16.416 4.089   1.00 46.86 ? 58   GLU B N   1 
ATOM   1128 C CA  . GLU B 1 58  ? -7.829  -17.282 4.932   1.00 48.75 ? 58   GLU B CA  1 
ATOM   1129 C C   . GLU B 1 58  ? -6.561  -17.694 4.180   1.00 49.16 ? 58   GLU B C   1 
ATOM   1130 O O   . GLU B 1 58  ? -6.377  -17.374 2.991   1.00 49.24 ? 58   GLU B O   1 
ATOM   1131 C CB  . GLU B 1 58  ? -8.634  -18.488 5.423   1.00 49.35 ? 58   GLU B CB  1 
ATOM   1132 C CG  . GLU B 1 58  ? -8.847  -18.502 6.952   1.00 54.57 ? 58   GLU B CG  1 
ATOM   1133 C CD  . GLU B 1 58  ? -10.026 -19.397 7.407   1.00 60.97 ? 58   GLU B CD  1 
ATOM   1134 O OE1 . GLU B 1 58  ? -10.895 -18.926 8.213   1.00 60.90 ? 58   GLU B OE1 1 
ATOM   1135 O OE2 . GLU B 1 58  ? -10.085 -20.583 6.959   1.00 63.36 ? 58   GLU B OE2 1 
ATOM   1136 N N   . GLU B 1 59  ? -5.666  -18.367 4.889   1.00 49.91 ? 59   GLU B N   1 
ATOM   1137 C CA  . GLU B 1 59  ? -4.421  -18.863 4.308   1.00 50.31 ? 59   GLU B CA  1 
ATOM   1138 C C   . GLU B 1 59  ? -4.640  -19.749 3.047   1.00 49.02 ? 59   GLU B C   1 
ATOM   1139 O O   . GLU B 1 59  ? -5.544  -20.591 3.017   1.00 49.24 ? 59   GLU B O   1 
ATOM   1140 C CB  . GLU B 1 59  ? -3.715  -19.654 5.389   1.00 50.97 ? 59   GLU B CB  1 
ATOM   1141 C CG  . GLU B 1 59  ? -2.219  -19.789 5.226   1.00 56.23 ? 59   GLU B CG  1 
ATOM   1142 C CD  . GLU B 1 59  ? -1.675  -20.908 6.107   1.00 62.57 ? 59   GLU B CD  1 
ATOM   1143 O OE1 . GLU B 1 59  ? -1.170  -21.919 5.537   1.00 66.92 ? 59   GLU B OE1 1 
ATOM   1144 O OE2 . GLU B 1 59  ? -1.770  -20.788 7.358   1.00 62.57 ? 59   GLU B OE2 1 
ATOM   1145 N N   . GLY B 1 60  ? -3.818  -19.553 2.020   1.00 47.65 ? 60   GLY B N   1 
ATOM   1146 C CA  . GLY B 1 60  ? -3.868  -20.376 0.823   1.00 46.00 ? 60   GLY B CA  1 
ATOM   1147 C C   . GLY B 1 60  ? -5.132  -20.178 -0.003  1.00 45.07 ? 60   GLY B C   1 
ATOM   1148 O O   . GLY B 1 60  ? -5.649  -21.125 -0.627  1.00 44.83 ? 60   GLY B O   1 
ATOM   1149 N N   . SER B 1 61  ? -5.624  -18.935 0.000   1.00 43.95 ? 61   SER B N   1 
ATOM   1150 C CA  . SER B 1 61  ? -6.868  -18.564 -0.647  1.00 42.13 ? 61   SER B CA  1 
ATOM   1151 C C   . SER B 1 61  ? -6.595  -18.183 -2.068  1.00 42.18 ? 61   SER B C   1 
ATOM   1152 O O   . SER B 1 61  ? -5.471  -17.920 -2.450  1.00 42.71 ? 61   SER B O   1 
ATOM   1153 C CB  . SER B 1 61  ? -7.533  -17.409 0.089   1.00 41.95 ? 61   SER B CB  1 
ATOM   1154 O OG  . SER B 1 61  ? -8.272  -17.875 1.209   1.00 38.39 ? 61   SER B OG  1 
ATOM   1155 N N   . GLN B 1 62  ? -7.641  -18.156 -2.861  1.00 42.31 ? 62   GLN B N   1 
ATOM   1156 C CA  . GLN B 1 62  ? -7.511  -17.888 -4.273  1.00 42.16 ? 62   GLN B CA  1 
ATOM   1157 C C   . GLN B 1 62  ? -8.804  -17.218 -4.754  1.00 40.51 ? 62   GLN B C   1 
ATOM   1158 O O   . GLN B 1 62  ? -9.871  -17.504 -4.250  1.00 40.24 ? 62   GLN B O   1 
ATOM   1159 C CB  . GLN B 1 62  ? -7.209  -19.202 -4.990  1.00 42.79 ? 62   GLN B CB  1 
ATOM   1160 C CG  . GLN B 1 62  ? -6.928  -19.041 -6.496  1.00 48.94 ? 62   GLN B CG  1 
ATOM   1161 C CD  . GLN B 1 62  ? -5.443  -19.236 -6.838  1.00 54.82 ? 62   GLN B CD  1 
ATOM   1162 O OE1 . GLN B 1 62  ? -4.774  -20.118 -6.248  1.00 56.74 ? 62   GLN B OE1 1 
ATOM   1163 N NE2 . GLN B 1 62  ? -4.923  -18.411 -7.778  1.00 53.29 ? 62   GLN B NE2 1 
ATOM   1164 N N   . LEU B 1 63  ? -8.707  -16.288 -5.687  1.00 39.60 ? 63   LEU B N   1 
ATOM   1165 C CA  . LEU B 1 63  ? -9.902  -15.645 -6.239  1.00 39.16 ? 63   LEU B CA  1 
ATOM   1166 C C   . LEU B 1 63  ? -9.772  -15.387 -7.759  1.00 39.50 ? 63   LEU B C   1 
ATOM   1167 O O   . LEU B 1 63  ? -8.672  -15.119 -8.256  1.00 38.87 ? 63   LEU B O   1 
ATOM   1168 C CB  . LEU B 1 63  ? -10.243 -14.351 -5.469  1.00 38.70 ? 63   LEU B CB  1 
ATOM   1169 C CG  . LEU B 1 63  ? -9.471  -13.016 -5.581  1.00 36.76 ? 63   LEU B CG  1 
ATOM   1170 C CD1 . LEU B 1 63  ? -9.599  -12.284 -6.923  1.00 31.96 ? 63   LEU B CD1 1 
ATOM   1171 C CD2 . LEU B 1 63  ? -9.953  -12.110 -4.466  1.00 36.51 ? 63   LEU B CD2 1 
ATOM   1172 N N   . ARG B 1 64  ? -10.880 -15.496 -8.493  1.00 39.79 ? 64   ARG B N   1 
ATOM   1173 C CA  . ARG B 1 64  ? -10.884 -15.129 -9.912  1.00 40.44 ? 64   ARG B CA  1 
ATOM   1174 C C   . ARG B 1 64  ? -11.660 -13.871 -9.948  1.00 39.45 ? 64   ARG B C   1 
ATOM   1175 O O   . ARG B 1 64  ? -12.646 -13.778 -9.238  1.00 39.45 ? 64   ARG B O   1 
ATOM   1176 C CB  . ARG B 1 64  ? -11.543 -16.191 -10.804 1.00 41.07 ? 64   ARG B CB  1 
ATOM   1177 C CG  . ARG B 1 64  ? -11.050 -17.607 -10.513 1.00 46.06 ? 64   ARG B CG  1 
ATOM   1178 C CD  . ARG B 1 64  ? -11.901 -18.747 -11.137 1.00 56.66 ? 64   ARG B CD  1 
ATOM   1179 N NE  . ARG B 1 64  ? -11.107 -19.708 -11.928 1.00 60.81 ? 64   ARG B NE  1 
ATOM   1180 C CZ  . ARG B 1 64  ? -10.509 -19.402 -13.078 1.00 63.54 ? 64   ARG B CZ  1 
ATOM   1181 N NH1 . ARG B 1 64  ? -9.812  -20.340 -13.710 1.00 64.47 ? 64   ARG B NH1 1 
ATOM   1182 N NH2 . ARG B 1 64  ? -10.600 -18.157 -13.592 1.00 63.47 ? 64   ARG B NH2 1 
ATOM   1183 N N   . ALA B 1 65  ? -11.206 -12.901 -10.745 1.00 39.10 ? 65   ALA B N   1 
ATOM   1184 C CA  . ALA B 1 65  ? -11.764 -11.543 -10.731 1.00 38.65 ? 65   ALA B CA  1 
ATOM   1185 C C   . ALA B 1 65  ? -11.795 -10.905 -12.110 1.00 38.45 ? 65   ALA B C   1 
ATOM   1186 O O   . ALA B 1 65  ? -11.013 -11.277 -12.984 1.00 38.36 ? 65   ALA B O   1 
ATOM   1187 C CB  . ALA B 1 65  ? -10.957 -10.669 -9.797  1.00 38.00 ? 65   ALA B CB  1 
ATOM   1188 N N   . ALA B 1 66  ? -12.699 -9.941  -12.282 1.00 38.25 ? 66   ALA B N   1 
ATOM   1189 C CA  . ALA B 1 66  ? -12.681 -9.008  -13.412 1.00 38.12 ? 66   ALA B CA  1 
ATOM   1190 C C   . ALA B 1 66  ? -12.889 -7.597  -12.870 1.00 38.50 ? 66   ALA B C   1 
ATOM   1191 O O   . ALA B 1 66  ? -13.510 -7.417  -11.823 1.00 38.91 ? 66   ALA B O   1 
ATOM   1192 C CB  . ALA B 1 66  ? -13.745 -9.353  -14.395 1.00 37.54 ? 66   ALA B CB  1 
ATOM   1193 N N   . PHE B 1 67  ? -12.345 -6.602  -13.561 1.00 38.74 ? 67   PHE B N   1 
ATOM   1194 C CA  . PHE B 1 67  ? -12.368 -5.220  -13.087 1.00 38.86 ? 67   PHE B CA  1 
ATOM   1195 C C   . PHE B 1 67  ? -13.177 -4.366  -14.031 1.00 39.75 ? 67   PHE B C   1 
ATOM   1196 O O   . PHE B 1 67  ? -13.010 -4.436  -15.245 1.00 40.34 ? 67   PHE B O   1 
ATOM   1197 C CB  . PHE B 1 67  ? -10.953 -4.639  -13.014 1.00 38.33 ? 67   PHE B CB  1 
ATOM   1198 C CG  . PHE B 1 67  ? -10.045 -5.373  -12.086 1.00 36.37 ? 67   PHE B CG  1 
ATOM   1199 C CD1 . PHE B 1 67  ? -9.847  -4.914  -10.795 1.00 35.13 ? 67   PHE B CD1 1 
ATOM   1200 C CD2 . PHE B 1 67  ? -9.389  -6.524  -12.504 1.00 33.53 ? 67   PHE B CD2 1 
ATOM   1201 C CE1 . PHE B 1 67  ? -9.013  -5.587  -9.944  1.00 35.00 ? 67   PHE B CE1 1 
ATOM   1202 C CE2 . PHE B 1 67  ? -8.562  -7.202  -11.664 1.00 32.89 ? 67   PHE B CE2 1 
ATOM   1203 C CZ  . PHE B 1 67  ? -8.364  -6.739  -10.384 1.00 34.97 ? 67   PHE B CZ  1 
ATOM   1204 N N   . ASN B 1 68  ? -14.047 -3.546  -13.479 1.00 40.40 ? 68   ASN B N   1 
ATOM   1205 C CA  . ASN B 1 68  ? -14.901 -2.724  -14.298 1.00 41.06 ? 68   ASN B CA  1 
ATOM   1206 C C   . ASN B 1 68  ? -14.790 -1.281  -13.825 1.00 42.65 ? 68   ASN B C   1 
ATOM   1207 O O   . ASN B 1 68  ? -14.256 -1.014  -12.731 1.00 43.06 ? 68   ASN B O   1 
ATOM   1208 C CB  . ASN B 1 68  ? -16.339 -3.220  -14.221 1.00 39.68 ? 68   ASN B CB  1 
ATOM   1209 C CG  . ASN B 1 68  ? -16.889 -3.132  -12.835 1.00 39.32 ? 68   ASN B CG  1 
ATOM   1210 O OD1 . ASN B 1 68  ? -17.105 -4.148  -12.178 1.00 39.72 ? 68   ASN B OD1 1 
ATOM   1211 N ND2 . ASN B 1 68  ? -17.087 -1.916  -12.352 1.00 37.50 ? 68   ASN B ND2 1 
ATOM   1212 N N   . ASN B 1 69  ? -15.298 -0.367  -14.655 1.00 44.02 ? 69   ASN B N   1 
ATOM   1213 C CA  . ASN B 1 69  ? -15.316 1.060   -14.375 1.00 45.42 ? 69   ASN B CA  1 
ATOM   1214 C C   . ASN B 1 69  ? -16.568 1.550   -13.657 1.00 46.25 ? 69   ASN B C   1 
ATOM   1215 O O   . ASN B 1 69  ? -16.840 2.747   -13.648 1.00 46.64 ? 69   ASN B O   1 
ATOM   1216 C CB  . ASN B 1 69  ? -15.153 1.837   -15.678 1.00 45.56 ? 69   ASN B CB  1 
ATOM   1217 C CG  . ASN B 1 69  ? -16.448 1.946   -16.456 1.00 46.85 ? 69   ASN B CG  1 
ATOM   1218 O OD1 . ASN B 1 69  ? -16.605 2.811   -17.318 1.00 48.72 ? 69   ASN B OD1 1 
ATOM   1219 N ND2 . ASN B 1 69  ? -17.380 1.058   -16.169 1.00 48.36 ? 69   ASN B ND2 1 
ATOM   1220 N N   . GLY B 1 70  ? -17.332 0.631   -13.073 1.00 47.36 ? 70   GLY B N   1 
ATOM   1221 C CA  . GLY B 1 70  ? -18.557 0.966   -12.352 1.00 48.84 ? 70   GLY B CA  1 
ATOM   1222 C C   . GLY B 1 70  ? -19.784 1.181   -13.228 1.00 50.13 ? 70   GLY B C   1 
ATOM   1223 O O   . GLY B 1 70  ? -20.913 1.350   -12.717 1.00 50.21 ? 70   GLY B O   1 
ATOM   1224 N N   . SER B 1 71  ? -19.562 1.111   -14.542 1.00 51.05 ? 71   SER B N   1 
ATOM   1225 C CA  . SER B 1 71  ? -20.449 1.668   -15.558 1.00 51.91 ? 71   SER B CA  1 
ATOM   1226 C C   . SER B 1 71  ? -20.348 0.900   -16.892 1.00 52.14 ? 71   SER B C   1 
ATOM   1227 O O   . SER B 1 71  ? -20.493 1.492   -17.963 1.00 52.32 ? 71   SER B O   1 
ATOM   1228 C CB  . SER B 1 71  ? -20.011 3.120   -15.798 1.00 52.20 ? 71   SER B CB  1 
ATOM   1229 O OG  . SER B 1 71  ? -21.087 3.928   -16.201 1.00 53.81 ? 71   SER B OG  1 
ATOM   1230 N N   . GLY B 1 72  ? -20.052 -0.395  -16.854 1.00 51.90 ? 72   GLY B N   1 
ATOM   1231 C CA  . GLY B 1 72  ? -20.100 -1.148  -18.088 1.00 51.92 ? 72   GLY B CA  1 
ATOM   1232 C C   . GLY B 1 72  ? -18.846 -1.269  -18.944 1.00 52.46 ? 72   GLY B C   1 
ATOM   1233 O O   . GLY B 1 72  ? -18.892 -2.018  -19.930 1.00 52.77 ? 72   GLY B O   1 
ATOM   1234 N N   . GLN B 1 73  ? -17.753 -0.561  -18.605 1.00 52.38 ? 73   GLN B N   1 
ATOM   1235 C CA  . GLN B 1 73  ? -16.389 -0.891  -19.108 1.00 52.10 ? 73   GLN B CA  1 
ATOM   1236 C C   . GLN B 1 73  ? -15.712 -1.976  -18.241 1.00 50.90 ? 73   GLN B C   1 
ATOM   1237 O O   . GLN B 1 73  ? -15.646 -1.867  -17.010 1.00 50.14 ? 73   GLN B O   1 
ATOM   1238 C CB  . GLN B 1 73  ? -15.449 0.334   -19.144 1.00 53.03 ? 73   GLN B CB  1 
ATOM   1239 C CG  . GLN B 1 73  ? -15.874 1.529   -19.993 1.00 57.41 ? 73   GLN B CG  1 
ATOM   1240 C CD  . GLN B 1 73  ? -16.679 1.109   -21.215 1.00 63.71 ? 73   GLN B CD  1 
ATOM   1241 O OE1 . GLN B 1 73  ? -16.104 0.562   -22.192 1.00 64.68 ? 73   GLN B OE1 1 
ATOM   1242 N NE2 . GLN B 1 73  ? -18.016 1.345   -21.166 1.00 64.20 ? 73   GLN B NE2 1 
ATOM   1243 N N   . TRP B 1 74  ? -15.178 -3.004  -18.886 1.00 49.82 ? 74   TRP B N   1 
ATOM   1244 C CA  . TRP B 1 74  ? -14.588 -4.104  -18.145 1.00 48.35 ? 74   TRP B CA  1 
ATOM   1245 C C   . TRP B 1 74  ? -13.172 -4.358  -18.566 1.00 48.46 ? 74   TRP B C   1 
ATOM   1246 O O   . TRP B 1 74  ? -12.775 -4.045  -19.684 1.00 49.00 ? 74   TRP B O   1 
ATOM   1247 C CB  . TRP B 1 74  ? -15.383 -5.378  -18.376 1.00 47.87 ? 74   TRP B CB  1 
ATOM   1248 C CG  . TRP B 1 74  ? -16.662 -5.410  -17.635 1.00 45.01 ? 74   TRP B CG  1 
ATOM   1249 C CD1 . TRP B 1 74  ? -17.841 -4.871  -18.035 1.00 42.31 ? 74   TRP B CD1 1 
ATOM   1250 C CD2 . TRP B 1 74  ? -16.912 -6.025  -16.348 1.00 42.36 ? 74   TRP B CD2 1 
ATOM   1251 N NE1 . TRP B 1 74  ? -18.807 -5.101  -17.081 1.00 43.47 ? 74   TRP B NE1 1 
ATOM   1252 C CE2 . TRP B 1 74  ? -18.261 -5.814  -16.039 1.00 41.82 ? 74   TRP B CE2 1 
ATOM   1253 C CE3 . TRP B 1 74  ? -16.130 -6.729  -15.428 1.00 38.89 ? 74   TRP B CE3 1 
ATOM   1254 C CZ2 . TRP B 1 74  ? -18.840 -6.287  -14.854 1.00 39.28 ? 74   TRP B CZ2 1 
ATOM   1255 C CZ3 . TRP B 1 74  ? -16.718 -7.196  -14.258 1.00 35.96 ? 74   TRP B CZ3 1 
ATOM   1256 C CH2 . TRP B 1 74  ? -18.042 -6.975  -13.985 1.00 35.42 ? 74   TRP B CH2 1 
ATOM   1257 N N   . ASP B 1 75  ? -12.412 -4.945  -17.654 1.00 48.08 ? 75   ASP B N   1 
ATOM   1258 C CA  . ASP B 1 75  ? -11.098 -5.486  -17.952 1.00 47.20 ? 75   ASP B CA  1 
ATOM   1259 C C   . ASP B 1 75  ? -11.152 -6.911  -17.422 1.00 47.01 ? 75   ASP B C   1 
ATOM   1260 O O   . ASP B 1 75  ? -11.202 -7.113  -16.200 1.00 46.96 ? 75   ASP B O   1 
ATOM   1261 C CB  . ASP B 1 75  ? -10.041 -4.647  -17.238 1.00 46.86 ? 75   ASP B CB  1 
ATOM   1262 C CG  . ASP B 1 75  ? -8.649  -5.213  -17.372 1.00 45.94 ? 75   ASP B CG  1 
ATOM   1263 O OD1 . ASP B 1 75  ? -8.450  -6.148  -18.187 1.00 44.71 ? 75   ASP B OD1 1 
ATOM   1264 O OD2 . ASP B 1 75  ? -7.692  -4.767  -16.704 1.00 42.65 ? 75   ASP B OD2 1 
ATOM   1265 N N   . ASN B 1 76  ? -11.198 -7.889  -18.330 1.00 46.83 ? 76   ASN B N   1 
ATOM   1266 C CA  . ASN B 1 76  ? -11.403 -9.290  -17.937 1.00 46.80 ? 76   ASN B CA  1 
ATOM   1267 C C   . ASN B 1 76  ? -10.488 -10.314 -18.604 1.00 47.64 ? 76   ASN B C   1 
ATOM   1268 O O   . ASN B 1 76  ? -10.888 -11.463 -18.851 1.00 47.32 ? 76   ASN B O   1 
ATOM   1269 C CB  . ASN B 1 76  ? -12.860 -9.701  -18.117 1.00 46.40 ? 76   ASN B CB  1 
ATOM   1270 C CG  . ASN B 1 76  ? -13.325 -9.586  -19.553 1.00 45.56 ? 76   ASN B CG  1 
ATOM   1271 O OD1 . ASN B 1 76  ? -12.518 -9.595  -20.490 1.00 44.65 ? 76   ASN B OD1 1 
ATOM   1272 N ND2 . ASN B 1 76  ? -14.638 -9.474  -19.735 1.00 43.40 ? 76   ASN B ND2 1 
ATOM   1273 N N   . ASN B 1 77  ? -9.256  -9.895  -18.886 1.00 48.84 ? 77   ASN B N   1 
ATOM   1274 C CA  . ASN B 1 77  ? -8.232  -10.794 -19.398 1.00 50.11 ? 77   ASN B CA  1 
ATOM   1275 C C   . ASN B 1 77  ? -8.773  -11.540 -20.630 1.00 51.07 ? 77   ASN B C   1 
ATOM   1276 O O   . ASN B 1 77  ? -8.545  -12.744 -20.822 1.00 51.06 ? 77   ASN B O   1 
ATOM   1277 C CB  . ASN B 1 77  ? -7.776  -11.751 -18.279 1.00 49.98 ? 77   ASN B CB  1 
ATOM   1278 C CG  . ASN B 1 77  ? -6.493  -12.465 -18.614 1.00 49.99 ? 77   ASN B CG  1 
ATOM   1279 O OD1 . ASN B 1 77  ? -5.815  -12.109 -19.564 1.00 51.52 ? 77   ASN B OD1 1 
ATOM   1280 N ND2 . ASN B 1 77  ? -6.167  -13.500 -17.854 1.00 50.20 ? 77   ASN B ND2 1 
ATOM   1281 N N   . GLN B 1 78  ? -9.519  -10.798 -21.449 1.00 52.22 ? 78   GLN B N   1 
ATOM   1282 C CA  . GLN B 1 78  ? -10.198 -11.346 -22.632 1.00 53.81 ? 78   GLN B CA  1 
ATOM   1283 C C   . GLN B 1 78  ? -11.088 -12.550 -22.300 1.00 53.10 ? 78   GLN B C   1 
ATOM   1284 O O   . GLN B 1 78  ? -10.903 -13.630 -22.868 1.00 53.12 ? 78   GLN B O   1 
ATOM   1285 C CB  . GLN B 1 78  ? -9.175  -11.739 -23.719 1.00 54.60 ? 78   GLN B CB  1 
ATOM   1286 C CG  . GLN B 1 78  ? -8.114  -10.656 -24.030 1.00 58.52 ? 78   GLN B CG  1 
ATOM   1287 C CD  . GLN B 1 78  ? -6.830  -11.259 -24.586 1.00 62.99 ? 78   GLN B CD  1 
ATOM   1288 O OE1 . GLN B 1 78  ? -6.187  -12.098 -23.933 1.00 64.84 ? 78   GLN B OE1 1 
ATOM   1289 N NE2 . GLN B 1 78  ? -6.460  -10.848 -25.796 1.00 64.35 ? 78   GLN B NE2 1 
ATOM   1290 N N   . GLY B 1 79  ? -12.019 -12.360 -21.359 1.00 52.48 ? 79   GLY B N   1 
ATOM   1291 C CA  . GLY B 1 79  ? -12.954 -13.400 -20.932 1.00 51.46 ? 79   GLY B CA  1 
ATOM   1292 C C   . GLY B 1 79  ? -12.394 -14.510 -20.032 1.00 50.84 ? 79   GLY B C   1 
ATOM   1293 O O   . GLY B 1 79  ? -13.145 -15.411 -19.603 1.00 51.04 ? 79   GLY B O   1 
ATOM   1294 N N   . ARG B 1 80  ? -11.092 -14.464 -19.740 1.00 49.53 ? 80   ARG B N   1 
ATOM   1295 C CA  . ARG B 1 80  ? -10.477 -15.491 -18.914 1.00 48.57 ? 80   ARG B CA  1 
ATOM   1296 C C   . ARG B 1 80  ? -10.527 -15.135 -17.432 1.00 47.71 ? 80   ARG B C   1 
ATOM   1297 O O   . ARG B 1 80  ? -10.424 -16.015 -16.570 1.00 47.82 ? 80   ARG B O   1 
ATOM   1298 C CB  . ARG B 1 80  ? -9.038  -15.713 -19.346 1.00 49.02 ? 80   ARG B CB  1 
ATOM   1299 C CG  . ARG B 1 80  ? -8.883  -16.169 -20.805 1.00 50.83 ? 80   ARG B CG  1 
ATOM   1300 C CD  . ARG B 1 80  ? -7.584  -16.923 -21.106 1.00 53.81 ? 80   ARG B CD  1 
ATOM   1301 N NE  . ARG B 1 80  ? -6.394  -16.058 -21.027 1.00 57.23 ? 80   ARG B NE  1 
ATOM   1302 C CZ  . ARG B 1 80  ? -6.169  -14.960 -21.773 1.00 58.55 ? 80   ARG B CZ  1 
ATOM   1303 N NH1 . ARG B 1 80  ? -7.052  -14.551 -22.698 1.00 60.35 ? 80   ARG B NH1 1 
ATOM   1304 N NH2 . ARG B 1 80  ? -5.059  -14.262 -21.576 1.00 56.70 ? 80   ARG B NH2 1 
ATOM   1305 N N   . ASP B 1 81  ? -10.678 -13.841 -17.144 1.00 46.25 ? 81   ASP B N   1 
ATOM   1306 C CA  . ASP B 1 81  ? -10.576 -13.310 -15.783 1.00 44.43 ? 81   ASP B CA  1 
ATOM   1307 C C   . ASP B 1 81  ? -9.142  -13.444 -15.234 1.00 43.99 ? 81   ASP B C   1 
ATOM   1308 O O   . ASP B 1 81  ? -8.287  -14.056 -15.863 1.00 44.43 ? 81   ASP B O   1 
ATOM   1309 C CB  . ASP B 1 81  ? -11.605 -13.972 -14.868 1.00 43.38 ? 81   ASP B CB  1 
ATOM   1310 C CG  . ASP B 1 81  ? -13.018 -13.717 -15.312 1.00 41.61 ? 81   ASP B CG  1 
ATOM   1311 O OD1 . ASP B 1 81  ? -13.312 -12.611 -15.803 1.00 38.60 ? 81   ASP B OD1 1 
ATOM   1312 O OD2 . ASP B 1 81  ? -13.920 -14.567 -15.197 1.00 41.28 ? 81   ASP B OD2 1 
ATOM   1313 N N   . TYR B 1 82  ? -8.872  -12.862 -14.073 1.00 43.07 ? 82   TYR B N   1 
ATOM   1314 C CA  . TYR B 1 82  ? -7.537  -12.914 -13.506 1.00 42.32 ? 82   TYR B CA  1 
ATOM   1315 C C   . TYR B 1 82  ? -7.502  -13.801 -12.244 1.00 42.32 ? 82   TYR B C   1 
ATOM   1316 O O   . TYR B 1 82  ? -8.387  -13.718 -11.412 1.00 42.09 ? 82   TYR B O   1 
ATOM   1317 C CB  . TYR B 1 82  ? -7.102  -11.488 -13.167 1.00 42.00 ? 82   TYR B CB  1 
ATOM   1318 C CG  . TYR B 1 82  ? -7.027  -10.504 -14.333 1.00 41.01 ? 82   TYR B CG  1 
ATOM   1319 C CD1 . TYR B 1 82  ? -5.944  -10.534 -15.232 1.00 39.30 ? 82   TYR B CD1 1 
ATOM   1320 C CD2 . TYR B 1 82  ? -8.021  -9.516  -14.514 1.00 39.13 ? 82   TYR B CD2 1 
ATOM   1321 C CE1 . TYR B 1 82  ? -5.854  -9.631  -16.285 1.00 38.65 ? 82   TYR B CE1 1 
ATOM   1322 C CE2 . TYR B 1 82  ? -7.956  -8.608  -15.559 1.00 37.19 ? 82   TYR B CE2 1 
ATOM   1323 C CZ  . TYR B 1 82  ? -6.861  -8.662  -16.445 1.00 39.75 ? 82   TYR B CZ  1 
ATOM   1324 O OH  . TYR B 1 82  ? -6.760  -7.754  -17.486 1.00 37.72 ? 82   TYR B OH  1 
ATOM   1325 N N   . ASP B 1 83  ? -6.485  -14.636 -12.095 1.00 42.54 ? 83   ASP B N   1 
ATOM   1326 C CA  . ASP B 1 83  ? -6.340  -15.446 -10.885 1.00 43.62 ? 83   ASP B CA  1 
ATOM   1327 C C   . ASP B 1 83  ? -5.397  -14.806 -9.825  1.00 43.40 ? 83   ASP B C   1 
ATOM   1328 O O   . ASP B 1 83  ? -4.223  -14.546 -10.102 1.00 43.95 ? 83   ASP B O   1 
ATOM   1329 C CB  . ASP B 1 83  ? -5.878  -16.862 -11.253 1.00 44.39 ? 83   ASP B CB  1 
ATOM   1330 C CG  . ASP B 1 83  ? -6.893  -17.623 -12.169 1.00 47.80 ? 83   ASP B CG  1 
ATOM   1331 O OD1 . ASP B 1 83  ? -8.122  -17.396 -12.085 1.00 50.67 ? 83   ASP B OD1 1 
ATOM   1332 O OD2 . ASP B 1 83  ? -6.551  -18.483 -13.016 1.00 50.17 ? 83   ASP B OD2 1 
ATOM   1333 N N   . PHE B 1 84  ? -5.902  -14.541 -8.619  1.00 42.96 ? 84   PHE B N   1 
ATOM   1334 C CA  . PHE B 1 84  ? -5.087  -13.937 -7.550  1.00 42.38 ? 84   PHE B CA  1 
ATOM   1335 C C   . PHE B 1 84  ? -5.001  -14.858 -6.340  1.00 42.87 ? 84   PHE B C   1 
ATOM   1336 O O   . PHE B 1 84  ? -6.011  -15.367 -5.878  1.00 43.14 ? 84   PHE B O   1 
ATOM   1337 C CB  . PHE B 1 84  ? -5.659  -12.595 -7.080  1.00 41.71 ? 84   PHE B CB  1 
ATOM   1338 C CG  . PHE B 1 84  ? -5.569  -11.502 -8.092  1.00 40.34 ? 84   PHE B CG  1 
ATOM   1339 C CD1 . PHE B 1 84  ? -4.423  -10.708 -8.179  1.00 40.60 ? 84   PHE B CD1 1 
ATOM   1340 C CD2 . PHE B 1 84  ? -6.627  -11.257 -8.954  1.00 37.68 ? 84   PHE B CD2 1 
ATOM   1341 C CE1 . PHE B 1 84  ? -4.329  -9.691  -9.128  1.00 40.18 ? 84   PHE B CE1 1 
ATOM   1342 C CE2 . PHE B 1 84  ? -6.561  -10.250 -9.887  1.00 38.06 ? 84   PHE B CE2 1 
ATOM   1343 C CZ  . PHE B 1 84  ? -5.408  -9.461  -9.987  1.00 40.89 ? 84   PHE B CZ  1 
ATOM   1344 N N   . SER B 1 85  ? -3.787  -15.041 -5.832  1.00 43.19 ? 85   SER B N   1 
ATOM   1345 C CA  . SER B 1 85  ? -3.492  -15.767 -4.603  1.00 43.11 ? 85   SER B CA  1 
ATOM   1346 C C   . SER B 1 85  ? -3.499  -14.901 -3.342  1.00 42.84 ? 85   SER B C   1 
ATOM   1347 O O   . SER B 1 85  ? -3.441  -13.661 -3.434  1.00 42.92 ? 85   SER B O   1 
ATOM   1348 C CB  . SER B 1 85  ? -2.079  -16.239 -4.743  1.00 43.02 ? 85   SER B CB  1 
ATOM   1349 O OG  . SER B 1 85  ? -2.148  -17.586 -5.030  1.00 47.16 ? 85   SER B OG  1 
ATOM   1350 N N   . SER B 1 86  ? -3.497  -15.547 -2.167  1.00 42.20 ? 86   SER B N   1 
ATOM   1351 C CA  . SER B 1 86  ? -3.197  -14.851 -0.905  1.00 41.52 ? 86   SER B CA  1 
ATOM   1352 C C   . SER B 1 86  ? -1.856  -14.157 -1.053  1.00 41.39 ? 86   SER B C   1 
ATOM   1353 O O   . SER B 1 86  ? -0.904  -14.779 -1.518  1.00 41.45 ? 86   SER B O   1 
ATOM   1354 C CB  . SER B 1 86  ? -3.104  -15.821 0.267   1.00 41.25 ? 86   SER B CB  1 
ATOM   1355 O OG  . SER B 1 86  ? -4.365  -16.344 0.603   1.00 41.46 ? 86   SER B OG  1 
ATOM   1356 N N   . GLY B 1 87  ? -1.784  -12.880 -0.671  1.00 41.01 ? 87   GLY B N   1 
ATOM   1357 C CA  . GLY B 1 87  ? -0.549  -12.116 -0.723  1.00 40.50 ? 87   GLY B CA  1 
ATOM   1358 C C   . GLY B 1 87  ? -0.806  -10.804 -1.402  1.00 40.29 ? 87   GLY B C   1 
ATOM   1359 O O   . GLY B 1 87  ? -1.961  -10.415 -1.511  1.00 41.55 ? 87   GLY B O   1 
ATOM   1360 N N   . VAL B 1 88  ? 0.235   -10.114 -1.858  1.00 39.88 ? 88   VAL B N   1 
ATOM   1361 C CA  . VAL B 1 88  ? 0.027   -8.812  -2.489  1.00 39.49 ? 88   VAL B CA  1 
ATOM   1362 C C   . VAL B 1 88  ? 0.389   -8.900  -3.957  1.00 40.48 ? 88   VAL B C   1 
ATOM   1363 O O   . VAL B 1 88  ? 1.416   -9.478  -4.292  1.00 40.77 ? 88   VAL B O   1 
ATOM   1364 C CB  . VAL B 1 88  ? 0.837   -7.674  -1.799  1.00 38.96 ? 88   VAL B CB  1 
ATOM   1365 C CG1 . VAL B 1 88  ? 0.609   -6.347  -2.485  1.00 37.08 ? 88   VAL B CG1 1 
ATOM   1366 C CG2 . VAL B 1 88  ? 0.476   -7.562  -0.348  1.00 37.07 ? 88   VAL B CG2 1 
ATOM   1367 N N   . HIS B 1 89  ? -0.441  -8.317  -4.820  1.00 41.35 ? 89   HIS B N   1 
ATOM   1368 C CA  . HIS B 1 89  ? -0.207  -8.347  -6.253  1.00 42.76 ? 89   HIS B CA  1 
ATOM   1369 C C   . HIS B 1 89  ? -0.471  -7.028  -6.942  1.00 43.51 ? 89   HIS B C   1 
ATOM   1370 O O   . HIS B 1 89  ? -1.261  -6.199  -6.469  1.00 43.63 ? 89   HIS B O   1 
ATOM   1371 C CB  . HIS B 1 89  ? -1.109  -9.376  -6.910  1.00 43.69 ? 89   HIS B CB  1 
ATOM   1372 C CG  . HIS B 1 89  ? -0.965  -10.748 -6.348  1.00 45.65 ? 89   HIS B CG  1 
ATOM   1373 N ND1 . HIS B 1 89  ? 0.007   -11.627 -6.781  1.00 45.99 ? 89   HIS B ND1 1 
ATOM   1374 C CD2 . HIS B 1 89  ? -1.653  -11.384 -5.370  1.00 47.72 ? 89   HIS B CD2 1 
ATOM   1375 C CE1 . HIS B 1 89  ? -0.088  -12.750 -6.095  1.00 48.23 ? 89   HIS B CE1 1 
ATOM   1376 N NE2 . HIS B 1 89  ? -1.089  -12.631 -5.236  1.00 50.41 ? 89   HIS B NE2 1 
ATOM   1377 N N   . THR B 1 90  ? 0.169   -6.853  -8.092  1.00 44.06 ? 90   THR B N   1 
ATOM   1378 C CA  . THR B 1 90  ? -0.083  -5.681  -8.903  1.00 45.09 ? 90   THR B CA  1 
ATOM   1379 C C   . THR B 1 90  ? -0.440  -6.124  -10.293 1.00 45.36 ? 90   THR B C   1 
ATOM   1380 O O   . THR B 1 90  ? 0.323   -6.866  -10.917 1.00 45.73 ? 90   THR B O   1 
ATOM   1381 C CB  . THR B 1 90  ? 1.145   -4.749  -8.945  1.00 45.29 ? 90   THR B CB  1 
ATOM   1382 O OG1 . THR B 1 90  ? 1.426   -4.291  -7.621  1.00 46.29 ? 90   THR B OG1 1 
ATOM   1383 C CG2 . THR B 1 90  ? 0.819   -3.448  -9.703  1.00 44.49 ? 90   THR B CG2 1 
ATOM   1384 N N   . LEU B 1 91  ? -1.603  -5.675  -10.752 1.00 45.26 ? 91   LEU B N   1 
ATOM   1385 C CA  . LEU B 1 91  ? -2.020  -5.880  -12.114 1.00 45.73 ? 91   LEU B CA  1 
ATOM   1386 C C   . LEU B 1 91  ? -1.856  -4.599  -12.915 1.00 46.40 ? 91   LEU B C   1 
ATOM   1387 O O   . LEU B 1 91  ? -2.451  -3.567  -12.613 1.00 46.33 ? 91   LEU B O   1 
ATOM   1388 C CB  . LEU B 1 91  ? -3.461  -6.365  -12.168 1.00 45.74 ? 91   LEU B CB  1 
ATOM   1389 C CG  . LEU B 1 91  ? -4.139  -6.351  -13.540 1.00 45.49 ? 91   LEU B CG  1 
ATOM   1390 C CD1 . LEU B 1 91  ? -3.519  -7.355  -14.468 1.00 45.47 ? 91   LEU B CD1 1 
ATOM   1391 C CD2 . LEU B 1 91  ? -5.583  -6.679  -13.377 1.00 46.83 ? 91   LEU B CD2 1 
ATOM   1392 N N   . ALA B 1 92  ? -1.026  -4.679  -13.944 1.00 47.44 ? 92   ALA B N   1 
ATOM   1393 C CA  . ALA B 1 92  ? -0.786  -3.552  -14.826 1.00 48.37 ? 92   ALA B CA  1 
ATOM   1394 C C   . ALA B 1 92  ? -0.823  -4.040  -16.262 1.00 49.12 ? 92   ALA B C   1 
ATOM   1395 O O   . ALA B 1 92  ? -0.127  -5.007  -16.614 1.00 49.25 ? 92   ALA B O   1 
ATOM   1396 C CB  . ALA B 1 92  ? 0.566   -2.924  -14.515 1.00 48.32 ? 92   ALA B CB  1 
ATOM   1397 N N   . ASP B 1 93  ? -1.652  -3.380  -17.077 1.00 50.05 ? 93   ASP B N   1 
ATOM   1398 C CA  . ASP B 1 93  ? -1.777  -3.683  -18.506 1.00 51.21 ? 93   ASP B CA  1 
ATOM   1399 C C   . ASP B 1 93  ? -1.874  -5.190  -18.727 1.00 51.15 ? 93   ASP B C   1 
ATOM   1400 O O   . ASP B 1 93  ? -1.069  -5.785  -19.438 1.00 51.13 ? 93   ASP B O   1 
ATOM   1401 C CB  . ASP B 1 93  ? -0.606  -3.089  -19.305 1.00 51.68 ? 93   ASP B CB  1 
ATOM   1402 C CG  . ASP B 1 93  ? -0.393  -1.596  -19.031 1.00 54.61 ? 93   ASP B CG  1 
ATOM   1403 O OD1 . ASP B 1 93  ? -1.365  -0.839  -18.744 1.00 57.95 ? 93   ASP B OD1 1 
ATOM   1404 O OD2 . ASP B 1 93  ? 0.736   -1.084  -19.095 1.00 57.30 ? 93   ASP B OD2 1 
ATOM   1405 N N   . GLY B 1 94  ? -2.842  -5.811  -18.072 1.00 51.04 ? 94   GLY B N   1 
ATOM   1406 C CA  . GLY B 1 94  ? -3.028  -7.234  -18.212 1.00 50.99 ? 94   GLY B CA  1 
ATOM   1407 C C   . GLY B 1 94  ? -1.998  -8.203  -17.679 1.00 50.94 ? 94   GLY B C   1 
ATOM   1408 O O   . GLY B 1 94  ? -2.205  -9.389  -17.845 1.00 50.78 ? 94   GLY B O   1 
ATOM   1409 N N   . ARG B 1 95  ? -0.910  -7.764  -17.049 1.00 51.73 ? 95   ARG B N   1 
ATOM   1410 C CA  . ARG B 1 95  ? -0.040  -8.757  -16.374 1.00 53.00 ? 95   ARG B CA  1 
ATOM   1411 C C   . ARG B 1 95  ? 0.184   -8.564  -14.875 1.00 52.24 ? 95   ARG B C   1 
ATOM   1412 O O   . ARG B 1 95  ? 0.249   -7.455  -14.378 1.00 52.51 ? 95   ARG B O   1 
ATOM   1413 C CB  . ARG B 1 95  ? 1.289   -9.029  -17.092 1.00 53.71 ? 95   ARG B CB  1 
ATOM   1414 C CG  . ARG B 1 95  ? 1.686   -8.101  -18.231 1.00 59.64 ? 95   ARG B CG  1 
ATOM   1415 C CD  . ARG B 1 95  ? 3.198   -8.163  -18.597 1.00 69.96 ? 95   ARG B CD  1 
ATOM   1416 N NE  . ARG B 1 95  ? 4.078   -8.232  -17.410 1.00 75.77 ? 95   ARG B NE  1 
ATOM   1417 C CZ  . ARG B 1 95  ? 4.515   -9.369  -16.831 1.00 79.52 ? 95   ARG B CZ  1 
ATOM   1418 N NH1 . ARG B 1 95  ? 4.178   -10.580 -17.314 1.00 80.07 ? 95   ARG B NH1 1 
ATOM   1419 N NH2 . ARG B 1 95  ? 5.294   -9.292  -15.753 1.00 80.64 ? 95   ARG B NH2 1 
ATOM   1420 N N   . ILE B 1 96  ? 0.304   -9.677  -14.171 1.00 52.01 ? 96   ILE B N   1 
ATOM   1421 C CA  . ILE B 1 96  ? 0.295   -9.693  -12.720 1.00 51.99 ? 96   ILE B CA  1 
ATOM   1422 C C   . ILE B 1 96  ? 1.677   -10.057 -12.192 1.00 52.79 ? 96   ILE B C   1 
ATOM   1423 O O   . ILE B 1 96  ? 2.282   -11.060 -12.613 1.00 52.97 ? 96   ILE B O   1 
ATOM   1424 C CB  . ILE B 1 96  ? -0.754  -10.719 -12.181 1.00 51.49 ? 96   ILE B CB  1 
ATOM   1425 C CG1 . ILE B 1 96  ? -2.173  -10.366 -12.625 1.00 51.49 ? 96   ILE B CG1 1 
ATOM   1426 C CG2 . ILE B 1 96  ? -0.725  -10.787 -10.670 1.00 50.81 ? 96   ILE B CG2 1 
ATOM   1427 C CD1 . ILE B 1 96  ? -3.167  -11.519 -12.470 1.00 50.76 ? 96   ILE B CD1 1 
ATOM   1428 N N   . LEU B 1 97  ? 2.172   -9.246  -11.257 1.00 53.28 ? 97   LEU B N   1 
ATOM   1429 C CA  . LEU B 1 97  ? 3.380   -9.588  -10.504 1.00 53.61 ? 97   LEU B CA  1 
ATOM   1430 C C   . LEU B 1 97  ? 3.069   -9.538  -9.028  1.00 53.03 ? 97   LEU B C   1 
ATOM   1431 O O   . LEU B 1 97  ? 2.174   -8.793  -8.624  1.00 53.34 ? 97   LEU B O   1 
ATOM   1432 C CB  . LEU B 1 97  ? 4.507   -8.613  -10.837 1.00 54.31 ? 97   LEU B CB  1 
ATOM   1433 C CG  . LEU B 1 97  ? 4.980   -8.631  -12.299 1.00 55.81 ? 97   LEU B CG  1 
ATOM   1434 C CD1 . LEU B 1 97  ? 5.415   -7.229  -12.788 1.00 55.06 ? 97   LEU B CD1 1 
ATOM   1435 C CD2 . LEU B 1 97  ? 6.087   -9.693  -12.434 1.00 57.36 ? 97   LEU B CD2 1 
ATOM   1436 N N   . SER B 1 98  ? 3.788   -10.322 -8.233  1.00 52.24 ? 98   SER B N   1 
ATOM   1437 C CA  . SER B 1 98  ? 3.621   -10.257 -6.784  1.00 52.21 ? 98   SER B CA  1 
ATOM   1438 C C   . SER B 1 98  ? 4.271   -9.020  -6.201  1.00 50.88 ? 98   SER B C   1 
ATOM   1439 O O   . SER B 1 98  ? 5.192   -8.464  -6.786  1.00 50.86 ? 98   SER B O   1 
ATOM   1440 C CB  . SER B 1 98  ? 4.165   -11.505 -6.080  1.00 53.05 ? 98   SER B CB  1 
ATOM   1441 O OG  . SER B 1 98  ? 5.065   -12.212 -6.909  1.00 55.96 ? 98   SER B OG  1 
ATOM   1442 N N   . GLY B 1 99  ? 3.787   -8.594  -5.046  1.00 49.60 ? 99   GLY B N   1 
ATOM   1443 C CA  . GLY B 1 99  ? 4.230   -7.340  -4.478  1.00 48.86 ? 99   GLY B CA  1 
ATOM   1444 C C   . GLY B 1 99  ? 3.556   -6.068  -5.001  1.00 48.02 ? 99   GLY B C   1 
ATOM   1445 O O   . GLY B 1 99  ? 2.689   -6.093  -5.868  1.00 47.56 ? 99   GLY B O   1 
ATOM   1446 N N   . THR B 1 100 ? 3.986   -4.947  -4.437  1.00 47.64 ? 100  THR B N   1 
ATOM   1447 C CA  . THR B 1 100 ? 3.448   -3.627  -4.709  1.00 47.21 ? 100  THR B CA  1 
ATOM   1448 C C   . THR B 1 100 ? 4.009   -3.150  -6.043  1.00 47.73 ? 100  THR B C   1 
ATOM   1449 O O   . THR B 1 100 ? 4.897   -3.805  -6.590  1.00 47.80 ? 100  THR B O   1 
ATOM   1450 C CB  . THR B 1 100 ? 3.848   -2.695  -3.555  1.00 47.17 ? 100  THR B CB  1 
ATOM   1451 O OG1 . THR B 1 100 ? 5.225   -2.917  -3.222  1.00 46.59 ? 100  THR B OG1 1 
ATOM   1452 C CG2 . THR B 1 100 ? 3.116   -3.077  -2.268  1.00 45.34 ? 100  THR B CG2 1 
ATOM   1453 N N   . PRO B 1 101 ? 3.497   -2.052  -6.594  1.00 48.33 ? 101  PRO B N   1 
ATOM   1454 C CA  . PRO B 1 101 ? 3.952   -1.585  -7.909  1.00 49.62 ? 101  PRO B CA  1 
ATOM   1455 C C   . PRO B 1 101 ? 5.461   -1.346  -7.992  1.00 50.98 ? 101  PRO B C   1 
ATOM   1456 O O   . PRO B 1 101 ? 6.125   -1.035  -7.001  1.00 51.26 ? 101  PRO B O   1 
ATOM   1457 C CB  . PRO B 1 101 ? 3.196   -0.278  -8.102  1.00 49.40 ? 101  PRO B CB  1 
ATOM   1458 C CG  . PRO B 1 101 ? 2.014   -0.438  -7.281  1.00 49.17 ? 101  PRO B CG  1 
ATOM   1459 C CD  . PRO B 1 101 ? 2.449   -1.185  -6.051  1.00 48.25 ? 101  PRO B CD  1 
ATOM   1460 N N   . LYS B 1 102 ? 5.993   -1.524  -9.193  1.00 52.64 ? 102  LYS B N   1 
ATOM   1461 C CA  . LYS B 1 102 ? 7.414   -1.405  -9.436  1.00 54.32 ? 102  LYS B CA  1 
ATOM   1462 C C   . LYS B 1 102 ? 7.785   -0.041  -10.022 1.00 55.09 ? 102  LYS B C   1 
ATOM   1463 O O   . LYS B 1 102 ? 6.995   0.653   -10.695 1.00 56.09 ? 102  LYS B O   1 
ATOM   1464 C CB  . LYS B 1 102 ? 7.896   -2.549  -10.310 1.00 54.11 ? 102  LYS B CB  1 
ATOM   1465 C CG  . LYS B 1 102 ? 8.395   -3.707  -9.463  1.00 56.67 ? 102  LYS B CG  1 
ATOM   1466 C CD  . LYS B 1 102 ? 7.756   -5.026  -9.919  1.00 60.86 ? 102  LYS B CD  1 
ATOM   1467 C CE  . LYS B 1 102 ? 8.012   -6.163  -8.928  1.00 62.16 ? 102  LYS B CE  1 
ATOM   1468 N NZ  . LYS B 1 102 ? 9.318   -6.816  -9.222  1.00 64.93 ? 102  LYS B NZ  1 
ATOM   1469 O OXT . LYS B 1 102 ? 8.901   0.432   -9.806  1.00 55.48 ? 102  LYS B OXT 1 
HETATM 1470 C C1  . GLC C 2 .   ? 20.285  16.103  -9.139  1.00 44.43 ? 1    GLC C C1  1 
HETATM 1471 C C2  . GLC C 2 .   ? 21.077  16.740  -8.014  1.00 42.55 ? 1    GLC C C2  1 
HETATM 1472 C C3  . GLC C 2 .   ? 20.228  16.989  -6.792  1.00 41.57 ? 1    GLC C C3  1 
HETATM 1473 C C4  . GLC C 2 .   ? 18.985  17.775  -7.148  1.00 41.18 ? 1    GLC C C4  1 
HETATM 1474 C C5  . GLC C 2 .   ? 18.295  16.853  -8.137  1.00 42.21 ? 1    GLC C C5  1 
HETATM 1475 C C6  . GLC C 2 .   ? 16.845  17.211  -8.444  1.00 44.30 ? 1    GLC C C6  1 
HETATM 1476 O O1  . GLC C 2 .   ? 20.055  14.756  -8.789  1.00 47.70 ? 1    GLC C O1  1 
HETATM 1477 O O2  . GLC C 2 .   ? 22.083  15.874  -7.614  1.00 43.13 ? 1    GLC C O2  1 
HETATM 1478 O O3  . GLC C 2 .   ? 21.007  17.673  -5.836  1.00 42.63 ? 1    GLC C O3  1 
HETATM 1479 O O4  . GLC C 2 .   ? 18.225  17.819  -5.976  1.00 40.64 ? 1    GLC C O4  1 
HETATM 1480 O O5  . GLC C 2 .   ? 19.065  16.809  -9.317  1.00 43.84 ? 1    GLC C O5  1 
HETATM 1481 O O6  . GLC C 2 .   ? 16.737  17.641  -9.772  1.00 46.25 ? 1    GLC C O6  1 
HETATM 1482 C C1  . GLC C 2 .   ? 18.035  19.072  -5.318  1.00 38.26 ? 2    GLC C C1  1 
HETATM 1483 C C2  . GLC C 2 .   ? 18.436  18.941  -3.839  1.00 38.88 ? 2    GLC C C2  1 
HETATM 1484 C C3  . GLC C 2 .   ? 17.599  17.848  -3.158  1.00 39.66 ? 2    GLC C C3  1 
HETATM 1485 C C4  . GLC C 2 .   ? 16.098  18.093  -3.325  1.00 39.61 ? 2    GLC C C4  1 
HETATM 1486 C C5  . GLC C 2 .   ? 15.774  18.467  -4.793  1.00 37.46 ? 2    GLC C C5  1 
HETATM 1487 C C6  . GLC C 2 .   ? 14.398  19.079  -4.920  1.00 36.99 ? 2    GLC C C6  1 
HETATM 1488 O O2  . GLC C 2 .   ? 19.815  18.660  -3.670  1.00 39.68 ? 2    GLC C O2  1 
HETATM 1489 O O3  . GLC C 2 .   ? 17.931  17.651  -1.792  1.00 40.09 ? 2    GLC C O3  1 
HETATM 1490 O O4  . GLC C 2 .   ? 15.480  16.870  -2.934  1.00 40.43 ? 2    GLC C O4  1 
HETATM 1491 O O5  . GLC C 2 .   ? 16.668  19.403  -5.383  1.00 37.40 ? 2    GLC C O5  1 
HETATM 1492 O O6  . GLC C 2 .   ? 14.092  19.089  -6.284  1.00 35.62 ? 2    GLC C O6  1 
HETATM 1493 C C1  . GLC C 2 .   ? 14.335  17.005  -2.079  1.00 39.46 ? 3    GLC C C1  1 
HETATM 1494 C C2  . GLC C 2 .   ? 14.571  16.254  -0.781  1.00 39.95 ? 3    GLC C C2  1 
HETATM 1495 C C3  . GLC C 2 .   ? 14.855  14.788  -1.063  1.00 40.71 ? 3    GLC C C3  1 
HETATM 1496 C C4  . GLC C 2 .   ? 13.747  14.171  -1.911  1.00 40.88 ? 3    GLC C C4  1 
HETATM 1497 C C5  . GLC C 2 .   ? 13.395  15.092  -3.074  1.00 39.35 ? 3    GLC C C5  1 
HETATM 1498 C C6  . GLC C 2 .   ? 12.122  14.593  -3.744  1.00 41.61 ? 3    GLC C C6  1 
HETATM 1499 O O2  . GLC C 2 .   ? 15.716  16.771  -0.185  1.00 40.24 ? 3    GLC C O2  1 
HETATM 1500 O O3  . GLC C 2 .   ? 15.041  14.081  0.148   1.00 38.21 ? 3    GLC C O3  1 
HETATM 1501 O O4  . GLC C 2 .   ? 14.265  12.965  -2.450  1.00 43.49 ? 3    GLC C O4  1 
HETATM 1502 O O5  . GLC C 2 .   ? 13.211  16.427  -2.668  1.00 38.06 ? 3    GLC C O5  1 
HETATM 1503 O O6  . GLC C 2 .   ? 11.676  15.427  -4.796  1.00 41.83 ? 3    GLC C O6  1 
HETATM 1504 C C1  . GLC C 2 .   ? 13.530  11.785  -2.035  1.00 42.43 ? 4    GLC C C1  1 
HETATM 1505 C C2  . GLC C 2 .   ? 14.529  10.790  -1.494  1.00 41.36 ? 4    GLC C C2  1 
HETATM 1506 C C3  . GLC C 2 .   ? 15.389  10.331  -2.658  1.00 43.51 ? 4    GLC C C3  1 
HETATM 1507 C C4  . GLC C 2 .   ? 14.556  9.664   -3.740  1.00 46.20 ? 4    GLC C C4  1 
HETATM 1508 C C5  . GLC C 2 .   ? 13.464  10.639  -4.146  1.00 42.91 ? 4    GLC C C5  1 
HETATM 1509 C C6  . GLC C 2 .   ? 12.397  10.014  -5.009  1.00 42.41 ? 4    GLC C C6  1 
HETATM 1510 O O2  . GLC C 2 .   ? 15.308  11.493  -0.570  1.00 40.44 ? 4    GLC C O2  1 
HETATM 1511 O O3  . GLC C 2 .   ? 16.488  9.547   -2.231  1.00 42.19 ? 4    GLC C O3  1 
HETATM 1512 O O4  . GLC C 2 .   ? 15.418  9.558   -4.838  1.00 57.09 ? 4    GLC C O4  1 
HETATM 1513 O O5  . GLC C 2 .   ? 12.754  11.183  -3.060  1.00 41.59 ? 4    GLC C O5  1 
HETATM 1514 O O6  . GLC C 2 .   ? 11.405  11.003  -5.159  1.00 41.93 ? 4    GLC C O6  1 
HETATM 1515 C C1  . GLC C 2 .   ? 15.546  8.256   -5.475  1.00 68.50 ? 5    GLC C C1  1 
HETATM 1516 C C2  . GLC C 2 .   ? 16.978  7.673   -5.318  1.00 72.84 ? 5    GLC C C2  1 
HETATM 1517 C C3  . GLC C 2 .   ? 17.985  8.696   -5.897  1.00 75.94 ? 5    GLC C C3  1 
HETATM 1518 C C4  . GLC C 2 .   ? 17.760  8.708   -7.431  1.00 77.17 ? 5    GLC C C4  1 
HETATM 1519 C C5  . GLC C 2 .   ? 16.268  9.060   -7.714  1.00 77.35 ? 5    GLC C C5  1 
HETATM 1520 C C6  . GLC C 2 .   ? 15.979  8.945   -9.219  1.00 78.24 ? 5    GLC C C6  1 
HETATM 1521 O O2  . GLC C 2 .   ? 17.335  7.204   -4.026  1.00 72.69 ? 5    GLC C O2  1 
HETATM 1522 O O3  . GLC C 2 .   ? 19.309  8.399   -5.485  1.00 77.38 ? 5    GLC C O3  1 
HETATM 1523 O O4  . GLC C 2 .   ? 18.647  9.559   -8.152  1.00 77.33 ? 5    GLC C O4  1 
HETATM 1524 O O5  . GLC C 2 .   ? 15.277  8.340   -6.893  1.00 74.00 ? 5    GLC C O5  1 
HETATM 1525 O O6  . GLC C 2 .   ? 14.572  8.927   -9.360  1.00 81.27 ? 5    GLC C O6  1 
HETATM 1526 S S   . SO4 D 3 .   ? 4.614   -6.480  -0.138  1.00 57.70 ? 1106 SO4 A S   1 
HETATM 1527 O O1  . SO4 D 3 .   ? 3.380   -5.872  0.408   1.00 58.01 ? 1106 SO4 A O1  1 
HETATM 1528 O O2  . SO4 D 3 .   ? 4.421   -7.816  -0.768  1.00 55.36 ? 1106 SO4 A O2  1 
HETATM 1529 O O3  . SO4 D 3 .   ? 5.307   -5.523  -1.065  1.00 57.12 ? 1106 SO4 A O3  1 
HETATM 1530 O O4  . SO4 D 3 .   ? 5.430   -6.688  1.067   1.00 59.93 ? 1106 SO4 A O4  1 
HETATM 1531 O O   . HOH E 4 .   ? 2.044   -7.560  11.302  1.00 55.65 ? 2001 HOH A O   1 
HETATM 1532 O O   . HOH E 4 .   ? -2.346  -2.867  8.681   1.00 45.93 ? 2002 HOH A O   1 
HETATM 1533 O O   . HOH E 4 .   ? -0.184  -4.150  11.758  1.00 47.94 ? 2003 HOH A O   1 
HETATM 1534 O O   . HOH E 4 .   ? 12.355  16.274  23.713  1.00 60.21 ? 2004 HOH A O   1 
HETATM 1535 O O   . HOH E 4 .   ? 10.749  16.779  11.913  1.00 33.41 ? 2005 HOH A O   1 
HETATM 1536 O O   . HOH E 4 .   ? 9.701   19.564  13.281  1.00 46.70 ? 2006 HOH A O   1 
HETATM 1537 O O   . HOH E 4 .   ? 1.695   25.117  10.031  1.00 47.62 ? 2007 HOH A O   1 
HETATM 1538 O O   . HOH E 4 .   ? 4.058   23.175  9.855   1.00 21.47 ? 2008 HOH A O   1 
HETATM 1539 O O   . HOH E 4 .   ? 0.372   14.494  8.065   1.00 43.02 ? 2009 HOH A O   1 
HETATM 1540 O O   . HOH E 4 .   ? 7.058   15.464  25.217  1.00 56.20 ? 2010 HOH A O   1 
HETATM 1541 O O   . HOH E 4 .   ? 10.786  17.286  17.301  1.00 67.37 ? 2011 HOH A O   1 
HETATM 1542 O O   . HOH E 4 .   ? 0.308   3.043   3.166   1.00 46.81 ? 2012 HOH A O   1 
HETATM 1543 O O   . HOH E 4 .   ? 13.399  0.273   -1.301  1.00 30.22 ? 2013 HOH A O   1 
HETATM 1544 O O   . HOH E 4 .   ? -2.112  5.331   11.986  1.00 39.70 ? 2014 HOH A O   1 
HETATM 1545 O O   . HOH E 4 .   ? 10.467  -9.410  0.646   1.00 44.29 ? 2015 HOH A O   1 
HETATM 1546 O O   . HOH E 4 .   ? 7.230   0.755   -3.178  1.00 28.88 ? 2016 HOH A O   1 
HETATM 1547 O O   . HOH E 4 .   ? 4.207   6.863   -7.517  1.00 51.50 ? 2017 HOH A O   1 
HETATM 1548 O O   . HOH E 4 .   ? 9.755   5.404   -8.758  1.00 50.81 ? 2018 HOH A O   1 
HETATM 1549 O O   . HOH E 4 .   ? 7.406   6.434   -8.717  1.00 45.03 ? 2019 HOH A O   1 
HETATM 1550 O O   . HOH E 4 .   ? 5.744   11.539  -7.198  1.00 49.85 ? 2020 HOH A O   1 
HETATM 1551 O O   . HOH E 4 .   ? -0.108  12.637  -0.810  1.00 32.73 ? 2021 HOH A O   1 
HETATM 1552 O O   . HOH E 4 .   ? -2.178  8.040   5.617   1.00 42.88 ? 2022 HOH A O   1 
HETATM 1553 O O   . HOH E 4 .   ? -1.018  14.721  11.859  1.00 49.10 ? 2023 HOH A O   1 
HETATM 1554 O O   . HOH E 4 .   ? -4.491  12.976  12.632  1.00 59.39 ? 2024 HOH A O   1 
HETATM 1555 O O   . HOH E 4 .   ? 17.253  8.536   19.473  1.00 59.10 ? 2025 HOH A O   1 
HETATM 1556 O O   . HOH E 4 .   ? -2.251  9.646   24.301  1.00 54.36 ? 2026 HOH A O   1 
HETATM 1557 O O   . HOH E 4 .   ? 0.746   3.026   22.078  1.00 32.05 ? 2027 HOH A O   1 
HETATM 1558 O O   . HOH E 4 .   ? 11.278  -3.307  20.979  1.00 43.92 ? 2028 HOH A O   1 
HETATM 1559 O O   . HOH E 4 .   ? 11.151  11.137  31.186  1.00 50.93 ? 2029 HOH A O   1 
HETATM 1560 O O   . HOH E 4 .   ? 3.511   11.661  25.602  1.00 22.71 ? 2030 HOH A O   1 
HETATM 1561 O O   . HOH E 4 .   ? 8.276   15.012  22.534  1.00 43.16 ? 2031 HOH A O   1 
HETATM 1562 O O   . HOH E 4 .   ? 3.014   14.023  27.461  1.00 39.39 ? 2032 HOH A O   1 
HETATM 1563 O O   . HOH E 4 .   ? 5.857   17.870  22.680  1.00 45.71 ? 2033 HOH A O   1 
HETATM 1564 O O   . HOH E 4 .   ? 1.816   15.308  18.857  1.00 49.48 ? 2034 HOH A O   1 
HETATM 1565 O O   . HOH E 4 .   ? 7.705   17.123  18.490  1.00 52.12 ? 2035 HOH A O   1 
HETATM 1566 O O   . HOH E 4 .   ? 10.312  11.962  22.827  1.00 42.66 ? 2036 HOH A O   1 
HETATM 1567 O O   . HOH E 4 .   ? -1.588  2.183   16.744  1.00 47.66 ? 2037 HOH A O   1 
HETATM 1568 O O   . HOH E 4 .   ? -1.160  4.497   9.280   1.00 37.78 ? 2038 HOH A O   1 
HETATM 1569 O O   . HOH E 4 .   ? -0.486  3.375   12.403  1.00 39.61 ? 2039 HOH A O   1 
HETATM 1570 O O   . HOH E 4 .   ? -2.154  -2.444  1.645   1.00 44.59 ? 2040 HOH A O   1 
HETATM 1571 O O   . HOH E 4 .   ? 0.380   0.067   3.085   1.00 50.13 ? 2041 HOH A O   1 
HETATM 1572 O O   . HOH E 4 .   ? 2.756   -12.050 -3.092  1.00 50.30 ? 2042 HOH A O   1 
HETATM 1573 O O   . HOH E 4 .   ? 11.639  -13.386 5.632   1.00 60.36 ? 2043 HOH A O   1 
HETATM 1574 O O   . HOH E 4 .   ? 3.571   -11.816 4.757   1.00 46.78 ? 2044 HOH A O   1 
HETATM 1575 O O   . HOH E 4 .   ? 15.457  4.266   -6.765  1.00 33.39 ? 2045 HOH A O   1 
HETATM 1576 O O   . HOH E 4 .   ? 3.857   20.604  7.668   1.00 31.48 ? 2046 HOH A O   1 
HETATM 1577 O O   . HOH E 4 .   ? -0.262  18.712  2.879   1.00 47.80 ? 2047 HOH A O   1 
HETATM 1578 O O   . HOH E 4 .   ? 12.022  22.264  9.681   1.00 40.61 ? 2048 HOH A O   1 
HETATM 1579 O O   . HOH E 4 .   ? 14.673  25.835  6.249   1.00 37.12 ? 2049 HOH A O   1 
HETATM 1580 O O   . HOH E 4 .   ? 14.168  18.878  9.072   1.00 4.02  ? 2050 HOH A O   1 
HETATM 1581 O O   . HOH E 4 .   ? 10.243  18.363  -3.342  1.00 29.18 ? 2051 HOH A O   1 
HETATM 1582 O O   . HOH E 4 .   ? 14.263  12.842  12.781  1.00 41.60 ? 2052 HOH A O   1 
HETATM 1583 O O   . HOH E 4 .   ? 18.404  15.626  7.291   1.00 20.63 ? 2053 HOH A O   1 
HETATM 1584 O O   . HOH E 4 .   ? 18.670  4.064   8.138   1.00 31.34 ? 2054 HOH A O   1 
HETATM 1585 O O   . HOH E 4 .   ? 15.132  -1.171  10.706  1.00 48.68 ? 2055 HOH A O   1 
HETATM 1586 O O   . HOH E 4 .   ? 16.764  15.508  12.589  1.00 43.64 ? 2056 HOH A O   1 
HETATM 1587 O O   . HOH E 4 .   ? 19.422  5.935   11.213  1.00 40.63 ? 2057 HOH A O   1 
HETATM 1588 O O   . HOH E 4 .   ? 20.275  4.218   16.444  1.00 47.15 ? 2058 HOH A O   1 
HETATM 1589 O O   . HOH E 4 .   ? 14.319  6.810   18.582  1.00 39.58 ? 2059 HOH A O   1 
HETATM 1590 O O   . HOH E 4 .   ? 9.535   9.198   28.550  1.00 33.54 ? 2060 HOH A O   1 
HETATM 1591 O O   . HOH E 4 .   ? 13.233  -1.317  22.118  1.00 50.18 ? 2061 HOH A O   1 
HETATM 1592 O O   . HOH E 4 .   ? 17.764  13.313  -10.303 1.00 34.43 ? 2062 HOH A O   1 
HETATM 1593 O O   . HOH E 4 .   ? 23.871  15.606  -9.770  1.00 51.82 ? 2063 HOH A O   1 
HETATM 1594 O O   . HOH E 4 .   ? 20.128  12.008  -10.280 1.00 45.35 ? 2064 HOH A O   1 
HETATM 1595 O O   . HOH E 4 .   ? 17.469  13.836  -4.972  1.00 31.41 ? 2065 HOH A O   1 
HETATM 1596 O O   . HOH E 4 .   ? 11.065  19.338  -8.666  1.00 45.38 ? 2066 HOH A O   1 
HETATM 1597 O O   . HOH E 4 .   ? 16.326  19.125  1.359   1.00 32.75 ? 2067 HOH A O   1 
HETATM 1598 O O   . HOH E 4 .   ? 10.060  9.463   -7.457  1.00 53.94 ? 2068 HOH A O   1 
HETATM 1599 O O   . HOH F 4 .   ? -2.019  -9.684  1.754   1.00 49.13 ? 2001 HOH B O   1 
HETATM 1600 O O   . HOH F 4 .   ? -7.698  -12.201 7.537   1.00 60.34 ? 2002 HOH B O   1 
HETATM 1601 O O   . HOH F 4 .   ? 0.570   -3.533  0.487   1.00 47.18 ? 2003 HOH B O   1 
HETATM 1602 O O   . HOH F 4 .   ? 1.973   4.846   -17.948 1.00 48.72 ? 2004 HOH B O   1 
HETATM 1603 O O   . HOH F 4 .   ? -8.124  3.471   -17.815 1.00 36.96 ? 2005 HOH B O   1 
HETATM 1604 O O   . HOH F 4 .   ? -14.439 6.350   -16.092 1.00 21.39 ? 2006 HOH B O   1 
HETATM 1605 O O   . HOH F 4 .   ? -14.041 2.764   -7.295  1.00 47.03 ? 2007 HOH B O   1 
HETATM 1606 O O   . HOH F 4 .   ? -20.438 0.204   -5.755  1.00 49.69 ? 2008 HOH B O   1 
HETATM 1607 O O   . HOH F 4 .   ? -14.397 -7.322  0.260   1.00 39.07 ? 2009 HOH B O   1 
HETATM 1608 O O   . HOH F 4 .   ? -16.265 -19.609 -0.922  1.00 51.53 ? 2010 HOH B O   1 
HETATM 1609 O O   . HOH F 4 .   ? -13.046 -14.276 4.982   1.00 41.19 ? 2011 HOH B O   1 
HETATM 1610 O O   . HOH F 4 .   ? -8.933  -21.601 -2.811  1.00 34.78 ? 2012 HOH B O   1 
HETATM 1611 O O   . HOH F 4 .   ? -18.054 -23.501 -3.089  1.00 47.65 ? 2013 HOH B O   1 
HETATM 1612 O O   . HOH F 4 .   ? -12.434 -19.164 -6.993  1.00 44.86 ? 2014 HOH B O   1 
HETATM 1613 O O   . HOH F 4 .   ? -22.500 -17.028 -7.948  1.00 24.23 ? 2015 HOH B O   1 
HETATM 1614 O O   . HOH F 4 .   ? -22.361 -3.806  -13.889 1.00 11.62 ? 2016 HOH B O   1 
HETATM 1615 O O   . HOH F 4 .   ? 1.123   -16.303 -6.471  1.00 55.77 ? 2017 HOH B O   1 
HETATM 1616 O O   . HOH F 4 .   ? -4.174  6.713   -9.077  1.00 48.00 ? 2018 HOH B O   1 
HETATM 1617 O O   . HOH F 4 .   ? -5.458  4.113   1.592   1.00 51.65 ? 2019 HOH B O   1 
HETATM 1618 O O   . HOH F 4 .   ? 1.634   8.743   -2.226  1.00 39.93 ? 2020 HOH B O   1 
HETATM 1619 O O   . HOH F 4 .   ? 2.931   0.828   -0.281  1.00 34.75 ? 2021 HOH B O   1 
HETATM 1620 O O   . HOH F 4 .   ? -1.190  8.679   -13.784 1.00 55.56 ? 2022 HOH B O   1 
HETATM 1621 O O   . HOH F 4 .   ? -2.972  4.552   -14.347 1.00 52.36 ? 2023 HOH B O   1 
HETATM 1622 O O   . HOH F 4 .   ? 3.726   -2.552  -11.388 1.00 55.93 ? 2024 HOH B O   1 
HETATM 1623 O O   . HOH F 4 .   ? -9.444  -2.756  0.841   1.00 50.39 ? 2025 HOH B O   1 
HETATM 1624 O O   . HOH F 4 .   ? -5.691  -2.156  0.125   1.00 34.92 ? 2026 HOH B O   1 
HETATM 1625 O O   . HOH F 4 .   ? -13.298 -8.648  2.282   1.00 18.69 ? 2027 HOH B O   1 
HETATM 1626 O O   . HOH F 4 .   ? -13.763 -11.800 1.948   1.00 31.78 ? 2028 HOH B O   1 
HETATM 1627 O O   . HOH F 4 .   ? -13.107 -20.956 5.711   1.00 41.24 ? 2029 HOH B O   1 
HETATM 1628 O O   . HOH F 4 .   ? -12.560 -20.967 8.645   1.00 43.06 ? 2030 HOH B O   1 
HETATM 1629 O O   . HOH F 4 .   ? -11.710 -17.071 4.023   1.00 22.86 ? 2031 HOH B O   1 
HETATM 1630 O O   . HOH F 4 .   ? -1.965  -22.520 3.055   1.00 51.27 ? 2032 HOH B O   1 
HETATM 1631 O O   . HOH F 4 .   ? -3.008  -17.638 -8.520  1.00 43.57 ? 2033 HOH B O   1 
HETATM 1632 O O   . HOH F 4 .   ? -18.443 4.406   -19.536 1.00 44.33 ? 2034 HOH B O   1 
HETATM 1633 O O   . HOH F 4 .   ? -20.239 3.697   -9.595  1.00 38.05 ? 2035 HOH B O   1 
HETATM 1634 O O   . HOH F 4 .   ? -20.384 -2.414  -14.503 1.00 24.62 ? 2036 HOH B O   1 
HETATM 1635 O O   . HOH F 4 .   ? -21.604 -4.639  -17.503 1.00 44.53 ? 2037 HOH B O   1 
HETATM 1636 O O   . HOH F 4 .   ? -4.561  -16.132 -18.130 1.00 41.95 ? 2038 HOH B O   1 
HETATM 1637 O O   . HOH F 4 .   ? -9.442  -7.709  -21.551 1.00 27.62 ? 2039 HOH B O   1 
HETATM 1638 O O   . HOH F 4 .   ? -1.524  -14.869 -8.382  1.00 32.54 ? 2040 HOH B O   1 
HETATM 1639 O O   . HOH F 4 .   ? -2.345  -15.111 -12.315 1.00 45.31 ? 2041 HOH B O   1 
HETATM 1640 O O   . HOH F 4 .   ? -4.470  -14.540 -14.420 1.00 33.42 ? 2042 HOH B O   1 
HETATM 1641 O O   . HOH F 4 .   ? -5.233  -3.852  -20.279 1.00 48.50 ? 2043 HOH B O   1 
HETATM 1642 O O   . HOH F 4 .   ? -0.685  -12.146 -15.921 1.00 45.27 ? 2044 HOH B O   1 
HETATM 1643 O O   . HOH F 4 .   ? 6.296   -10.788 -4.214  1.00 46.40 ? 2045 HOH B O   1 
HETATM 1644 O O   . HOH F 4 .   ? 7.329   -6.387  -5.891  1.00 55.70 ? 2046 HOH B O   1 
HETATM 1645 O O   . HOH F 4 .   ? 4.861   -5.827  -8.390  1.00 45.69 ? 2047 HOH B O   1 
# 
